data_9IJU
#
_entry.id   9IJU
#
_cell.length_a   100.640
_cell.length_b   84.860
_cell.length_c   106.780
_cell.angle_alpha   90.00
_cell.angle_beta   90.21
_cell.angle_gamma   90.00
#
_symmetry.space_group_name_H-M   'P 1 21 1'
#
loop_
_entity.id
_entity.type
_entity.pdbx_description
1 polymer 'Ubiquitin carboxyl-terminal hydrolase 7'
2 polymer Ubiquitin
3 non-polymer (1S,4S)-4-(3,4-dichlorophenyl)-N-methyl-1,2,3,4-tetrahydronaphthalen-1-amine
4 water water
#
loop_
_entity_poly.entity_id
_entity_poly.type
_entity_poly.pdbx_seq_one_letter_code
_entity_poly.pdbx_strand_id
1 'polypeptide(L)'
;KKHTGYVGLKNQGATCYMNSLLQTLFFTNQLRKAVYMMPTEGDDSSKSVPLALQRVFYELQHSDKPVGTKKLTKSFGWET
LDSFMQHDVQELCRVLLDNVENKMKGTCVEGTIPKLFRGKMVSYIQCKEVDYRSDRREDYYDIQLSIKGKKNIFESFVDY
VAVEQLDGDNKYDAGEHGLQEAEKGVKFLTLPPVLHLQLMRFMYDPQTDQNIKINDRFEFPEQLPLDEFLQKTDPKDPAN
YILHAVLVHSGDNHGGHYVVYLNPKGDGKWCKFDDDVVSRCTKEEAIEHNYGGHDDDLSVRHCTNAYMLVYIRESKLSEV
LQAVTDHDIPQQLVERLQEEKRIEAQKRKERQE
;
A,C,E,G
2 'polypeptide(L)' MQIFVKTLTGKTITLEVEPSDTIENVKAKIQDKEGIPPDQQRLIFAGKQLEDGRTLSDYNIQKESTLHLVLRLRG B,D,F,H
#
# COMPACT_ATOMS: atom_id res chain seq x y z
N HIS A 3 12.55 -45.60 20.02
CA HIS A 3 11.30 -45.56 20.83
C HIS A 3 10.59 -44.23 20.63
N THR A 4 11.36 -43.13 20.60
CA THR A 4 10.72 -41.81 20.51
C THR A 4 10.89 -41.17 19.13
N GLY A 5 12.00 -41.50 18.45
CA GLY A 5 12.35 -40.85 17.18
C GLY A 5 13.40 -39.79 17.41
N TYR A 6 13.65 -39.43 18.67
CA TYR A 6 14.58 -38.38 19.06
C TYR A 6 15.61 -38.96 20.01
N VAL A 7 16.81 -38.40 19.92
CA VAL A 7 17.90 -38.89 20.79
C VAL A 7 18.16 -37.90 21.91
N GLY A 8 18.67 -38.41 23.01
CA GLY A 8 19.01 -37.62 24.16
C GLY A 8 20.44 -37.13 24.08
N LEU A 9 20.86 -36.48 25.15
CA LEU A 9 22.21 -35.89 25.22
C LEU A 9 22.87 -36.34 26.52
N LYS A 10 24.14 -36.69 26.47
CA LYS A 10 24.83 -37.22 27.64
C LYS A 10 24.99 -36.13 28.68
N ASN A 11 24.82 -36.51 29.93
CA ASN A 11 25.11 -35.63 31.06
C ASN A 11 26.60 -35.77 31.38
N GLN A 12 27.36 -34.71 31.11
CA GLN A 12 28.81 -34.75 31.44
C GLN A 12 28.96 -34.86 32.95
N GLY A 13 27.99 -34.34 33.72
CA GLY A 13 28.00 -34.44 35.20
C GLY A 13 27.01 -33.50 35.82
N ALA A 14 27.01 -32.23 35.39
CA ALA A 14 26.06 -31.23 35.86
C ALA A 14 25.48 -30.43 34.70
N THR A 15 25.63 -30.94 33.48
CA THR A 15 25.25 -30.21 32.25
C THR A 15 23.79 -30.40 31.87
N CYS A 16 22.92 -30.70 32.84
CA CYS A 16 21.46 -30.83 32.55
C CYS A 16 20.95 -29.53 31.93
N TYR A 17 21.38 -28.38 32.46
CA TYR A 17 20.97 -27.06 31.94
C TYR A 17 21.27 -26.98 30.44
N MET A 18 22.50 -27.32 30.04
CA MET A 18 22.91 -27.17 28.63
C MET A 18 22.07 -28.12 27.78
N ASN A 19 22.00 -29.38 28.17
CA ASN A 19 21.26 -30.38 27.37
C ASN A 19 19.82 -29.90 27.16
N SER A 20 19.17 -29.38 28.21
CA SER A 20 17.77 -28.96 28.06
C SER A 20 17.68 -27.73 27.18
N LEU A 21 18.63 -26.80 27.34
CA LEU A 21 18.68 -25.68 26.41
C LEU A 21 18.98 -26.18 25.01
N LEU A 22 19.92 -27.10 24.87
CA LEU A 22 20.34 -27.53 23.51
C LEU A 22 19.17 -28.18 22.80
N GLN A 23 18.47 -29.13 23.43
CA GLN A 23 17.27 -29.69 22.79
C GLN A 23 16.30 -28.59 22.41
N THR A 24 16.11 -27.61 23.30
CA THR A 24 15.21 -26.50 23.04
C THR A 24 15.60 -25.76 21.76
N LEU A 25 16.88 -25.38 21.66
CA LEU A 25 17.34 -24.71 20.45
C LEU A 25 17.39 -25.66 19.26
N PHE A 26 17.77 -26.91 19.50
CA PHE A 26 17.82 -27.88 18.42
C PHE A 26 16.47 -27.95 17.71
N PHE A 27 15.39 -28.09 18.47
CA PHE A 27 14.09 -28.15 17.79
C PHE A 27 13.51 -26.78 17.44
N THR A 28 14.25 -25.69 17.65
CA THR A 28 13.91 -24.46 16.95
C THR A 28 14.51 -24.65 15.56
N ASN A 29 13.73 -25.28 14.67
CA ASN A 29 14.28 -25.79 13.41
C ASN A 29 14.95 -24.68 12.60
N GLN A 30 14.25 -23.56 12.44
CA GLN A 30 14.79 -22.46 11.66
C GLN A 30 16.15 -21.99 12.21
N LEU A 31 16.35 -22.05 13.52
CA LEU A 31 17.65 -21.70 14.08
C LEU A 31 18.70 -22.73 13.70
N ARG A 32 18.35 -24.01 13.81
CA ARG A 32 19.30 -25.09 13.51
C ARG A 32 19.70 -25.04 12.05
N LYS A 33 18.72 -24.82 11.16
CA LYS A 33 19.01 -24.58 9.74
C LYS A 33 20.06 -23.49 9.58
N ALA A 34 19.93 -22.40 10.33
CA ALA A 34 20.89 -21.31 10.16
C ALA A 34 22.24 -21.63 10.79
N VAL A 35 22.27 -22.39 11.88
CA VAL A 35 23.55 -22.75 12.48
C VAL A 35 24.35 -23.65 11.52
N TYR A 36 23.68 -24.62 10.88
CA TYR A 36 24.35 -25.44 9.89
C TYR A 36 24.98 -24.61 8.77
N MET A 37 24.42 -23.44 8.47
CA MET A 37 24.86 -22.62 7.36
C MET A 37 25.94 -21.62 7.74
N MET A 38 26.37 -21.65 9.01
CA MET A 38 27.42 -20.71 9.48
C MET A 38 28.78 -21.18 8.97
N PRO A 39 29.60 -20.31 8.36
CA PRO A 39 30.92 -20.70 7.86
C PRO A 39 31.93 -21.05 8.93
N THR A 40 32.09 -22.34 9.25
CA THR A 40 33.14 -22.81 10.14
C THR A 40 34.31 -23.45 9.39
N GLU A 41 34.51 -23.08 8.12
CA GLU A 41 35.67 -23.57 7.38
C GLU A 41 36.96 -23.08 8.05
N ASP A 43 37.40 -21.78 10.81
CA ASP A 43 37.28 -21.78 12.26
C ASP A 43 38.17 -22.85 12.87
N ASP A 44 38.86 -22.50 13.95
CA ASP A 44 39.81 -23.40 14.60
C ASP A 44 39.03 -24.43 15.39
N SER A 45 39.28 -25.72 15.12
CA SER A 45 38.56 -26.80 15.78
C SER A 45 38.57 -26.63 17.29
N SER A 46 37.47 -27.03 17.93
CA SER A 46 37.31 -26.98 19.40
C SER A 46 37.75 -25.64 20.00
N LYS A 47 37.69 -24.58 19.20
CA LYS A 47 37.68 -23.23 19.73
C LYS A 47 36.45 -22.45 19.28
N SER A 48 35.66 -22.99 18.36
CA SER A 48 34.54 -22.30 17.73
C SER A 48 33.22 -22.79 18.35
N VAL A 49 32.54 -21.91 19.08
CA VAL A 49 31.19 -22.24 19.57
C VAL A 49 30.24 -22.58 18.41
N PRO A 50 30.26 -21.85 17.27
CA PRO A 50 29.42 -22.30 16.14
C PRO A 50 29.76 -23.70 15.65
N LEU A 51 31.04 -24.02 15.49
CA LEU A 51 31.40 -25.37 15.05
C LEU A 51 30.93 -26.40 16.06
N ALA A 52 31.01 -26.07 17.35
CA ALA A 52 30.54 -27.03 18.35
C ALA A 52 29.04 -27.19 18.27
N LEU A 53 28.34 -26.09 18.00
CA LEU A 53 26.86 -26.12 17.91
C LEU A 53 26.45 -26.91 16.66
N GLN A 54 27.17 -26.77 15.55
CA GLN A 54 26.85 -27.59 14.36
C GLN A 54 27.08 -29.06 14.68
N ARG A 55 28.17 -29.38 15.37
CA ARG A 55 28.47 -30.77 15.72
C ARG A 55 27.38 -31.37 16.58
N VAL A 56 26.97 -30.67 17.65
CA VAL A 56 25.91 -31.21 18.49
C VAL A 56 24.61 -31.30 17.69
N PHE A 57 24.29 -30.28 16.90
CA PHE A 57 23.03 -30.33 16.16
C PHE A 57 23.06 -31.46 15.13
N TYR A 58 24.13 -31.56 14.34
CA TYR A 58 24.30 -32.68 13.41
C TYR A 58 24.09 -34.03 14.10
N GLU A 59 24.63 -34.18 15.31
CA GLU A 59 24.64 -35.50 15.93
C GLU A 59 23.27 -35.86 16.49
N LEU A 60 22.59 -34.89 17.09
CA LEU A 60 21.21 -35.14 17.57
C LEU A 60 20.30 -35.44 16.39
N GLN A 61 20.67 -34.99 15.20
CA GLN A 61 19.86 -35.26 14.02
C GLN A 61 20.19 -36.59 13.35
N HIS A 62 21.37 -37.14 13.63
CA HIS A 62 21.82 -38.36 12.90
C HIS A 62 22.06 -39.56 13.82
N SER A 63 22.71 -39.39 14.98
CA SER A 63 23.02 -40.51 15.85
C SER A 63 21.76 -41.29 16.28
N ASP A 64 22.00 -42.52 16.72
CA ASP A 64 20.99 -43.37 17.37
C ASP A 64 21.40 -43.72 18.79
N LYS A 65 22.43 -43.06 19.31
CA LYS A 65 22.89 -43.15 20.69
C LYS A 65 22.90 -41.75 21.29
N PRO A 66 22.91 -41.64 22.61
CA PRO A 66 22.99 -40.31 23.24
C PRO A 66 24.24 -39.53 22.82
N VAL A 67 24.04 -38.23 22.56
CA VAL A 67 25.11 -37.35 22.00
C VAL A 67 25.89 -36.61 23.08
N GLY A 68 27.19 -36.40 22.85
CA GLY A 68 28.06 -35.73 23.84
C GLY A 68 28.24 -34.25 23.58
N THR A 69 28.68 -33.51 24.59
CA THR A 69 28.78 -32.04 24.50
C THR A 69 30.15 -31.59 24.99
N LYS A 70 31.12 -32.50 24.92
CA LYS A 70 32.49 -32.19 25.42
C LYS A 70 33.11 -31.06 24.61
N LYS A 71 33.09 -31.15 23.28
CA LYS A 71 33.73 -30.12 22.47
C LYS A 71 33.06 -28.76 22.64
N LEU A 72 31.75 -28.75 22.90
CA LEU A 72 31.04 -27.50 23.10
C LEU A 72 31.48 -26.80 24.39
N THR A 73 31.62 -27.55 25.48
CA THR A 73 32.13 -26.93 26.70
C THR A 73 33.59 -26.53 26.53
N LYS A 74 34.36 -27.29 25.74
CA LYS A 74 35.72 -26.86 25.42
C LYS A 74 35.71 -25.53 24.71
N SER A 75 34.85 -25.38 23.69
CA SER A 75 34.79 -24.11 22.97
C SER A 75 34.35 -22.96 23.85
N PHE A 76 33.71 -23.21 24.99
CA PHE A 76 33.45 -22.11 25.92
C PHE A 76 34.73 -21.60 26.56
N GLY A 77 35.79 -22.42 26.60
CA GLY A 77 36.96 -22.11 27.40
C GLY A 77 37.01 -22.82 28.74
N TRP A 78 36.16 -23.82 28.89
CA TRP A 78 35.99 -24.45 30.22
C TRP A 78 36.88 -25.66 30.44
N GLU A 79 37.32 -25.83 31.68
CA GLU A 79 38.06 -27.05 32.04
C GLU A 79 36.99 -28.09 32.45
N THR A 80 37.40 -29.33 32.72
CA THR A 80 36.38 -30.38 33.01
C THR A 80 35.64 -30.03 34.30
N LEU A 81 36.30 -29.41 35.29
CA LEU A 81 35.62 -29.14 36.55
C LEU A 81 34.32 -28.35 36.33
N ASP A 82 34.32 -27.42 35.36
CA ASP A 82 33.15 -26.59 35.10
C ASP A 82 31.94 -27.38 34.64
N SER A 83 32.16 -28.57 34.07
CA SER A 83 31.04 -29.42 33.62
C SER A 83 30.36 -30.08 34.83
N PHE A 84 30.79 -29.71 36.05
CA PHE A 84 30.21 -30.30 37.28
C PHE A 84 29.67 -29.17 38.17
N MET A 85 29.73 -27.92 37.70
CA MET A 85 29.08 -26.81 38.44
C MET A 85 27.70 -26.61 37.84
N GLN A 86 26.69 -26.57 38.69
CA GLN A 86 25.29 -26.48 38.23
C GLN A 86 24.99 -25.04 37.80
N HIS A 87 24.12 -24.87 36.82
CA HIS A 87 23.88 -23.56 36.26
C HIS A 87 22.41 -23.35 35.95
N ASP A 88 22.09 -22.08 35.65
CA ASP A 88 20.77 -21.61 35.33
C ASP A 88 20.59 -21.63 33.82
N VAL A 89 19.49 -22.23 33.34
CA VAL A 89 19.35 -22.43 31.90
C VAL A 89 19.10 -21.11 31.19
N GLN A 90 18.48 -20.13 31.85
CA GLN A 90 18.18 -18.88 31.13
C GLN A 90 19.46 -18.05 31.09
N GLU A 91 20.31 -18.17 32.10
CA GLU A 91 21.58 -17.45 32.03
C GLU A 91 22.43 -17.96 30.88
N LEU A 92 22.48 -19.29 30.72
CA LEU A 92 23.19 -19.84 29.57
C LEU A 92 22.56 -19.34 28.28
N CYS A 93 21.23 -19.39 28.20
CA CYS A 93 20.56 -19.02 26.98
C CYS A 93 20.94 -17.61 26.55
N ARG A 94 20.99 -16.67 27.51
CA ARG A 94 21.33 -15.29 27.19
C ARG A 94 22.74 -15.22 26.60
N VAL A 95 23.69 -15.89 27.23
CA VAL A 95 25.08 -15.82 26.79
C VAL A 95 25.28 -16.59 25.49
N LEU A 96 24.67 -17.76 25.34
CA LEU A 96 24.95 -18.58 24.17
C LEU A 96 24.33 -17.96 22.92
N LEU A 97 23.11 -17.45 23.03
CA LEU A 97 22.50 -16.80 21.88
C LEU A 97 23.21 -15.51 21.50
N ASP A 98 23.68 -14.76 22.50
CA ASP A 98 24.43 -13.55 22.20
C ASP A 98 25.69 -13.89 21.42
N ASN A 99 26.47 -14.83 21.94
CA ASN A 99 27.67 -15.28 21.25
C ASN A 99 27.36 -15.71 19.82
N VAL A 100 26.32 -16.53 19.65
CA VAL A 100 26.01 -17.01 18.31
C VAL A 100 25.54 -15.85 17.43
N GLU A 101 24.77 -14.92 18.00
CA GLU A 101 24.27 -13.81 17.19
C GLU A 101 25.42 -13.00 16.64
N ASN A 102 26.37 -12.63 17.50
CA ASN A 102 27.53 -11.89 17.03
C ASN A 102 28.31 -12.69 15.99
N LYS A 103 28.42 -13.99 16.20
CA LYS A 103 29.20 -14.83 15.24
C LYS A 103 28.45 -14.98 13.91
N MET A 104 27.15 -14.69 13.86
CA MET A 104 26.42 -14.73 12.59
C MET A 104 26.54 -13.43 11.80
N LYS A 105 27.08 -12.37 12.39
CA LYS A 105 27.22 -11.11 11.67
C LYS A 105 28.21 -11.26 10.51
N GLY A 106 27.88 -10.69 9.36
CA GLY A 106 28.78 -10.76 8.20
C GLY A 106 28.66 -12.06 7.44
N THR A 107 27.65 -12.87 7.75
CA THR A 107 27.44 -14.16 7.09
C THR A 107 26.10 -14.16 6.37
N CYS A 108 25.83 -15.27 5.67
CA CYS A 108 24.56 -15.42 4.96
C CYS A 108 23.38 -15.44 5.92
N VAL A 109 23.62 -15.71 7.20
CA VAL A 109 22.54 -15.88 8.16
C VAL A 109 22.58 -14.81 9.25
N GLU A 110 23.09 -13.62 8.93
CA GLU A 110 23.04 -12.54 9.90
C GLU A 110 21.59 -12.16 10.17
N GLY A 111 21.28 -11.86 11.44
CA GLY A 111 19.97 -11.41 11.80
C GLY A 111 18.99 -12.50 12.16
N THR A 112 19.42 -13.77 12.13
CA THR A 112 18.49 -14.88 12.35
C THR A 112 17.97 -14.88 13.78
N ILE A 113 18.88 -14.78 14.75
CA ILE A 113 18.45 -14.82 16.14
C ILE A 113 17.50 -13.67 16.48
N PRO A 114 17.82 -12.40 16.18
CA PRO A 114 16.81 -11.36 16.42
C PRO A 114 15.53 -11.58 15.62
N LYS A 115 15.60 -12.09 14.39
CA LYS A 115 14.37 -12.35 13.65
C LYS A 115 13.49 -13.38 14.38
N LEU A 116 14.11 -14.39 14.99
CA LEU A 116 13.36 -15.41 15.72
C LEU A 116 12.92 -14.92 17.09
N PHE A 117 13.85 -14.29 17.82
CA PHE A 117 13.69 -14.13 19.26
C PHE A 117 13.47 -12.70 19.75
N ARG A 118 13.75 -11.69 18.92
CA ARG A 118 13.75 -10.30 19.42
C ARG A 118 12.45 -9.54 19.21
N GLY A 119 11.92 -8.99 20.30
CA GLY A 119 10.76 -8.13 20.23
C GLY A 119 11.11 -6.74 20.74
N LYS A 120 10.10 -5.85 20.70
CA LYS A 120 10.27 -4.50 21.22
C LYS A 120 9.17 -4.13 22.21
N MET A 121 9.58 -3.60 23.36
CA MET A 121 8.75 -3.03 24.41
C MET A 121 8.66 -1.53 24.26
N VAL A 122 7.60 -0.93 24.78
CA VAL A 122 7.56 0.51 24.96
C VAL A 122 7.17 0.83 26.39
N SER A 123 7.81 1.84 26.98
CA SER A 123 7.43 2.30 28.32
C SER A 123 7.03 3.76 28.27
N TYR A 124 5.82 4.05 28.75
CA TYR A 124 5.23 5.39 28.80
C TYR A 124 5.35 5.92 30.21
N ILE A 125 5.79 7.15 30.36
CA ILE A 125 5.92 7.81 31.65
C ILE A 125 5.15 9.12 31.61
N GLN A 126 4.21 9.29 32.52
CA GLN A 126 3.34 10.47 32.57
C GLN A 126 3.36 11.08 33.97
N CYS A 127 3.91 12.30 34.10
CA CYS A 127 3.84 13.02 35.38
C CYS A 127 2.40 13.31 35.77
N LYS A 128 2.13 13.27 37.06
CA LYS A 128 0.72 13.41 37.52
C LYS A 128 0.40 14.84 37.94
N GLU A 129 1.41 15.64 38.28
CA GLU A 129 1.15 17.00 38.80
C GLU A 129 1.87 18.04 37.92
N VAL A 130 2.33 17.63 36.75
CA VAL A 130 2.98 18.56 35.80
C VAL A 130 2.82 17.99 34.38
N ASP A 131 2.78 18.84 33.36
CA ASP A 131 2.68 18.36 31.96
C ASP A 131 4.05 17.89 31.48
N TYR A 132 4.41 16.64 31.77
CA TYR A 132 5.69 16.07 31.27
C TYR A 132 5.49 14.59 30.95
N ARG A 133 5.66 14.24 29.67
CA ARG A 133 5.54 12.86 29.22
C ARG A 133 6.87 12.42 28.63
N SER A 134 7.16 11.12 28.67
CA SER A 134 8.37 10.63 27.99
C SER A 134 8.17 9.17 27.57
N ASP A 135 9.17 8.65 26.85
CA ASP A 135 9.02 7.47 26.02
C ASP A 135 10.29 6.65 26.00
N ARG A 136 10.16 5.33 26.04
CA ARG A 136 11.38 4.50 25.85
C ARG A 136 11.01 3.18 25.18
N ARG A 137 11.73 2.84 24.11
CA ARG A 137 11.46 1.60 23.35
C ARG A 137 12.69 0.71 23.41
N GLU A 138 12.57 -0.49 23.95
CA GLU A 138 13.75 -1.34 24.11
C GLU A 138 13.46 -2.72 23.55
N ASP A 139 14.50 -3.25 22.95
CA ASP A 139 14.41 -4.61 22.40
C ASP A 139 14.51 -5.62 23.54
N TYR A 140 13.86 -6.75 23.43
CA TYR A 140 14.00 -7.87 24.37
C TYR A 140 14.18 -9.14 23.57
N TYR A 141 14.71 -10.16 24.23
CA TYR A 141 14.90 -11.48 23.62
C TYR A 141 14.18 -12.51 24.50
N ASP A 142 13.73 -12.12 25.69
CA ASP A 142 12.95 -12.95 26.58
C ASP A 142 12.18 -11.99 27.48
N ILE A 143 11.26 -12.55 28.27
CA ILE A 143 10.40 -11.75 29.14
C ILE A 143 10.40 -12.36 30.56
N GLN A 144 10.76 -11.55 31.54
CA GLN A 144 10.69 -11.96 32.93
C GLN A 144 9.27 -11.75 33.43
N LEU A 145 8.61 -12.82 33.85
CA LEU A 145 7.19 -12.74 34.26
C LEU A 145 7.03 -13.07 35.74
N SER A 146 6.52 -12.12 36.54
CA SER A 146 6.32 -12.32 38.00
C SER A 146 5.35 -13.48 38.28
N ILE A 147 5.57 -14.21 39.38
CA ILE A 147 4.76 -15.44 39.67
C ILE A 147 4.01 -15.29 41.00
N LYS A 148 4.64 -14.71 42.02
CA LYS A 148 3.99 -14.75 43.33
C LYS A 148 2.68 -13.95 43.34
N GLY A 149 1.62 -14.60 43.78
CA GLY A 149 0.33 -13.98 43.83
C GLY A 149 -0.44 -14.00 42.53
N LYS A 150 0.15 -14.55 41.47
CA LYS A 150 -0.50 -14.64 40.17
C LYS A 150 -0.93 -16.08 39.94
N LYS A 151 -2.17 -16.27 39.51
CA LYS A 151 -2.68 -17.61 39.29
C LYS A 151 -2.08 -18.23 38.05
N ASN A 152 -1.93 -17.45 36.98
CA ASN A 152 -1.58 -18.01 35.69
C ASN A 152 -0.83 -17.01 34.84
N ILE A 153 -0.43 -17.48 33.67
CA ILE A 153 0.34 -16.66 32.76
C ILE A 153 -0.46 -15.44 32.35
N PHE A 154 -1.79 -15.54 32.28
CA PHE A 154 -2.56 -14.40 31.75
C PHE A 154 -2.56 -13.27 32.77
N GLU A 155 -2.81 -13.59 34.03
CA GLU A 155 -2.74 -12.54 35.05
C GLU A 155 -1.34 -11.93 35.11
N SER A 156 -0.32 -12.74 34.84
CA SER A 156 1.05 -12.27 34.91
C SER A 156 1.41 -11.35 33.74
N PHE A 157 0.72 -11.46 32.61
CA PHE A 157 0.88 -10.42 31.60
C PHE A 157 0.09 -9.17 31.98
N VAL A 158 -1.09 -9.36 32.56
CA VAL A 158 -1.91 -8.23 32.99
C VAL A 158 -1.13 -7.36 33.97
N ASP A 159 -0.51 -8.01 34.95
CA ASP A 159 0.35 -7.30 35.90
C ASP A 159 1.51 -6.62 35.20
N TYR A 160 2.17 -7.32 34.27
CA TYR A 160 3.28 -6.73 33.52
C TYR A 160 2.89 -5.43 32.83
N VAL A 161 1.69 -5.37 32.26
CA VAL A 161 1.29 -4.16 31.55
C VAL A 161 0.59 -3.15 32.44
N ALA A 162 0.36 -3.48 33.70
CA ALA A 162 -0.39 -2.60 34.58
C ALA A 162 0.38 -1.31 34.87
N VAL A 163 -0.36 -0.22 35.07
CA VAL A 163 0.24 1.07 35.42
C VAL A 163 0.80 1.04 36.84
N GLU A 164 2.00 1.61 37.05
CA GLU A 164 2.58 1.79 38.38
C GLU A 164 2.78 3.25 38.71
N GLN A 165 2.83 3.55 39.99
CA GLN A 165 3.14 4.89 40.47
C GLN A 165 4.63 5.01 40.71
N LEU A 166 5.28 5.93 40.01
CA LEU A 166 6.69 6.24 40.30
C LEU A 166 6.62 7.30 41.40
N ASP A 167 6.61 6.89 42.66
CA ASP A 167 6.46 7.88 43.76
C ASP A 167 7.50 7.67 44.85
N GLY A 168 7.65 8.66 45.72
CA GLY A 168 8.58 8.57 46.86
C GLY A 168 10.04 8.45 46.48
N ASP A 169 10.69 7.37 46.91
CA ASP A 169 12.12 7.14 46.57
C ASP A 169 12.22 6.75 45.10
N ASN A 170 11.09 6.54 44.45
CA ASN A 170 11.07 6.12 43.02
C ASN A 170 10.36 7.19 42.19
N LYS A 171 10.45 8.46 42.60
CA LYS A 171 9.87 9.58 41.81
C LYS A 171 10.62 9.71 40.48
N TYR A 172 9.94 10.20 39.44
CA TYR A 172 10.58 10.26 38.11
C TYR A 172 11.39 11.54 37.95
N ASP A 173 12.58 11.42 37.37
CA ASP A 173 13.41 12.60 37.12
C ASP A 173 12.91 13.31 35.87
N ALA A 174 11.95 14.22 36.04
CA ALA A 174 11.26 14.87 34.93
C ALA A 174 11.92 16.17 34.47
N GLY A 175 13.24 16.25 34.42
CA GLY A 175 13.87 17.34 33.67
C GLY A 175 13.83 18.66 34.40
N GLU A 176 13.40 19.71 33.72
CA GLU A 176 13.31 21.05 34.34
C GLU A 176 12.34 21.04 35.52
N HIS A 177 11.57 19.97 35.68
CA HIS A 177 10.56 19.92 36.76
C HIS A 177 11.12 19.11 37.92
N GLY A 178 12.36 18.66 37.80
CA GLY A 178 13.00 17.86 38.86
C GLY A 178 12.17 16.63 39.21
N LEU A 179 12.41 16.05 40.38
CA LEU A 179 11.71 14.81 40.70
C LEU A 179 10.22 15.06 40.80
N GLN A 180 9.43 14.13 40.30
CA GLN A 180 8.00 14.32 40.17
C GLN A 180 7.33 12.98 40.33
N GLU A 181 6.19 12.96 41.01
CA GLU A 181 5.36 11.77 40.98
C GLU A 181 4.92 11.53 39.54
N ALA A 182 4.83 10.25 39.15
CA ALA A 182 4.50 9.94 37.78
C ALA A 182 3.91 8.55 37.71
N GLU A 183 3.25 8.24 36.60
CA GLU A 183 2.81 6.91 36.30
C GLU A 183 3.70 6.34 35.20
N LYS A 184 4.00 5.06 35.32
CA LYS A 184 4.78 4.34 34.31
C LYS A 184 3.96 3.15 33.85
N GLY A 185 3.95 2.94 32.54
CA GLY A 185 3.24 1.82 31.96
C GLY A 185 4.01 1.22 30.81
N VAL A 186 3.95 -0.09 30.70
CA VAL A 186 4.71 -0.81 29.69
C VAL A 186 3.72 -1.54 28.78
N LYS A 187 4.04 -1.58 27.49
CA LYS A 187 3.28 -2.37 26.53
C LYS A 187 4.26 -2.98 25.55
N PHE A 188 3.80 -4.00 24.84
CA PHE A 188 4.59 -4.63 23.79
C PHE A 188 4.28 -4.00 22.45
N LEU A 189 5.33 -3.58 21.73
CA LEU A 189 5.12 -3.11 20.36
C LEU A 189 5.02 -4.28 19.39
N THR A 190 5.91 -5.26 19.53
CA THR A 190 5.91 -6.51 18.77
C THR A 190 6.19 -7.67 19.72
N LEU A 191 5.85 -8.87 19.26
CA LEU A 191 6.18 -10.13 19.92
C LEU A 191 6.88 -11.03 18.92
N PRO A 192 8.02 -11.63 19.26
CA PRO A 192 8.83 -12.35 18.28
C PRO A 192 8.20 -13.68 17.92
N PRO A 193 8.63 -14.31 16.81
CA PRO A 193 8.04 -15.60 16.43
C PRO A 193 8.30 -16.69 17.44
N VAL A 194 9.43 -16.64 18.12
CA VAL A 194 9.73 -17.57 19.20
C VAL A 194 9.80 -16.74 20.47
N LEU A 195 8.95 -17.07 21.44
CA LEU A 195 8.81 -16.33 22.67
C LEU A 195 9.40 -17.12 23.81
N HIS A 196 10.39 -16.53 24.49
CA HIS A 196 11.05 -17.14 25.64
C HIS A 196 10.55 -16.42 26.88
N LEU A 197 9.81 -17.15 27.72
CA LEU A 197 9.32 -16.65 28.99
C LEU A 197 10.13 -17.24 30.14
N GLN A 198 10.65 -16.36 30.99
CA GLN A 198 11.34 -16.78 32.20
C GLN A 198 10.42 -16.50 33.38
N LEU A 199 10.00 -17.57 34.07
CA LEU A 199 9.12 -17.36 35.20
C LEU A 199 9.98 -17.02 36.41
N MET A 200 9.61 -15.95 37.10
CA MET A 200 10.37 -15.48 38.25
C MET A 200 10.13 -16.33 39.51
N ARG A 201 10.52 -17.59 39.43
CA ARG A 201 10.27 -18.53 40.54
C ARG A 201 11.35 -18.36 41.61
N PHE A 202 11.57 -17.12 42.03
CA PHE A 202 12.58 -16.86 43.09
C PHE A 202 12.23 -15.58 43.88
N MET A 203 12.65 -15.54 45.14
CA MET A 203 12.46 -14.34 45.99
C MET A 203 13.50 -14.37 47.12
N TYR A 204 13.90 -13.21 47.60
CA TYR A 204 14.97 -13.15 48.64
C TYR A 204 14.38 -12.50 49.89
N THR A 208 16.23 -13.93 56.93
CA THR A 208 16.78 -15.24 56.57
C THR A 208 17.92 -15.04 55.55
N ASP A 209 17.86 -13.95 54.79
CA ASP A 209 18.95 -13.58 53.84
C ASP A 209 19.38 -14.78 52.99
N GLN A 210 18.46 -15.31 52.19
CA GLN A 210 18.79 -16.42 51.30
C GLN A 210 17.98 -16.33 50.01
N ASN A 211 18.48 -17.03 48.99
CA ASN A 211 17.73 -17.15 47.72
C ASN A 211 16.76 -18.31 47.88
N ILE A 212 15.47 -18.04 47.78
CA ILE A 212 14.44 -19.05 47.97
C ILE A 212 13.67 -19.22 46.66
N LYS A 213 13.56 -20.47 46.21
CA LYS A 213 12.75 -20.78 45.04
C LYS A 213 11.26 -20.73 45.38
N ILE A 214 10.47 -20.13 44.48
CA ILE A 214 8.99 -20.11 44.63
C ILE A 214 8.45 -21.29 43.86
N ASN A 215 7.87 -22.26 44.55
CA ASN A 215 7.27 -23.42 43.90
C ASN A 215 5.74 -23.33 43.86
N ASP A 216 5.20 -22.13 44.00
CA ASP A 216 3.72 -21.96 44.02
C ASP A 216 3.10 -22.36 42.68
N ARG A 217 1.81 -22.68 42.69
CA ARG A 217 1.13 -23.11 41.45
C ARG A 217 1.03 -21.94 40.48
N PHE A 218 1.51 -22.14 39.26
CA PHE A 218 1.41 -21.11 38.20
C PHE A 218 0.98 -21.81 36.93
N GLU A 219 -0.26 -21.58 36.51
CA GLU A 219 -0.78 -22.28 35.33
C GLU A 219 -0.38 -21.57 34.04
N PHE A 220 -0.11 -22.36 33.01
CA PHE A 220 0.25 -21.83 31.68
C PHE A 220 -0.56 -22.62 30.67
N PRO A 221 -0.99 -22.01 29.56
CA PRO A 221 -1.84 -22.70 28.62
C PRO A 221 -1.15 -23.32 27.40
N GLU A 222 -1.88 -24.17 26.69
CA GLU A 222 -1.35 -24.67 25.41
C GLU A 222 -1.40 -23.59 24.32
N GLN A 223 -2.48 -22.81 24.32
CA GLN A 223 -2.62 -21.69 23.36
C GLN A 223 -2.66 -20.38 24.15
N LEU A 224 -1.86 -19.39 23.77
CA LEU A 224 -1.76 -18.12 24.54
C LEU A 224 -2.11 -16.93 23.67
N PRO A 225 -3.30 -16.31 23.86
CA PRO A 225 -3.62 -15.08 23.13
C PRO A 225 -2.93 -13.86 23.76
N LEU A 226 -2.08 -13.18 22.99
CA LEU A 226 -1.34 -12.06 23.55
C LEU A 226 -1.72 -10.72 22.93
N ASP A 227 -2.80 -10.66 22.15
CA ASP A 227 -3.18 -9.40 21.50
C ASP A 227 -3.48 -8.33 22.53
N GLU A 228 -3.97 -8.73 23.70
CA GLU A 228 -4.34 -7.76 24.72
C GLU A 228 -3.17 -6.94 25.21
N PHE A 229 -1.94 -7.44 25.07
CA PHE A 229 -0.78 -6.76 25.61
C PHE A 229 0.07 -6.12 24.52
N LEU A 230 -0.50 -5.84 23.35
CA LEU A 230 0.17 -5.11 22.28
C LEU A 230 -0.35 -3.68 22.24
N GLN A 231 0.46 -2.76 21.76
CA GLN A 231 -0.01 -1.36 21.60
C GLN A 231 -1.01 -1.33 20.46
N LYS A 232 -0.61 -1.89 19.31
CA LYS A 232 -1.53 -1.98 18.15
C LYS A 232 -1.64 -3.43 17.69
N THR A 233 -2.87 -3.93 17.61
CA THR A 233 -3.12 -5.32 17.15
C THR A 233 -3.15 -5.33 15.63
N ASP A 234 -2.66 -6.41 15.01
CA ASP A 234 -2.74 -6.57 13.53
C ASP A 234 -3.85 -7.58 13.23
N PRO A 235 -5.00 -7.13 12.71
CA PRO A 235 -6.10 -8.06 12.37
C PRO A 235 -5.65 -9.11 11.34
N LYS A 236 -4.50 -8.88 10.71
CA LYS A 236 -3.95 -9.85 9.78
C LYS A 236 -3.34 -11.04 10.52
N ASP A 237 -2.29 -10.79 11.33
CA ASP A 237 -1.54 -11.75 12.11
C ASP A 237 -1.86 -11.59 13.60
N PRO A 238 -2.97 -12.13 14.10
CA PRO A 238 -3.22 -12.05 15.55
C PRO A 238 -2.11 -12.74 16.34
N ALA A 239 -1.81 -12.18 17.52
CA ALA A 239 -0.67 -12.62 18.33
C ALA A 239 -1.06 -13.83 19.17
N ASN A 240 -1.36 -14.91 18.47
CA ASN A 240 -1.73 -16.17 19.11
C ASN A 240 -0.55 -17.12 19.07
N TYR A 241 -0.23 -17.66 20.24
CA TYR A 241 1.00 -18.45 20.39
C TYR A 241 0.72 -19.88 20.83
N ILE A 242 1.52 -20.83 20.33
CA ILE A 242 1.38 -22.26 20.62
C ILE A 242 2.54 -22.71 21.51
N LEU A 243 2.21 -23.39 22.59
CA LEU A 243 3.24 -23.87 23.50
C LEU A 243 4.11 -24.93 22.82
N HIS A 244 5.43 -24.74 22.90
CA HIS A 244 6.38 -25.67 22.27
C HIS A 244 7.25 -26.34 23.31
N ALA A 245 7.68 -25.60 24.33
CA ALA A 245 8.64 -26.21 25.27
C ALA A 245 8.42 -25.79 26.71
N VAL A 246 8.70 -26.72 27.63
CA VAL A 246 8.60 -26.45 29.09
C VAL A 246 9.92 -26.89 29.72
N LEU A 247 10.81 -25.93 29.98
CA LEU A 247 12.09 -26.21 30.65
C LEU A 247 11.75 -26.28 32.13
N VAL A 248 11.91 -27.46 32.72
CA VAL A 248 11.43 -27.76 34.06
C VAL A 248 12.63 -27.86 34.96
N HIS A 249 12.55 -27.19 36.11
CA HIS A 249 13.60 -27.22 37.11
C HIS A 249 13.07 -27.90 38.36
N SER A 250 13.87 -28.80 38.91
CA SER A 250 13.49 -29.53 40.11
C SER A 250 14.59 -29.27 41.11
N GLY A 251 14.21 -28.88 42.32
CA GLY A 251 15.20 -28.67 43.38
C GLY A 251 15.07 -27.35 44.08
N ASP A 252 16.21 -26.77 44.47
CA ASP A 252 16.23 -25.49 45.19
C ASP A 252 17.05 -24.47 44.40
N ASN A 253 17.31 -23.32 44.99
CA ASN A 253 18.12 -22.28 44.35
C ASN A 253 19.60 -22.68 44.30
N HIS A 254 20.10 -23.33 45.37
CA HIS A 254 21.46 -23.86 45.36
C HIS A 254 21.67 -24.85 44.21
N GLY A 255 20.73 -25.77 44.00
CA GLY A 255 20.96 -26.79 43.00
C GLY A 255 19.72 -27.63 42.73
N GLY A 256 19.85 -28.52 41.76
CA GLY A 256 18.70 -29.29 41.31
C GLY A 256 18.98 -29.99 40.00
N HIS A 257 17.90 -30.20 39.22
CA HIS A 257 17.99 -30.90 37.94
C HIS A 257 17.11 -30.22 36.91
N TYR A 258 17.52 -30.26 35.64
CA TYR A 258 16.78 -29.69 34.51
C TYR A 258 16.39 -30.81 33.54
N VAL A 259 15.14 -30.77 33.11
CA VAL A 259 14.70 -31.52 31.96
C VAL A 259 13.86 -30.56 31.13
N VAL A 260 13.53 -30.94 29.91
CA VAL A 260 12.68 -30.09 29.10
C VAL A 260 11.68 -30.98 28.38
N TYR A 261 10.43 -30.55 28.35
CA TYR A 261 9.38 -31.20 27.57
C TYR A 261 9.14 -30.40 26.32
N LEU A 262 9.03 -31.11 25.20
CA LEU A 262 8.86 -30.45 23.89
C LEU A 262 7.90 -31.21 23.00
N ASN A 263 7.07 -30.51 22.25
CA ASN A 263 6.25 -31.14 21.17
C ASN A 263 7.00 -30.67 19.94
N PRO A 264 8.08 -31.33 19.51
CA PRO A 264 8.95 -30.81 18.46
C PRO A 264 8.25 -30.27 17.22
N LYS A 265 7.22 -30.97 16.76
CA LYS A 265 6.57 -30.56 15.48
C LYS A 265 5.44 -29.56 15.75
N GLY A 266 5.25 -29.20 17.02
CA GLY A 266 4.12 -28.32 17.33
C GLY A 266 2.77 -28.97 17.12
N ASP A 267 2.71 -30.31 17.14
CA ASP A 267 1.54 -31.09 16.80
C ASP A 267 0.80 -31.64 18.01
N GLY A 268 1.24 -31.29 19.21
CA GLY A 268 0.63 -31.81 20.41
C GLY A 268 1.15 -33.14 20.85
N LYS A 269 2.08 -33.74 20.09
CA LYS A 269 2.70 -35.01 20.46
C LYS A 269 3.98 -34.71 21.24
N TRP A 270 4.00 -35.06 22.52
CA TRP A 270 5.02 -34.58 23.44
C TRP A 270 6.02 -35.65 23.82
N CYS A 271 7.27 -35.24 23.98
CA CYS A 271 8.25 -36.09 24.64
C CYS A 271 8.90 -35.34 25.80
N LYS A 272 9.62 -36.14 26.61
CA LYS A 272 10.38 -35.61 27.76
C LYS A 272 11.83 -35.92 27.48
N PHE A 273 12.72 -34.97 27.80
CA PHE A 273 14.17 -35.12 27.50
C PHE A 273 14.93 -34.97 28.81
N ASP A 274 15.15 -36.08 29.52
CA ASP A 274 15.93 -36.08 30.78
C ASP A 274 17.33 -36.53 30.42
N ASP A 275 18.14 -35.61 29.88
CA ASP A 275 19.53 -35.93 29.50
C ASP A 275 19.54 -37.08 28.49
N ASP A 276 20.06 -38.26 28.86
CA ASP A 276 20.24 -39.38 27.90
C ASP A 276 18.92 -40.05 27.50
N VAL A 277 17.84 -39.82 28.23
CA VAL A 277 16.60 -40.56 28.01
C VAL A 277 15.52 -39.60 27.51
N VAL A 278 15.04 -39.93 26.31
CA VAL A 278 13.87 -39.23 25.75
C VAL A 278 12.72 -40.23 25.88
N SER A 279 11.52 -39.77 26.19
CA SER A 279 10.38 -40.66 26.42
C SER A 279 9.09 -39.93 26.09
N ARG A 280 8.20 -40.60 25.35
CA ARG A 280 6.88 -40.01 25.09
C ARG A 280 6.16 -39.73 26.40
N CYS A 281 5.25 -38.76 26.36
CA CYS A 281 4.54 -38.32 27.55
C CYS A 281 3.23 -37.70 27.11
N THR A 282 2.34 -37.47 28.06
CA THR A 282 1.08 -36.85 27.68
C THR A 282 1.18 -35.34 27.82
N LYS A 283 0.23 -34.64 27.16
CA LYS A 283 0.06 -33.22 27.41
C LYS A 283 -0.07 -32.95 28.88
N GLU A 284 -0.92 -33.72 29.57
CA GLU A 284 -1.10 -33.56 31.01
C GLU A 284 0.24 -33.61 31.75
N GLU A 285 1.18 -34.41 31.27
CA GLU A 285 2.45 -34.52 31.99
C GLU A 285 3.44 -33.40 31.68
N ALA A 286 3.23 -32.72 30.56
CA ALA A 286 4.15 -31.65 30.15
C ALA A 286 3.64 -30.29 30.64
N ILE A 287 2.33 -30.16 30.78
CA ILE A 287 1.75 -28.84 31.13
C ILE A 287 1.23 -28.87 32.57
N GLU A 288 0.08 -29.49 32.80
CA GLU A 288 -0.57 -29.45 34.15
C GLU A 288 0.38 -29.96 35.25
N HIS A 289 1.13 -31.03 35.00
CA HIS A 289 2.01 -31.55 36.03
C HIS A 289 3.19 -30.64 36.33
N ASN A 290 3.45 -29.64 35.48
CA ASN A 290 4.52 -28.69 35.73
C ASN A 290 4.04 -27.37 36.28
N TYR A 291 2.75 -27.28 36.66
CA TYR A 291 2.20 -26.08 37.23
C TYR A 291 2.80 -25.74 38.58
N GLY A 292 3.43 -26.69 39.25
CA GLY A 292 3.94 -26.46 40.60
C GLY A 292 2.86 -26.53 41.67
N GLY A 293 3.21 -26.06 42.87
CA GLY A 293 2.29 -26.04 44.02
C GLY A 293 2.63 -27.01 45.14
N CYS A 303 8.89 -28.64 44.56
CA CYS A 303 10.16 -29.16 44.04
C CYS A 303 10.36 -28.95 42.54
N THR A 304 9.37 -29.39 41.77
CA THR A 304 9.48 -29.55 40.33
C THR A 304 8.44 -28.66 39.64
N ASN A 305 8.90 -27.81 38.72
CA ASN A 305 7.95 -26.91 38.05
C ASN A 305 8.60 -26.21 36.85
N ALA A 306 7.77 -25.57 36.05
CA ALA A 306 8.24 -24.82 34.90
C ALA A 306 9.04 -23.61 35.36
N TYR A 307 10.19 -23.39 34.73
CA TYR A 307 11.01 -22.20 34.91
C TYR A 307 11.06 -21.33 33.67
N MET A 308 11.20 -21.99 32.52
CA MET A 308 11.20 -21.29 31.22
C MET A 308 10.15 -21.90 30.31
N LEU A 309 9.40 -21.06 29.60
CA LEU A 309 8.40 -21.56 28.66
C LEU A 309 8.79 -21.07 27.26
N VAL A 310 8.65 -21.92 26.26
CA VAL A 310 8.91 -21.48 24.86
C VAL A 310 7.59 -21.55 24.10
N TYR A 311 7.12 -20.41 23.61
CA TYR A 311 5.91 -20.38 22.76
C TYR A 311 6.33 -19.91 21.37
N ILE A 312 5.71 -20.46 20.35
CA ILE A 312 5.97 -20.06 18.98
C ILE A 312 4.70 -19.45 18.41
N ARG A 313 4.83 -18.36 17.68
CA ARG A 313 3.66 -17.68 17.12
C ARG A 313 3.01 -18.57 16.08
N GLU A 314 1.70 -18.81 16.23
CA GLU A 314 0.96 -19.73 15.33
C GLU A 314 1.20 -19.39 13.86
N SER A 315 1.17 -18.11 13.52
CA SER A 315 1.37 -17.67 12.11
C SER A 315 2.72 -18.10 11.56
N LYS A 316 3.67 -18.42 12.43
CA LYS A 316 5.04 -18.76 11.98
C LYS A 316 5.41 -20.18 12.38
N LEU A 317 4.46 -20.98 12.88
CA LEU A 317 4.80 -22.38 13.22
C LEU A 317 5.36 -23.13 12.00
N SER A 318 4.68 -23.04 10.86
CA SER A 318 5.13 -23.76 9.64
C SER A 318 6.58 -23.42 9.31
N GLU A 319 6.92 -22.13 9.35
CA GLU A 319 8.28 -21.74 8.97
C GLU A 319 9.30 -22.11 10.06
N VAL A 320 9.00 -21.75 11.29
CA VAL A 320 9.99 -21.96 12.39
C VAL A 320 10.24 -23.46 12.57
N LEU A 321 9.21 -24.29 12.46
CA LEU A 321 9.36 -25.75 12.72
C LEU A 321 9.35 -26.51 11.38
N GLN A 322 9.83 -25.87 10.32
CA GLN A 322 9.96 -26.54 9.00
C GLN A 322 10.87 -27.75 9.13
N ALA A 323 10.50 -28.85 8.50
CA ALA A 323 11.26 -30.09 8.62
C ALA A 323 12.66 -29.89 8.07
N VAL A 324 13.65 -30.40 8.82
CA VAL A 324 15.05 -30.28 8.45
C VAL A 324 15.58 -31.64 8.01
N THR A 325 16.26 -31.67 6.87
CA THR A 325 16.85 -32.92 6.41
C THR A 325 18.32 -32.75 6.09
N ASP A 326 18.90 -33.74 5.40
CA ASP A 326 20.31 -33.68 5.08
C ASP A 326 20.60 -32.67 3.97
N HIS A 327 19.59 -32.23 3.22
CA HIS A 327 19.84 -31.16 2.26
C HIS A 327 20.06 -29.80 2.93
N ASP A 328 19.76 -29.65 4.23
CA ASP A 328 20.03 -28.42 4.97
C ASP A 328 21.41 -28.38 5.63
N ILE A 329 22.12 -29.51 5.62
CA ILE A 329 23.50 -29.55 6.17
C ILE A 329 24.47 -29.45 5.00
N PRO A 330 25.24 -28.36 4.86
CA PRO A 330 26.25 -28.23 3.81
C PRO A 330 27.24 -29.41 3.78
N GLN A 331 27.61 -29.87 2.57
CA GLN A 331 28.50 -31.06 2.44
C GLN A 331 29.87 -30.79 3.04
N GLN A 332 30.35 -29.55 2.92
CA GLN A 332 31.67 -29.17 3.45
C GLN A 332 31.69 -29.49 4.94
N LEU A 333 30.61 -29.17 5.65
CA LEU A 333 30.52 -29.44 7.10
C LEU A 333 30.43 -30.95 7.32
N VAL A 334 29.64 -31.64 6.51
CA VAL A 334 29.50 -33.11 6.65
C VAL A 334 30.89 -33.71 6.52
N GLU A 335 31.69 -33.22 5.57
CA GLU A 335 33.05 -33.72 5.47
C GLU A 335 33.86 -33.34 6.71
N ARG A 336 33.79 -32.07 7.11
CA ARG A 336 34.55 -31.64 8.28
C ARG A 336 34.19 -32.47 9.51
N LEU A 337 32.91 -32.72 9.73
CA LEU A 337 32.47 -33.40 10.95
C LEU A 337 32.88 -34.88 10.93
N GLN A 338 32.65 -35.58 9.83
CA GLN A 338 33.01 -37.00 9.74
C GLN A 338 34.52 -37.18 9.68
N GLU A 339 35.19 -36.37 8.85
CA GLU A 339 36.65 -36.40 8.74
C GLU A 339 37.30 -35.69 9.93
N GLU A 340 36.96 -36.18 11.13
CA GLU A 340 37.37 -35.61 12.42
C GLU A 340 37.40 -36.76 13.43
N LYS A 341 38.48 -37.53 13.39
CA LYS A 341 38.62 -38.73 14.20
C LYS A 341 40.01 -38.85 14.82
N MET B 1 22.37 10.01 36.06
CA MET B 1 21.18 9.81 35.24
C MET B 1 20.27 8.80 35.91
N GLN B 2 18.99 8.87 35.63
CA GLN B 2 18.03 7.98 36.26
C GLN B 2 17.63 6.89 35.26
N ILE B 3 17.99 5.64 35.57
CA ILE B 3 17.46 4.48 34.88
C ILE B 3 16.38 3.82 35.73
N PHE B 4 15.74 2.81 35.16
CA PHE B 4 14.78 2.00 35.87
C PHE B 4 15.34 0.60 36.07
N VAL B 5 14.90 -0.06 37.13
CA VAL B 5 15.24 -1.46 37.40
C VAL B 5 13.95 -2.19 37.73
N LYS B 6 13.63 -3.24 36.96
CA LYS B 6 12.54 -4.13 37.34
C LYS B 6 13.06 -5.15 38.36
N THR B 7 12.46 -5.15 39.54
CA THR B 7 12.89 -5.99 40.64
C THR B 7 12.18 -7.33 40.60
N LEU B 8 12.63 -8.25 41.46
CA LEU B 8 12.13 -9.63 41.47
C LEU B 8 10.63 -9.71 41.70
N THR B 9 9.97 -8.63 42.09
CA THR B 9 8.52 -8.62 42.21
C THR B 9 7.82 -8.05 40.97
N GLY B 10 8.58 -7.64 39.95
CA GLY B 10 8.03 -6.96 38.79
C GLY B 10 7.89 -5.46 38.93
N LYS B 11 8.00 -4.95 40.16
CA LYS B 11 7.88 -3.49 40.44
C LYS B 11 9.08 -2.74 39.86
N THR B 12 8.86 -1.50 39.46
CA THR B 12 9.94 -0.66 38.90
C THR B 12 10.48 0.29 39.97
N ILE B 13 11.79 0.26 40.19
CA ILE B 13 12.43 1.22 41.09
C ILE B 13 13.34 2.10 40.24
N THR B 14 13.55 3.35 40.64
CA THR B 14 14.54 4.17 39.96
C THR B 14 15.91 3.89 40.54
N LEU B 15 16.95 4.06 39.71
CA LEU B 15 18.33 3.94 40.15
C LEU B 15 19.13 5.11 39.60
N GLU B 16 19.96 5.69 40.47
CA GLU B 16 20.72 6.90 40.19
C GLU B 16 22.13 6.46 39.81
N VAL B 17 22.47 6.64 38.54
CA VAL B 17 23.67 6.02 37.98
C VAL B 17 24.33 6.99 37.00
N GLU B 18 25.54 6.64 36.60
CA GLU B 18 26.35 7.44 35.72
C GLU B 18 26.88 6.55 34.60
N PRO B 19 26.96 7.06 33.36
CA PRO B 19 27.51 6.26 32.26
C PRO B 19 28.81 5.57 32.61
N SER B 20 29.58 6.14 33.52
CA SER B 20 30.87 5.57 33.91
C SER B 20 30.74 4.31 34.76
N ASP B 21 29.64 4.16 35.51
CA ASP B 21 29.55 3.10 36.51
C ASP B 21 29.78 1.74 35.87
N THR B 22 30.55 0.89 36.55
CA THR B 22 30.69 -0.47 36.06
C THR B 22 29.47 -1.28 36.48
N ILE B 23 29.36 -2.51 35.97
CA ILE B 23 28.19 -3.30 36.33
C ILE B 23 28.21 -3.63 37.82
N GLU B 24 29.40 -3.81 38.41
CA GLU B 24 29.50 -3.99 39.85
C GLU B 24 28.98 -2.78 40.61
N ASN B 25 29.27 -1.57 40.13
CA ASN B 25 28.71 -0.37 40.76
C ASN B 25 27.20 -0.41 40.77
N VAL B 26 26.59 -0.78 39.65
CA VAL B 26 25.11 -0.80 39.55
C VAL B 26 24.59 -1.90 40.46
N LYS B 27 25.21 -3.08 40.40
CA LYS B 27 24.81 -4.14 41.32
C LYS B 27 24.93 -3.70 42.77
N ALA B 28 25.94 -2.89 43.09
CA ALA B 28 26.07 -2.37 44.44
C ALA B 28 24.96 -1.38 44.75
N LYS B 29 24.60 -0.54 43.78
CA LYS B 29 23.52 0.40 44.04
C LYS B 29 22.18 -0.33 44.20
N ILE B 30 21.97 -1.42 43.45
CA ILE B 30 20.75 -2.20 43.63
C ILE B 30 20.73 -2.81 45.03
N GLN B 31 21.88 -3.28 45.51
CA GLN B 31 21.93 -3.73 46.90
C GLN B 31 21.49 -2.64 47.86
N ASP B 32 22.03 -1.42 47.67
CA ASP B 32 21.69 -0.33 48.56
C ASP B 32 20.20 -0.05 48.58
N LYS B 33 19.51 -0.17 47.44
CA LYS B 33 18.09 0.20 47.42
C LYS B 33 17.15 -1.00 47.59
N GLU B 34 17.51 -2.17 47.07
CA GLU B 34 16.65 -3.35 47.12
C GLU B 34 17.15 -4.44 48.06
N GLY B 35 18.41 -4.40 48.48
CA GLY B 35 18.93 -5.35 49.45
C GLY B 35 19.49 -6.62 48.87
N ILE B 36 19.36 -6.85 47.57
CA ILE B 36 19.88 -8.09 46.98
C ILE B 36 21.40 -8.05 47.00
N PRO B 37 22.06 -9.07 47.55
CA PRO B 37 23.53 -9.17 47.44
C PRO B 37 23.99 -9.20 45.98
N PRO B 38 24.97 -8.37 45.63
CA PRO B 38 25.51 -8.41 44.25
C PRO B 38 25.82 -9.81 43.74
N ASP B 39 26.30 -10.71 44.61
CA ASP B 39 26.73 -12.03 44.15
C ASP B 39 25.59 -12.80 43.49
N GLN B 40 24.34 -12.47 43.81
CA GLN B 40 23.18 -13.18 43.28
C GLN B 40 22.48 -12.44 42.14
N GLN B 41 22.79 -11.16 41.92
CA GLN B 41 22.12 -10.39 40.88
C GLN B 41 22.59 -10.78 39.48
N ARG B 42 21.61 -10.89 38.59
CA ARG B 42 21.88 -11.02 37.14
C ARG B 42 21.01 -9.91 36.52
N LEU B 43 21.56 -9.09 35.62
CA LEU B 43 20.90 -7.93 35.06
C LEU B 43 20.70 -8.12 33.55
N ILE B 44 19.43 -8.13 33.09
CA ILE B 44 19.11 -8.33 31.68
C ILE B 44 18.73 -7.01 31.03
N PHE B 45 19.44 -6.67 29.95
CA PHE B 45 19.13 -5.46 29.14
C PHE B 45 19.19 -5.81 27.66
N ALA B 46 18.09 -5.59 26.95
CA ALA B 46 17.98 -5.86 25.50
C ALA B 46 18.59 -7.23 25.15
N GLY B 47 18.29 -8.24 25.94
CA GLY B 47 18.74 -9.61 25.62
C GLY B 47 20.15 -9.91 26.06
N LYS B 48 20.85 -8.93 26.59
CA LYS B 48 22.19 -9.19 27.10
C LYS B 48 22.14 -9.24 28.62
N GLN B 49 22.86 -10.19 29.21
CA GLN B 49 23.16 -10.12 30.62
C GLN B 49 24.37 -9.23 30.80
N LEU B 50 24.24 -8.14 31.58
CA LEU B 50 25.38 -7.23 31.75
C LEU B 50 26.52 -7.92 32.50
N GLU B 51 27.75 -7.52 32.18
CA GLU B 51 28.93 -8.22 32.64
C GLU B 51 29.71 -7.38 33.64
N ASP B 52 30.04 -7.99 34.78
CA ASP B 52 30.99 -7.38 35.69
C ASP B 52 32.23 -6.96 34.90
N GLY B 53 32.65 -5.70 35.04
CA GLY B 53 33.76 -5.16 34.28
C GLY B 53 33.38 -4.25 33.13
N ARG B 54 32.23 -4.47 32.50
CA ARG B 54 31.83 -3.52 31.48
C ARG B 54 31.20 -2.30 32.16
N THR B 55 30.89 -1.30 31.34
CA THR B 55 30.23 -0.08 31.87
C THR B 55 28.83 0.05 31.25
N LEU B 56 27.99 0.91 31.82
CA LEU B 56 26.63 1.13 31.28
C LEU B 56 26.73 1.77 29.90
N SER B 57 27.73 2.65 29.69
CA SER B 57 27.96 3.27 28.37
C SER B 57 28.25 2.18 27.32
N ASP B 58 28.95 1.13 27.73
CA ASP B 58 29.29 0.02 26.81
C ASP B 58 28.00 -0.57 26.24
N TYR B 59 26.87 -0.30 26.88
CA TYR B 59 25.64 -0.91 26.41
C TYR B 59 24.67 0.11 25.84
N ASN B 60 25.08 1.36 25.65
CA ASN B 60 24.15 2.43 25.29
C ASN B 60 22.96 2.47 26.25
N ILE B 61 23.26 2.19 27.53
CA ILE B 61 22.22 2.34 28.58
C ILE B 61 22.21 3.82 28.93
N GLN B 62 21.07 4.47 28.69
CA GLN B 62 20.96 5.91 28.95
C GLN B 62 19.86 6.15 29.98
N LYS B 63 19.36 7.36 30.02
CA LYS B 63 18.29 7.72 30.97
C LYS B 63 16.99 7.04 30.55
N GLU B 64 16.23 6.52 31.51
CA GLU B 64 14.89 5.88 31.29
C GLU B 64 15.07 4.48 30.72
N SER B 65 16.30 4.00 30.67
CA SER B 65 16.54 2.60 30.26
C SER B 65 16.10 1.69 31.40
N THR B 66 15.53 0.54 31.08
CA THR B 66 15.04 -0.42 32.06
C THR B 66 15.96 -1.63 32.09
N LEU B 67 16.43 -1.99 33.26
CA LEU B 67 17.16 -3.25 33.44
C LEU B 67 16.27 -4.23 34.17
N HIS B 68 16.45 -5.53 33.92
CA HIS B 68 15.58 -6.54 34.51
C HIS B 68 16.43 -7.42 35.39
N LEU B 69 16.08 -7.46 36.69
CA LEU B 69 16.84 -8.16 37.71
C LEU B 69 16.30 -9.59 37.86
N VAL B 70 17.21 -10.56 37.92
CA VAL B 70 16.84 -11.95 38.15
C VAL B 70 17.88 -12.63 39.03
N LEU B 71 17.49 -13.76 39.60
CA LEU B 71 18.36 -14.62 40.40
C LEU B 71 18.75 -15.84 39.57
N ARG B 72 19.14 -16.90 40.26
CA ARG B 72 19.61 -18.10 39.56
C ARG B 72 18.93 -19.35 40.08
N LEU B 73 18.35 -20.14 39.19
CA LEU B 73 17.84 -21.46 39.59
C LEU B 73 18.86 -22.44 39.00
N ARG B 74 19.80 -22.92 39.80
CA ARG B 74 20.91 -23.77 39.29
C ARG B 74 20.51 -25.23 39.14
N GLY B 75 21.18 -25.98 38.26
CA GLY B 75 20.86 -27.40 38.03
C GLY B 75 21.84 -28.07 37.10
N THR C 4 30.45 24.18 -26.02
CA THR C 4 29.49 24.36 -24.93
C THR C 4 29.43 25.84 -24.51
N GLY C 5 30.57 26.36 -24.05
CA GLY C 5 30.69 27.75 -23.65
C GLY C 5 31.00 27.93 -22.18
N TYR C 6 31.07 26.87 -21.41
CA TYR C 6 31.25 26.95 -19.96
C TYR C 6 32.50 26.19 -19.56
N VAL C 7 32.93 26.33 -18.31
CA VAL C 7 34.12 25.66 -17.84
C VAL C 7 33.76 24.81 -16.63
N GLY C 8 34.67 23.89 -16.29
CA GLY C 8 34.49 22.99 -15.18
C GLY C 8 35.17 23.48 -13.91
N LEU C 9 35.14 22.63 -12.89
CA LEU C 9 35.76 22.95 -11.60
C LEU C 9 36.73 21.84 -11.23
N LYS C 10 37.93 22.19 -10.77
CA LYS C 10 38.97 21.23 -10.47
C LYS C 10 38.53 20.41 -9.27
N ASN C 11 38.64 19.10 -9.40
CA ASN C 11 38.37 18.24 -8.23
C ASN C 11 39.62 18.34 -7.36
N GLN C 12 39.45 18.74 -6.10
CA GLN C 12 40.58 18.79 -5.16
C GLN C 12 40.93 17.36 -4.74
N GLY C 13 39.95 16.47 -4.70
CA GLY C 13 40.18 15.07 -4.32
C GLY C 13 38.91 14.28 -4.26
N ALA C 14 37.88 14.83 -3.64
CA ALA C 14 36.56 14.17 -3.53
C ALA C 14 35.46 15.23 -3.61
N THR C 15 35.78 16.42 -4.11
CA THR C 15 34.83 17.55 -4.13
C THR C 15 33.86 17.47 -5.31
N CYS C 16 33.56 16.27 -5.80
CA CYS C 16 32.55 16.10 -6.88
C CYS C 16 31.24 16.74 -6.43
N TYR C 17 30.87 16.54 -5.16
CA TYR C 17 29.62 17.09 -4.61
C TYR C 17 29.63 18.61 -4.71
N MET C 18 30.69 19.24 -4.20
CA MET C 18 30.78 20.71 -4.21
C MET C 18 30.69 21.19 -5.65
N ASN C 19 31.46 20.59 -6.55
CA ASN C 19 31.47 21.02 -7.95
C ASN C 19 30.04 20.91 -8.51
N SER C 20 29.36 19.79 -8.32
CA SER C 20 28.02 19.69 -8.91
C SER C 20 27.06 20.69 -8.28
N LEU C 21 27.17 20.91 -6.96
CA LEU C 21 26.34 21.94 -6.35
C LEU C 21 26.71 23.32 -6.88
N LEU C 22 28.02 23.61 -6.96
CA LEU C 22 28.47 24.94 -7.33
C LEU C 22 27.98 25.33 -8.72
N GLN C 23 27.99 24.38 -9.64
CA GLN C 23 27.52 24.67 -10.99
C GLN C 23 26.01 24.85 -11.01
N THR C 24 25.28 23.94 -10.35
CA THR C 24 23.84 24.14 -10.13
C THR C 24 23.57 25.56 -9.63
N LEU C 25 24.31 25.99 -8.59
CA LEU C 25 24.01 27.29 -8.01
C LEU C 25 24.49 28.44 -8.89
N PHE C 26 25.65 28.31 -9.54
CA PHE C 26 26.12 29.39 -10.39
C PHE C 26 25.12 29.69 -11.49
N PHE C 27 24.46 28.64 -11.99
CA PHE C 27 23.51 28.80 -13.10
C PHE C 27 22.14 29.26 -12.59
N THR C 28 21.97 29.46 -11.30
CA THR C 28 20.73 30.12 -10.80
C THR C 28 21.14 31.59 -10.90
N ASN C 29 21.07 32.17 -12.09
CA ASN C 29 21.60 33.52 -12.38
C ASN C 29 21.19 34.58 -11.34
N GLN C 30 19.93 34.59 -10.93
CA GLN C 30 19.44 35.61 -9.96
C GLN C 30 20.26 35.49 -8.68
N LEU C 31 20.53 34.27 -8.23
CA LEU C 31 21.35 34.04 -7.03
C LEU C 31 22.78 34.48 -7.34
N ARG C 32 23.31 34.10 -8.49
CA ARG C 32 24.66 34.57 -8.80
C ARG C 32 24.76 36.08 -8.62
N LYS C 33 23.87 36.83 -9.29
CA LYS C 33 23.90 38.29 -9.23
C LYS C 33 23.88 38.78 -7.78
N ALA C 34 23.10 38.12 -6.93
CA ALA C 34 22.97 38.60 -5.57
C ALA C 34 24.22 38.32 -4.74
N VAL C 35 24.85 37.16 -4.99
CA VAL C 35 26.13 36.87 -4.33
C VAL C 35 27.18 37.92 -4.72
N TYR C 36 27.20 38.30 -6.01
CA TYR C 36 28.13 39.33 -6.48
C TYR C 36 27.96 40.63 -5.68
N MET C 37 26.72 41.05 -5.43
CA MET C 37 26.46 42.34 -4.80
C MET C 37 26.47 42.28 -3.29
N MET C 38 26.96 41.20 -2.70
CA MET C 38 27.02 41.14 -1.24
C MET C 38 28.18 41.97 -0.73
N PRO C 39 27.96 42.86 0.23
CA PRO C 39 29.08 43.65 0.78
C PRO C 39 30.09 42.76 1.49
N THR C 40 31.35 42.91 1.11
CA THR C 40 32.48 42.16 1.67
C THR C 40 33.77 42.98 1.55
N SER C 46 40.79 34.78 2.19
CA SER C 46 39.38 34.31 2.13
C SER C 46 38.97 33.67 3.46
N LYS C 47 38.26 34.43 4.29
CA LYS C 47 37.75 33.91 5.55
C LYS C 47 36.23 34.00 5.66
N SER C 48 35.52 34.14 4.54
CA SER C 48 34.07 34.14 4.52
C SER C 48 33.60 33.35 3.31
N VAL C 49 32.46 32.68 3.46
CA VAL C 49 31.92 31.85 2.37
C VAL C 49 31.38 32.71 1.22
N PRO C 50 30.68 33.82 1.46
CA PRO C 50 30.23 34.62 0.30
C PRO C 50 31.37 35.12 -0.55
N LEU C 51 32.50 35.51 0.06
CA LEU C 51 33.66 35.92 -0.74
C LEU C 51 34.13 34.79 -1.64
N ALA C 52 34.23 33.60 -1.07
CA ALA C 52 34.65 32.43 -1.88
C ALA C 52 33.66 32.21 -3.01
N LEU C 53 32.37 32.17 -2.71
CA LEU C 53 31.36 31.98 -3.76
C LEU C 53 31.56 33.05 -4.82
N GLN C 54 31.86 34.28 -4.39
CA GLN C 54 32.09 35.38 -5.33
C GLN C 54 33.25 35.06 -6.26
N ARG C 55 34.43 34.77 -5.68
CA ARG C 55 35.57 34.32 -6.47
C ARG C 55 35.18 33.18 -7.41
N VAL C 56 34.53 32.16 -6.88
CA VAL C 56 34.23 30.97 -7.72
C VAL C 56 33.28 31.37 -8.85
N PHE C 57 32.26 32.17 -8.55
CA PHE C 57 31.30 32.47 -9.60
C PHE C 57 31.95 33.32 -10.69
N TYR C 58 32.73 34.33 -10.28
CA TYR C 58 33.48 35.14 -11.24
C TYR C 58 34.41 34.27 -12.10
N GLU C 59 35.20 33.42 -11.44
CA GLU C 59 36.14 32.61 -12.20
C GLU C 59 35.43 31.55 -13.03
N LEU C 60 34.24 31.14 -12.61
CA LEU C 60 33.45 30.21 -13.46
C LEU C 60 32.92 31.00 -14.66
N GLN C 61 32.87 32.34 -14.56
CA GLN C 61 32.28 33.16 -15.66
C GLN C 61 33.36 33.70 -16.60
N HIS C 62 34.56 33.98 -16.08
CA HIS C 62 35.56 34.59 -16.96
C HIS C 62 36.69 33.65 -17.35
N SER C 63 37.19 32.83 -16.43
CA SER C 63 38.35 32.00 -16.71
C SER C 63 38.04 30.99 -17.81
N ASP C 64 39.10 30.48 -18.45
CA ASP C 64 38.96 29.50 -19.56
C ASP C 64 39.48 28.11 -19.13
N LYS C 65 40.40 28.05 -18.17
CA LYS C 65 40.86 26.78 -17.62
C LYS C 65 39.99 26.40 -16.43
N PRO C 66 39.89 25.10 -16.12
CA PRO C 66 39.06 24.66 -14.99
C PRO C 66 39.36 25.40 -13.69
N VAL C 67 38.30 25.86 -13.03
CA VAL C 67 38.33 26.76 -11.88
C VAL C 67 38.55 25.98 -10.59
N GLY C 68 39.39 26.53 -9.70
CA GLY C 68 39.67 25.86 -8.44
C GLY C 68 38.82 26.36 -7.27
N THR C 69 38.76 25.55 -6.21
CA THR C 69 37.88 25.82 -5.07
C THR C 69 38.63 25.88 -3.75
N LYS C 70 39.96 26.09 -3.79
CA LYS C 70 40.78 26.06 -2.60
C LYS C 70 40.25 27.00 -1.51
N LYS C 71 40.07 28.28 -1.86
CA LYS C 71 39.65 29.29 -0.88
C LYS C 71 38.31 28.94 -0.23
N LEU C 72 37.39 28.34 -0.98
CA LEU C 72 36.05 27.96 -0.43
C LEU C 72 36.23 26.97 0.73
N THR C 73 37.02 25.93 0.52
CA THR C 73 37.16 24.89 1.57
C THR C 73 37.82 25.51 2.80
N LYS C 74 38.73 26.46 2.58
CA LYS C 74 39.40 27.15 3.71
C LYS C 74 38.38 28.02 4.45
N SER C 75 37.44 28.62 3.71
CA SER C 75 36.40 29.49 4.34
C SER C 75 35.51 28.64 5.24
N PHE C 76 35.37 27.36 4.95
CA PHE C 76 34.57 26.45 5.79
C PHE C 76 35.31 26.22 7.10
N GLY C 77 36.62 26.42 7.11
CA GLY C 77 37.44 26.12 8.29
C GLY C 77 37.99 24.72 8.16
N TRP C 78 38.45 24.37 6.96
CA TRP C 78 38.87 22.97 6.70
C TRP C 78 40.35 22.84 6.38
N GLU C 79 40.95 21.75 6.83
CA GLU C 79 42.31 21.39 6.43
C GLU C 79 42.25 20.66 5.10
N THR C 80 43.40 20.58 4.42
CA THR C 80 43.44 19.98 3.09
C THR C 80 42.92 18.53 3.10
N LEU C 81 43.14 17.78 4.19
CA LEU C 81 42.64 16.42 4.24
C LEU C 81 41.12 16.38 4.21
N ASP C 82 40.47 17.40 4.80
CA ASP C 82 39.02 17.48 4.80
C ASP C 82 38.47 17.51 3.39
N SER C 83 39.28 17.93 2.43
CA SER C 83 38.88 18.03 1.04
C SER C 83 38.98 16.68 0.30
N PHE C 84 39.13 15.60 1.05
CA PHE C 84 39.30 14.26 0.41
C PHE C 84 38.21 13.31 0.90
N MET C 85 37.28 13.80 1.71
CA MET C 85 36.13 12.96 2.16
C MET C 85 34.95 13.18 1.21
N GLN C 86 34.24 12.10 0.88
CA GLN C 86 33.07 12.18 -0.01
C GLN C 86 31.85 12.64 0.78
N HIS C 87 31.09 13.61 0.25
CA HIS C 87 29.94 14.13 0.98
C HIS C 87 28.66 14.12 0.13
N ASP C 88 27.56 14.49 0.80
CA ASP C 88 26.22 14.48 0.22
C ASP C 88 25.91 15.86 -0.35
N VAL C 89 25.43 15.90 -1.58
CA VAL C 89 25.30 17.19 -2.22
C VAL C 89 24.17 18.00 -1.59
N GLN C 90 23.06 17.37 -1.26
CA GLN C 90 21.92 18.11 -0.65
C GLN C 90 22.30 18.58 0.76
N GLU C 91 23.10 17.79 1.47
CA GLU C 91 23.55 18.30 2.77
C GLU C 91 24.39 19.56 2.61
N LEU C 92 25.22 19.61 1.57
CA LEU C 92 25.98 20.82 1.35
C LEU C 92 25.05 21.98 0.99
N CYS C 93 23.99 21.69 0.22
CA CYS C 93 23.07 22.73 -0.21
C CYS C 93 22.34 23.37 0.96
N ARG C 94 21.90 22.55 1.92
CA ARG C 94 21.24 23.10 3.09
C ARG C 94 22.18 23.99 3.90
N VAL C 95 23.39 23.51 4.20
CA VAL C 95 24.27 24.33 5.01
C VAL C 95 24.79 25.52 4.21
N LEU C 96 25.07 25.33 2.92
CA LEU C 96 25.62 26.45 2.16
C LEU C 96 24.61 27.58 2.03
N LEU C 97 23.39 27.29 1.58
CA LEU C 97 22.41 28.36 1.37
C LEU C 97 22.09 29.08 2.68
N ASP C 98 21.89 28.32 3.76
CA ASP C 98 21.62 28.93 5.06
C ASP C 98 22.72 29.90 5.45
N ASN C 99 23.98 29.48 5.33
CA ASN C 99 25.10 30.36 5.62
C ASN C 99 25.02 31.63 4.77
N VAL C 100 24.83 31.49 3.47
CA VAL C 100 24.72 32.65 2.59
C VAL C 100 23.50 33.49 2.96
N GLU C 101 22.37 32.82 3.26
CA GLU C 101 21.14 33.54 3.58
C GLU C 101 21.32 34.47 4.77
N ASN C 102 21.94 33.98 5.86
CA ASN C 102 22.30 34.86 6.95
C ASN C 102 23.21 36.00 6.48
N LYS C 103 24.30 35.67 5.81
CA LYS C 103 25.28 36.70 5.45
C LYS C 103 24.69 37.76 4.53
N MET C 104 23.57 37.50 3.89
CA MET C 104 22.88 38.54 3.13
C MET C 104 21.93 39.37 4.01
N LYS C 105 21.80 39.03 5.29
CA LYS C 105 20.88 39.79 6.13
C LYS C 105 21.47 41.14 6.51
N GLY C 106 20.64 42.17 6.44
CA GLY C 106 21.12 43.52 6.67
C GLY C 106 21.80 44.14 5.49
N THR C 107 21.54 43.59 4.30
CA THR C 107 22.16 44.08 3.05
C THR C 107 21.07 44.29 2.00
N CYS C 108 21.42 44.79 0.82
CA CYS C 108 20.43 45.09 -0.25
C CYS C 108 19.93 43.79 -0.91
N VAL C 109 20.46 42.65 -0.47
CA VAL C 109 20.07 41.35 -1.10
C VAL C 109 19.46 40.44 -0.04
N GLU C 110 19.11 40.98 1.13
CA GLU C 110 18.42 40.18 2.14
C GLU C 110 17.16 39.58 1.54
N GLY C 111 16.95 38.29 1.80
CA GLY C 111 15.76 37.60 1.34
C GLY C 111 15.81 37.01 -0.05
N THR C 112 16.96 37.01 -0.72
CA THR C 112 17.02 36.50 -2.11
C THR C 112 16.82 34.98 -2.09
N ILE C 113 17.57 34.28 -1.26
CA ILE C 113 17.46 32.79 -1.16
C ILE C 113 16.01 32.40 -0.82
N PRO C 114 15.33 32.95 0.21
CA PRO C 114 13.91 32.62 0.43
C PRO C 114 12.99 32.96 -0.75
N LYS C 115 13.23 34.08 -1.43
CA LYS C 115 12.37 34.50 -2.56
C LYS C 115 12.50 33.49 -3.69
N LEU C 116 13.64 32.82 -3.77
CA LEU C 116 13.90 31.88 -4.87
C LEU C 116 13.65 30.43 -4.47
N PHE C 117 13.88 30.08 -3.20
CA PHE C 117 13.86 28.66 -2.85
C PHE C 117 12.81 28.25 -1.82
N ARG C 118 12.17 29.18 -1.11
CA ARG C 118 11.30 28.80 -0.01
C ARG C 118 9.85 28.68 -0.45
N GLY C 119 9.20 27.58 -0.05
CA GLY C 119 7.78 27.40 -0.18
C GLY C 119 7.14 27.20 1.19
N LYS C 120 5.82 26.98 1.17
CA LYS C 120 5.09 26.71 2.41
C LYS C 120 4.11 25.57 2.21
N MET C 121 4.10 24.68 3.20
CA MET C 121 3.20 23.51 3.20
C MET C 121 2.14 23.67 4.30
N VAL C 122 1.03 22.94 4.18
CA VAL C 122 0.01 22.91 5.26
C VAL C 122 -0.08 21.48 5.75
N SER C 123 -0.12 21.27 7.05
CA SER C 123 -0.34 19.91 7.58
C SER C 123 -1.66 19.88 8.35
N TYR C 124 -2.63 19.09 7.87
CA TYR C 124 -3.91 18.96 8.54
C TYR C 124 -3.88 17.69 9.36
N ILE C 125 -4.32 17.77 10.61
CA ILE C 125 -4.54 16.60 11.45
C ILE C 125 -5.98 16.64 11.94
N GLN C 126 -6.71 15.54 11.71
CA GLN C 126 -8.06 15.38 12.22
C GLN C 126 -8.19 14.05 12.95
N CYS C 127 -8.75 14.11 14.16
CA CYS C 127 -8.97 12.88 14.96
C CYS C 127 -10.09 12.07 14.33
N LYS C 128 -10.07 10.75 14.49
CA LYS C 128 -11.07 9.91 13.81
C LYS C 128 -12.26 9.59 14.72
N GLU C 129 -12.12 9.75 16.03
CA GLU C 129 -13.21 9.33 16.95
C GLU C 129 -13.73 10.52 17.76
N VAL C 130 -12.92 11.53 18.01
CA VAL C 130 -13.39 12.73 18.69
C VAL C 130 -13.33 13.86 17.66
N ASP C 131 -13.97 14.97 17.98
CA ASP C 131 -14.00 16.12 17.09
C ASP C 131 -12.87 17.07 17.50
N TYR C 132 -11.67 16.75 17.01
CA TYR C 132 -10.48 17.58 17.29
C TYR C 132 -9.72 17.70 15.97
N ARG C 133 -9.37 18.92 15.60
CA ARG C 133 -8.68 19.18 14.35
C ARG C 133 -7.54 20.13 14.62
N SER C 134 -6.51 20.09 13.79
CA SER C 134 -5.36 20.95 14.00
C SER C 134 -4.61 21.17 12.68
N ASP C 135 -4.09 22.39 12.54
CA ASP C 135 -3.41 22.82 11.29
C ASP C 135 -2.03 23.39 11.61
N ARG C 136 -1.06 23.27 10.71
CA ARG C 136 0.29 23.84 10.91
C ARG C 136 0.92 24.21 9.55
N ARG C 137 1.43 25.43 9.45
CA ARG C 137 2.06 25.91 8.20
C ARG C 137 3.57 26.01 8.42
N GLU C 138 4.33 25.28 7.62
CA GLU C 138 5.80 25.23 7.80
C GLU C 138 6.51 25.58 6.50
N ASP C 139 7.58 26.32 6.62
CA ASP C 139 8.39 26.68 5.44
C ASP C 139 9.22 25.49 5.00
N TYR C 140 9.63 25.47 3.73
CA TYR C 140 10.54 24.42 3.23
C TYR C 140 11.45 25.06 2.19
N TYR C 141 12.67 24.57 2.07
CA TYR C 141 13.50 25.06 0.98
C TYR C 141 13.78 24.00 -0.06
N ASP C 142 13.29 22.78 0.16
CA ASP C 142 13.38 21.67 -0.78
C ASP C 142 12.35 20.64 -0.35
N ILE C 143 12.11 19.66 -1.22
CA ILE C 143 11.16 18.59 -0.96
C ILE C 143 11.86 17.23 -1.01
N GLN C 144 11.66 16.43 0.04
CA GLN C 144 12.01 15.01 0.05
C GLN C 144 10.91 14.17 -0.62
N LEU C 145 11.26 13.48 -1.70
CA LEU C 145 10.30 12.67 -2.45
C LEU C 145 10.63 11.21 -2.29
N SER C 146 9.63 10.40 -1.99
CA SER C 146 9.85 8.95 -1.83
C SER C 146 9.98 8.27 -3.19
N ILE C 147 10.84 7.25 -3.29
CA ILE C 147 11.14 6.58 -4.59
C ILE C 147 10.65 5.13 -4.59
N LYS C 148 10.95 4.37 -3.54
CA LYS C 148 10.61 2.95 -3.49
C LYS C 148 9.14 2.70 -3.81
N GLY C 149 8.88 1.87 -4.82
CA GLY C 149 7.53 1.54 -5.19
C GLY C 149 6.79 2.60 -5.97
N LYS C 150 7.47 3.69 -6.33
CA LYS C 150 6.87 4.76 -7.12
C LYS C 150 7.61 4.85 -8.45
N LYS C 151 6.93 4.45 -9.53
CA LYS C 151 7.60 4.40 -10.82
C LYS C 151 7.92 5.79 -11.35
N ASN C 152 7.23 6.83 -10.87
CA ASN C 152 7.46 8.15 -11.44
C ASN C 152 7.22 9.24 -10.39
N ILE C 153 7.62 10.46 -10.76
CA ILE C 153 7.54 11.56 -9.80
C ILE C 153 6.10 11.90 -9.48
N PHE C 154 5.18 11.65 -10.39
CA PHE C 154 3.75 11.95 -10.15
C PHE C 154 3.23 10.96 -9.11
N GLU C 155 3.60 9.68 -9.21
CA GLU C 155 3.23 8.77 -8.12
C GLU C 155 3.77 9.28 -6.81
N SER C 156 4.95 9.89 -6.85
CA SER C 156 5.61 10.26 -5.62
C SER C 156 4.93 11.45 -4.98
N PHE C 157 4.58 12.45 -5.80
CA PHE C 157 3.85 13.61 -5.29
C PHE C 157 2.48 13.23 -4.74
N VAL C 158 1.75 12.39 -5.47
CA VAL C 158 0.45 11.91 -4.98
C VAL C 158 0.61 11.27 -3.61
N ASP C 159 1.64 10.43 -3.45
CA ASP C 159 1.95 9.88 -2.15
C ASP C 159 2.23 10.98 -1.14
N TYR C 160 3.00 12.00 -1.56
CA TYR C 160 3.36 13.07 -0.63
C TYR C 160 2.14 13.73 -0.02
N VAL C 161 1.05 13.83 -0.78
CA VAL C 161 -0.14 14.54 -0.31
C VAL C 161 -1.26 13.60 0.11
N ALA C 162 -1.05 12.29 0.04
CA ALA C 162 -2.09 11.36 0.46
C ALA C 162 -2.29 11.38 1.97
N VAL C 163 -3.48 10.98 2.38
CA VAL C 163 -3.83 10.98 3.80
C VAL C 163 -3.18 9.80 4.52
N GLU C 164 -2.78 10.05 5.75
CA GLU C 164 -2.07 9.03 6.54
C GLU C 164 -2.78 8.78 7.86
N GLN C 165 -2.75 7.56 8.35
CA GLN C 165 -3.30 7.19 9.64
C GLN C 165 -2.24 7.35 10.72
N LEU C 166 -2.64 7.92 11.85
CA LEU C 166 -1.82 8.01 13.06
C LEU C 166 -2.42 7.04 14.08
N ASP C 167 -1.93 5.79 14.07
CA ASP C 167 -2.50 4.75 14.94
C ASP C 167 -1.44 4.14 15.85
N GLY C 168 -1.88 3.40 16.87
CA GLY C 168 -0.95 2.65 17.74
C GLY C 168 0.14 3.46 18.40
N ASP C 169 1.39 3.19 18.04
CA ASP C 169 2.54 3.89 18.68
C ASP C 169 2.63 5.29 18.10
N ASN C 170 1.68 5.66 17.27
CA ASN C 170 1.78 6.95 16.60
C ASN C 170 0.47 7.70 16.68
N LYS C 171 -0.32 7.45 17.71
CA LYS C 171 -1.51 8.24 17.93
C LYS C 171 -1.12 9.69 18.16
N TYR C 172 -2.05 10.59 17.85
CA TYR C 172 -1.84 12.02 17.94
C TYR C 172 -2.26 12.53 19.32
N ASP C 173 -1.48 13.42 19.90
CA ASP C 173 -1.83 14.01 21.21
C ASP C 173 -2.91 15.06 21.01
N ALA C 174 -4.16 14.73 21.36
CA ALA C 174 -5.29 15.68 21.20
C ALA C 174 -5.56 16.44 22.50
N GLY C 175 -4.52 16.85 23.21
CA GLY C 175 -4.67 17.63 24.45
C GLY C 175 -5.61 17.00 25.45
N GLU C 176 -6.78 17.61 25.63
CA GLU C 176 -7.75 17.13 26.64
C GLU C 176 -8.26 15.75 26.26
N HIS C 177 -8.14 15.37 24.99
CA HIS C 177 -8.60 14.03 24.65
C HIS C 177 -7.50 12.98 24.79
N GLY C 178 -6.30 13.38 25.21
CA GLY C 178 -5.23 12.43 25.22
C GLY C 178 -4.92 11.91 23.81
N LEU C 179 -4.13 10.85 23.78
CA LEU C 179 -3.67 10.29 22.51
C LEU C 179 -4.84 9.68 21.76
N GLN C 180 -4.91 9.94 20.45
CA GLN C 180 -6.10 9.67 19.66
C GLN C 180 -5.72 9.17 18.27
N GLU C 181 -6.49 8.23 17.76
CA GLU C 181 -6.33 7.86 16.36
C GLU C 181 -6.69 9.07 15.50
N ALA C 182 -5.80 9.36 14.55
CA ALA C 182 -6.02 10.55 13.71
C ALA C 182 -5.68 10.29 12.25
N GLU C 183 -5.92 11.30 11.42
CA GLU C 183 -5.58 11.24 9.99
C GLU C 183 -4.74 12.49 9.72
N LYS C 184 -3.60 12.35 9.08
CA LYS C 184 -2.71 13.50 8.80
C LYS C 184 -2.65 13.72 7.30
N GLY C 185 -2.51 14.97 6.89
CA GLY C 185 -2.42 15.28 5.48
C GLY C 185 -1.65 16.54 5.17
N VAL C 186 -0.78 16.50 4.16
CA VAL C 186 0.03 17.64 3.77
C VAL C 186 -0.41 18.09 2.38
N LYS C 187 -0.46 19.40 2.17
CA LYS C 187 -0.58 19.97 0.83
C LYS C 187 0.37 21.14 0.76
N PHE C 188 0.68 21.59 -0.44
CA PHE C 188 1.55 22.73 -0.61
C PHE C 188 0.71 24.00 -0.66
N LEU C 189 1.12 25.02 0.09
CA LEU C 189 0.45 26.30 -0.10
C LEU C 189 1.08 27.06 -1.25
N THR C 190 2.41 27.05 -1.32
CA THR C 190 3.15 27.63 -2.43
C THR C 190 4.28 26.69 -2.84
N LEU C 191 4.68 26.81 -4.10
CA LEU C 191 5.84 26.20 -4.68
C LEU C 191 6.81 27.30 -5.12
N PRO C 192 8.09 27.16 -4.85
CA PRO C 192 9.01 28.29 -5.04
C PRO C 192 9.34 28.50 -6.50
N PRO C 193 9.92 29.66 -6.85
CA PRO C 193 10.44 29.85 -8.23
C PRO C 193 11.44 28.80 -8.65
N VAL C 194 12.30 28.38 -7.72
CA VAL C 194 13.31 27.36 -7.96
C VAL C 194 13.05 26.20 -7.01
N LEU C 195 12.70 25.07 -7.61
CA LEU C 195 12.27 23.88 -6.84
C LEU C 195 13.40 22.87 -6.73
N HIS C 196 13.88 22.65 -5.53
CA HIS C 196 14.88 21.62 -5.27
C HIS C 196 14.17 20.37 -4.78
N LEU C 197 14.30 19.26 -5.53
CA LEU C 197 13.66 18.00 -5.17
C LEU C 197 14.74 16.99 -4.78
N GLN C 198 14.69 16.49 -3.54
CA GLN C 198 15.64 15.46 -3.06
C GLN C 198 14.99 14.09 -3.17
N LEU C 199 15.58 13.18 -3.93
CA LEU C 199 14.99 11.84 -4.13
C LEU C 199 15.56 10.91 -3.07
N MET C 200 14.67 10.31 -2.28
CA MET C 200 15.06 9.44 -1.15
C MET C 200 15.52 8.06 -1.65
N ARG C 201 16.72 8.01 -2.21
CA ARG C 201 17.28 6.75 -2.73
C ARG C 201 18.12 6.09 -1.63
N PHE C 202 17.52 5.89 -0.46
CA PHE C 202 18.20 5.20 0.67
C PHE C 202 17.16 4.49 1.54
N MET C 203 17.54 3.39 2.18
CA MET C 203 16.61 2.61 3.04
C MET C 203 17.39 1.86 4.12
N TYR C 204 16.69 1.24 5.08
CA TYR C 204 17.35 0.50 6.16
C TYR C 204 17.17 -1.00 5.98
N THR C 208 20.11 -6.91 7.81
CA THR C 208 21.47 -6.45 8.19
C THR C 208 21.35 -5.33 9.23
N ASP C 209 22.34 -4.47 9.33
CA ASP C 209 22.27 -3.31 10.24
C ASP C 209 22.85 -2.12 9.51
N GLN C 210 22.61 -2.00 8.21
CA GLN C 210 23.22 -0.93 7.43
C GLN C 210 22.19 -0.33 6.46
N ASN C 211 22.55 0.80 5.85
CA ASN C 211 21.68 1.50 4.91
C ASN C 211 22.26 1.41 3.51
N ILE C 212 21.42 1.16 2.50
CA ILE C 212 21.90 0.97 1.14
C ILE C 212 21.23 1.96 0.20
N LYS C 213 21.90 2.24 -0.91
CA LYS C 213 21.31 3.09 -1.92
C LYS C 213 20.20 2.34 -2.67
N ILE C 214 19.15 3.06 -3.03
CA ILE C 214 18.12 2.56 -3.93
C ILE C 214 18.42 3.05 -5.33
N ASN C 215 18.48 2.10 -6.28
CA ASN C 215 18.80 2.42 -7.69
C ASN C 215 17.62 2.03 -8.58
N ASP C 216 16.41 2.01 -8.04
CA ASP C 216 15.20 1.61 -8.80
C ASP C 216 14.86 2.60 -9.91
N ARG C 217 14.01 2.18 -10.85
CA ARG C 217 13.59 3.07 -11.97
C ARG C 217 12.62 4.11 -11.46
N PHE C 218 12.97 5.38 -11.63
CA PHE C 218 12.14 6.47 -11.17
C PHE C 218 12.09 7.53 -12.26
N GLU C 219 10.93 7.67 -12.90
CA GLU C 219 10.75 8.52 -14.06
C GLU C 219 10.40 9.94 -13.65
N PHE C 220 11.02 10.91 -14.32
CA PHE C 220 10.72 12.31 -14.08
C PHE C 220 10.69 13.08 -15.40
N PRO C 221 9.79 14.07 -15.54
CA PRO C 221 9.64 14.69 -16.82
C PRO C 221 10.45 15.96 -17.07
N GLU C 222 10.54 16.29 -18.34
CA GLU C 222 11.16 17.56 -18.71
C GLU C 222 10.27 18.73 -18.30
N GLN C 223 8.95 18.51 -18.21
CA GLN C 223 8.01 19.52 -17.77
C GLN C 223 7.16 18.94 -16.65
N LEU C 224 7.01 19.69 -15.57
CA LEU C 224 6.42 19.19 -14.35
C LEU C 224 5.22 20.04 -13.98
N PRO C 225 3.96 19.65 -14.35
CA PRO C 225 2.77 20.35 -13.89
C PRO C 225 2.44 19.97 -12.44
N LEU C 226 2.39 20.97 -11.56
CA LEU C 226 2.20 20.68 -10.14
C LEU C 226 0.91 21.28 -9.55
N ASP C 227 0.02 21.82 -10.38
CA ASP C 227 -1.18 22.51 -9.86
C ASP C 227 -2.06 21.58 -9.02
N GLU C 228 -2.17 20.30 -9.38
CA GLU C 228 -2.97 19.34 -8.60
C GLU C 228 -2.48 19.17 -7.16
N PHE C 229 -1.32 19.71 -6.77
CA PHE C 229 -0.79 19.47 -5.43
C PHE C 229 -0.78 20.73 -4.57
N LEU C 230 -1.33 21.84 -5.06
CA LEU C 230 -1.45 23.00 -4.19
C LEU C 230 -2.82 23.00 -3.52
N GLN C 231 -2.90 23.74 -2.41
CA GLN C 231 -4.19 23.96 -1.77
C GLN C 231 -5.08 24.87 -2.63
N LYS C 232 -4.49 25.81 -3.35
CA LYS C 232 -5.24 26.69 -4.24
C LYS C 232 -4.40 27.04 -5.46
N THR C 233 -4.96 26.82 -6.65
CA THR C 233 -4.24 27.19 -7.87
C THR C 233 -4.49 28.66 -8.19
N ASP C 234 -3.65 29.19 -9.08
CA ASP C 234 -3.73 30.58 -9.52
C ASP C 234 -3.79 30.59 -11.04
N PRO C 235 -4.96 30.82 -11.64
CA PRO C 235 -5.07 30.70 -13.12
C PRO C 235 -4.17 31.66 -13.88
N LYS C 236 -3.65 32.67 -13.20
CA LYS C 236 -2.70 33.59 -13.88
C LYS C 236 -1.26 33.05 -13.81
N ASP C 237 -1.01 32.02 -12.98
CA ASP C 237 0.35 31.52 -12.80
C ASP C 237 0.31 30.06 -12.39
N PRO C 238 -0.04 29.16 -13.31
CA PRO C 238 -0.10 27.74 -12.97
C PRO C 238 1.27 27.22 -12.60
N ALA C 239 1.28 26.20 -11.75
CA ALA C 239 2.54 25.64 -11.23
C ALA C 239 3.17 24.67 -12.23
N ASN C 240 3.53 25.19 -13.40
CA ASN C 240 4.23 24.43 -14.45
C ASN C 240 5.72 24.65 -14.31
N TYR C 241 6.45 23.55 -14.16
CA TYR C 241 7.90 23.65 -13.87
C TYR C 241 8.75 23.09 -15.00
N ILE C 242 9.85 23.77 -15.32
CA ILE C 242 10.78 23.32 -16.39
C ILE C 242 12.05 22.75 -15.75
N LEU C 243 12.46 21.55 -16.17
CA LEU C 243 13.70 20.91 -15.65
C LEU C 243 14.93 21.76 -15.99
N HIS C 244 15.78 22.00 -15.00
CA HIS C 244 17.01 22.82 -15.20
C HIS C 244 18.23 21.95 -14.91
N ALA C 245 18.22 21.17 -13.82
CA ALA C 245 19.42 20.42 -13.47
C ALA C 245 19.04 19.04 -12.93
N VAL C 246 19.91 18.07 -13.23
CA VAL C 246 19.72 16.67 -12.75
C VAL C 246 21.03 16.28 -12.07
N LEU C 247 21.08 16.39 -10.75
CA LEU C 247 22.31 16.07 -9.98
C LEU C 247 22.40 14.55 -9.85
N VAL C 248 23.39 13.95 -10.51
CA VAL C 248 23.47 12.47 -10.61
C VAL C 248 24.52 11.87 -9.69
N HIS C 249 24.16 10.77 -9.06
CA HIS C 249 25.04 10.05 -8.17
C HIS C 249 25.32 8.64 -8.72
N SER C 250 26.57 8.20 -8.56
CA SER C 250 26.96 6.86 -9.03
C SER C 250 27.68 6.14 -7.91
N GLY C 251 27.27 4.92 -7.56
CA GLY C 251 27.99 4.14 -6.56
C GLY C 251 27.11 3.55 -5.47
N ASP C 252 27.60 3.52 -4.24
CA ASP C 252 26.82 3.01 -3.09
C ASP C 252 26.55 4.15 -2.10
N ASN C 253 26.05 3.81 -0.91
CA ASN C 253 25.71 4.86 0.09
C ASN C 253 26.98 5.41 0.70
N HIS C 254 28.01 4.57 0.87
CA HIS C 254 29.25 5.00 1.56
C HIS C 254 30.17 5.80 0.62
N GLY C 255 29.94 5.75 -0.69
CA GLY C 255 30.88 6.44 -1.60
C GLY C 255 30.50 6.35 -3.06
N GLY C 256 31.02 7.27 -3.86
CA GLY C 256 30.78 7.23 -5.31
C GLY C 256 31.17 8.51 -6.01
N HIS C 257 30.46 8.82 -7.10
CA HIS C 257 30.80 10.03 -7.88
C HIS C 257 29.57 10.90 -8.13
N TYR C 258 29.79 12.19 -8.25
CA TYR C 258 28.70 13.16 -8.47
C TYR C 258 28.92 14.05 -9.68
N VAL C 259 27.98 14.03 -10.63
CA VAL C 259 27.95 14.95 -11.75
C VAL C 259 26.58 15.62 -11.76
N VAL C 260 26.47 16.66 -12.60
CA VAL C 260 25.17 17.36 -12.79
C VAL C 260 24.94 17.61 -14.29
N TYR C 261 23.75 17.28 -14.80
CA TYR C 261 23.40 17.65 -16.18
C TYR C 261 22.60 18.95 -16.07
N LEU C 262 22.97 19.98 -16.84
CA LEU C 262 22.30 21.29 -16.70
C LEU C 262 21.96 21.89 -18.07
N ASN C 263 20.79 22.49 -18.22
CA ASN C 263 20.46 23.29 -19.44
C ASN C 263 20.46 24.73 -18.94
N PRO C 264 21.64 25.39 -18.81
CA PRO C 264 21.72 26.69 -18.16
C PRO C 264 20.73 27.78 -18.62
N LYS C 265 20.36 27.79 -19.88
CA LYS C 265 19.49 28.87 -20.42
C LYS C 265 18.02 28.47 -20.33
N GLY C 266 17.74 27.19 -20.11
CA GLY C 266 16.34 26.72 -20.05
C GLY C 266 15.84 26.39 -21.44
N ASP C 267 16.72 26.44 -22.43
CA ASP C 267 16.33 26.19 -23.84
C ASP C 267 16.43 24.72 -24.18
N GLY C 268 16.73 23.86 -23.22
CA GLY C 268 16.96 22.48 -23.59
C GLY C 268 18.29 22.23 -24.25
N LYS C 269 19.22 23.18 -24.19
CA LYS C 269 20.60 22.94 -24.64
C LYS C 269 21.37 22.39 -23.45
N TRP C 270 21.52 21.07 -23.39
CA TRP C 270 22.03 20.38 -22.20
C TRP C 270 23.53 20.13 -22.28
N CYS C 271 24.18 20.19 -21.12
CA CYS C 271 25.59 19.81 -20.98
C CYS C 271 25.77 18.98 -19.72
N LYS C 272 26.80 18.12 -19.74
CA LYS C 272 27.25 17.35 -18.58
C LYS C 272 28.46 18.02 -17.95
N PHE C 273 28.34 18.39 -16.68
CA PHE C 273 29.44 18.97 -15.90
C PHE C 273 29.95 17.88 -14.97
N ASP C 274 31.15 17.38 -15.29
CA ASP C 274 31.81 16.33 -14.47
C ASP C 274 33.13 16.92 -14.01
N ASP C 275 33.09 17.66 -12.91
CA ASP C 275 34.31 18.30 -12.37
C ASP C 275 34.98 19.12 -13.48
N ASP C 276 36.12 18.67 -14.00
CA ASP C 276 36.91 19.44 -15.00
C ASP C 276 36.31 19.36 -16.40
N VAL C 277 35.52 18.35 -16.70
CA VAL C 277 35.04 18.15 -18.09
C VAL C 277 33.60 18.63 -18.28
N VAL C 278 33.39 19.57 -19.20
CA VAL C 278 32.01 20.00 -19.54
C VAL C 278 31.77 19.60 -21.00
N SER C 279 30.75 18.79 -21.27
CA SER C 279 30.50 18.28 -22.64
C SER C 279 29.03 18.42 -23.00
N ARG C 280 28.72 18.74 -24.24
CA ARG C 280 27.32 18.75 -24.62
C ARG C 280 26.75 17.34 -24.54
N CYS C 281 25.44 17.26 -24.39
CA CYS C 281 24.79 15.97 -24.24
C CYS C 281 23.37 16.08 -24.78
N THR C 282 22.76 14.93 -24.97
CA THR C 282 21.38 14.87 -25.42
C THR C 282 20.42 15.07 -24.23
N LYS C 283 19.17 15.42 -24.55
CA LYS C 283 18.12 15.37 -23.55
C LYS C 283 18.00 13.96 -22.99
N GLU C 284 17.89 12.97 -23.89
CA GLU C 284 17.92 11.57 -23.45
C GLU C 284 19.10 11.32 -22.53
N GLU C 285 20.21 12.02 -22.71
CA GLU C 285 21.38 11.71 -21.86
C GLU C 285 21.17 12.26 -20.45
N ALA C 286 20.47 13.39 -20.33
CA ALA C 286 20.32 14.06 -19.03
C ALA C 286 19.09 13.57 -18.27
N ILE C 287 18.06 13.14 -18.98
CA ILE C 287 16.78 12.79 -18.30
C ILE C 287 16.63 11.28 -18.25
N GLU C 288 16.17 10.66 -19.33
CA GLU C 288 15.86 9.20 -19.37
C GLU C 288 17.04 8.34 -18.89
N HIS C 289 18.26 8.71 -19.23
CA HIS C 289 19.42 7.90 -18.84
C HIS C 289 19.70 7.93 -17.35
N ASN C 290 19.09 8.85 -16.61
CA ASN C 290 19.26 8.93 -15.17
C ASN C 290 18.04 8.46 -14.39
N TYR C 291 17.10 7.78 -15.07
CA TYR C 291 15.89 7.28 -14.44
C TYR C 291 16.18 6.15 -13.45
N GLY C 292 17.34 5.52 -13.56
CA GLY C 292 17.68 4.37 -12.74
C GLY C 292 17.23 3.06 -13.35
N GLY C 293 17.42 1.98 -12.61
CA GLY C 293 17.02 0.66 -13.11
C GLY C 293 18.11 -0.39 -12.94
N CYS C 303 23.37 1.61 -11.11
CA CYS C 303 23.77 2.27 -9.88
C CYS C 303 24.02 3.77 -10.10
N THR C 304 23.77 4.23 -11.33
CA THR C 304 23.91 5.63 -11.69
C THR C 304 22.49 6.19 -11.89
N ASN C 305 22.14 7.23 -11.14
CA ASN C 305 20.79 7.77 -11.26
C ASN C 305 20.72 9.15 -10.62
N ALA C 306 19.69 9.89 -11.00
CA ALA C 306 19.42 11.19 -10.41
C ALA C 306 19.18 11.08 -8.90
N TYR C 307 19.75 12.01 -8.16
CA TYR C 307 19.51 12.10 -6.69
C TYR C 307 18.80 13.42 -6.38
N MET C 308 19.24 14.51 -6.99
CA MET C 308 18.59 15.83 -6.77
C MET C 308 18.09 16.38 -8.11
N LEU C 309 17.00 17.14 -8.08
CA LEU C 309 16.42 17.69 -9.31
C LEU C 309 16.12 19.17 -9.11
N VAL C 310 16.48 20.01 -10.08
CA VAL C 310 16.15 21.42 -10.03
C VAL C 310 15.13 21.67 -11.11
N TYR C 311 13.97 22.21 -10.69
CA TYR C 311 12.93 22.64 -11.65
C TYR C 311 12.73 24.13 -11.43
N ILE C 312 12.42 24.85 -12.50
CA ILE C 312 12.21 26.30 -12.42
C ILE C 312 10.81 26.61 -12.92
N ARG C 313 10.12 27.47 -12.20
CA ARG C 313 8.75 27.79 -12.57
C ARG C 313 8.73 28.53 -13.90
N GLU C 314 7.90 28.03 -14.82
CA GLU C 314 7.84 28.56 -16.19
C GLU C 314 7.72 30.08 -16.19
N SER C 315 6.87 30.61 -15.30
CA SER C 315 6.65 32.05 -15.23
C SER C 315 7.79 32.82 -14.60
N LYS C 316 8.78 32.14 -14.01
CA LYS C 316 9.89 32.79 -13.33
C LYS C 316 11.21 32.60 -14.06
N LEU C 317 11.21 31.75 -15.08
CA LEU C 317 12.43 31.39 -15.80
C LEU C 317 13.23 32.62 -16.23
N SER C 318 12.58 33.57 -16.91
CA SER C 318 13.30 34.74 -17.43
C SER C 318 13.93 35.55 -16.32
N GLU C 319 13.23 35.72 -15.21
CA GLU C 319 13.83 36.44 -14.10
C GLU C 319 14.95 35.63 -13.44
N VAL C 320 14.69 34.34 -13.15
CA VAL C 320 15.69 33.52 -12.47
C VAL C 320 16.93 33.32 -13.34
N LEU C 321 16.74 33.07 -14.65
CA LEU C 321 17.84 32.89 -15.57
C LEU C 321 18.23 34.17 -16.31
N GLN C 322 18.02 35.33 -15.68
CA GLN C 322 18.42 36.60 -16.27
C GLN C 322 19.90 36.57 -16.66
N ALA C 323 20.24 37.22 -17.77
CA ALA C 323 21.64 37.27 -18.17
C ALA C 323 22.46 38.02 -17.14
N VAL C 324 23.71 37.60 -16.96
CA VAL C 324 24.62 38.22 -16.00
C VAL C 324 25.86 38.69 -16.76
N THR C 325 26.03 40.01 -16.81
CA THR C 325 27.17 40.63 -17.51
C THR C 325 28.17 41.21 -16.50
N ASP C 326 29.26 41.79 -17.00
CA ASP C 326 30.32 42.32 -16.10
C ASP C 326 29.80 43.56 -15.38
N HIS C 327 28.74 44.19 -15.89
CA HIS C 327 28.13 45.35 -15.19
C HIS C 327 27.49 44.85 -13.90
N ASP C 328 27.02 43.61 -13.90
CA ASP C 328 26.34 43.05 -12.70
C ASP C 328 27.40 42.73 -11.65
N ILE C 329 28.67 42.67 -12.05
CA ILE C 329 29.76 42.45 -11.07
C ILE C 329 30.25 43.81 -10.59
N PRO C 330 30.14 44.12 -9.30
CA PRO C 330 30.64 45.38 -8.76
C PRO C 330 32.16 45.56 -8.94
N GLN C 331 32.58 46.76 -9.34
CA GLN C 331 34.01 47.04 -9.55
C GLN C 331 34.83 46.81 -8.27
N GLN C 332 34.26 47.11 -7.10
CA GLN C 332 35.00 46.91 -5.85
C GLN C 332 35.43 45.46 -5.69
N LEU C 333 34.72 44.54 -6.35
CA LEU C 333 35.02 43.12 -6.25
C LEU C 333 36.08 42.68 -7.25
N VAL C 334 35.94 43.11 -8.51
CA VAL C 334 37.02 42.87 -9.47
C VAL C 334 38.34 43.37 -8.91
N GLU C 335 38.31 44.54 -8.26
CA GLU C 335 39.50 45.05 -7.59
C GLU C 335 39.94 44.12 -6.47
N ARG C 336 38.98 43.56 -5.72
CA ARG C 336 39.34 42.67 -4.63
C ARG C 336 40.02 41.40 -5.14
N LEU C 337 39.46 40.79 -6.20
CA LEU C 337 40.06 39.59 -6.77
C LEU C 337 41.42 39.90 -7.40
N GLN C 338 41.46 40.90 -8.30
CA GLN C 338 42.73 41.32 -8.90
C GLN C 338 43.77 41.59 -7.82
N GLU C 339 43.39 42.34 -6.78
CA GLU C 339 44.30 42.60 -5.66
C GLU C 339 44.71 41.32 -4.94
N GLU C 340 43.98 40.23 -5.15
CA GLU C 340 44.29 38.97 -4.43
C GLU C 340 45.17 38.07 -5.31
N LYS C 341 44.95 38.09 -6.62
CA LYS C 341 45.69 37.17 -7.54
C LYS C 341 47.19 37.50 -7.55
N ARG C 342 47.60 38.62 -6.96
CA ARG C 342 49.05 38.90 -6.81
C ARG C 342 49.65 37.79 -5.96
N ILE C 343 50.10 36.71 -6.60
CA ILE C 343 50.67 35.55 -5.88
C ILE C 343 52.16 35.52 -6.23
N GLU C 344 53.00 35.31 -5.22
CA GLU C 344 54.44 35.31 -5.43
C GLU C 344 55.08 34.04 -4.88
N ALA C 345 56.36 33.87 -5.24
CA ALA C 345 57.21 32.80 -4.69
C ALA C 345 58.62 33.35 -4.43
N MET D 1 6.33 17.65 24.59
CA MET D 1 5.51 17.94 23.42
C MET D 1 5.74 16.88 22.33
N GLN D 2 4.68 16.56 21.60
CA GLN D 2 4.72 15.57 20.55
C GLN D 2 4.94 16.24 19.19
N ILE D 3 6.11 16.00 18.59
CA ILE D 3 6.45 16.45 17.26
C ILE D 3 6.23 15.31 16.27
N PHE D 4 6.40 15.59 14.99
CA PHE D 4 6.35 14.59 13.94
C PHE D 4 7.71 14.46 13.27
N VAL D 5 7.97 13.29 12.71
CA VAL D 5 9.19 13.03 11.97
C VAL D 5 8.78 12.25 10.73
N LYS D 6 8.99 12.80 9.55
CA LYS D 6 8.70 12.04 8.33
C LYS D 6 9.90 11.15 8.01
N THR D 7 9.70 9.82 8.06
CA THR D 7 10.82 8.88 7.99
C THR D 7 11.24 8.59 6.55
N LEU D 8 12.19 7.66 6.40
CA LEU D 8 12.68 7.31 5.07
C LEU D 8 11.57 6.71 4.22
N THR D 9 10.72 5.86 4.83
CA THR D 9 9.54 5.35 4.14
C THR D 9 8.65 6.47 3.59
N GLY D 10 8.70 7.67 4.20
CA GLY D 10 7.72 8.70 3.93
C GLY D 10 6.59 8.74 4.93
N LYS D 11 6.48 7.74 5.79
CA LYS D 11 5.45 7.76 6.82
C LYS D 11 5.83 8.72 7.94
N THR D 12 4.81 9.29 8.58
CA THR D 12 4.99 10.13 9.75
C THR D 12 4.91 9.28 11.01
N ILE D 13 5.90 9.44 11.89
CA ILE D 13 5.85 8.88 13.23
C ILE D 13 5.79 10.03 14.22
N THR D 14 5.46 9.69 15.46
CA THR D 14 5.42 10.66 16.54
C THR D 14 6.67 10.52 17.39
N LEU D 15 6.94 11.55 18.16
CA LEU D 15 8.13 11.60 18.99
C LEU D 15 7.80 12.53 20.15
N GLU D 16 7.67 11.96 21.35
CA GLU D 16 7.59 12.75 22.56
C GLU D 16 8.96 13.37 22.85
N VAL D 17 9.07 14.70 22.74
CA VAL D 17 10.33 15.40 23.00
C VAL D 17 10.05 16.62 23.88
N GLU D 18 11.12 17.33 24.22
CA GLU D 18 11.04 18.54 25.02
C GLU D 18 11.78 19.67 24.32
N PRO D 19 11.36 20.92 24.55
CA PRO D 19 12.01 22.05 23.86
C PRO D 19 13.49 22.16 24.12
N SER D 20 14.00 21.58 25.22
CA SER D 20 15.40 21.72 25.60
C SER D 20 16.26 20.54 25.17
N ASP D 21 15.66 19.50 24.57
CA ASP D 21 16.44 18.41 24.00
C ASP D 21 17.44 18.93 22.98
N THR D 22 18.66 18.40 23.03
CA THR D 22 19.60 18.63 21.94
C THR D 22 19.19 17.82 20.70
N ILE D 23 19.80 18.15 19.56
CA ILE D 23 19.59 17.34 18.37
C ILE D 23 20.07 15.90 18.59
N GLU D 24 21.19 15.75 19.29
CA GLU D 24 21.74 14.41 19.58
C GLU D 24 20.70 13.56 20.32
N ASN D 25 20.01 14.14 21.31
CA ASN D 25 18.96 13.40 22.05
C ASN D 25 17.82 13.05 21.09
N VAL D 26 17.48 13.96 20.19
CA VAL D 26 16.36 13.71 19.25
C VAL D 26 16.75 12.57 18.31
N LYS D 27 17.98 12.58 17.81
CA LYS D 27 18.44 11.51 16.89
C LYS D 27 18.40 10.17 17.62
N ALA D 28 18.75 10.15 18.90
CA ALA D 28 18.71 8.91 19.70
C ALA D 28 17.27 8.41 19.83
N LYS D 29 16.32 9.32 20.02
CA LYS D 29 14.89 8.92 20.12
C LYS D 29 14.43 8.40 18.77
N ILE D 30 14.97 8.92 17.68
CA ILE D 30 14.62 8.36 16.35
C ILE D 30 15.26 6.97 16.29
N GLN D 31 16.52 6.81 16.70
CA GLN D 31 17.07 5.45 16.75
C GLN D 31 16.22 4.51 17.60
N ASP D 32 15.91 4.94 18.83
CA ASP D 32 14.93 4.28 19.70
C ASP D 32 13.71 3.77 18.94
N LYS D 33 13.10 4.64 18.12
CA LYS D 33 11.79 4.34 17.54
C LYS D 33 11.86 3.86 16.11
N GLU D 34 12.90 4.24 15.37
CA GLU D 34 13.00 3.89 13.97
C GLU D 34 14.19 2.99 13.62
N GLY D 35 15.19 2.88 14.48
CA GLY D 35 16.29 1.97 14.23
C GLY D 35 17.44 2.56 13.44
N ILE D 36 17.45 3.86 13.21
CA ILE D 36 18.48 4.52 12.42
C ILE D 36 19.58 4.98 13.37
N PRO D 37 20.82 4.54 13.21
CA PRO D 37 21.91 5.04 14.05
C PRO D 37 22.05 6.54 13.92
N PRO D 38 22.15 7.26 15.04
CA PRO D 38 22.24 8.73 14.96
C PRO D 38 23.29 9.24 14.01
N ASP D 39 24.37 8.47 13.79
CA ASP D 39 25.45 8.94 12.93
C ASP D 39 25.00 9.12 11.50
N GLN D 40 24.04 8.31 11.06
CA GLN D 40 23.51 8.40 9.71
C GLN D 40 22.37 9.40 9.54
N GLN D 41 21.86 9.93 10.64
CA GLN D 41 20.64 10.75 10.54
C GLN D 41 20.87 12.21 10.18
N ARG D 42 20.02 12.73 9.30
CA ARG D 42 20.05 14.17 8.95
C ARG D 42 18.60 14.64 9.13
N LEU D 43 18.41 15.70 9.91
CA LEU D 43 17.11 16.21 10.30
C LEU D 43 16.93 17.58 9.67
N ILE D 44 15.96 17.69 8.77
CA ILE D 44 15.69 18.93 8.05
C ILE D 44 14.39 19.53 8.56
N PHE D 45 14.44 20.82 8.86
CA PHE D 45 13.28 21.56 9.30
C PHE D 45 13.35 22.98 8.76
N ALA D 46 12.31 23.41 8.06
CA ALA D 46 12.26 24.76 7.45
C ALA D 46 13.50 25.04 6.61
N GLY D 47 14.04 23.99 5.99
CA GLY D 47 15.16 24.20 5.11
C GLY D 47 16.51 24.22 5.79
N LYS D 48 16.55 24.18 7.12
CA LYS D 48 17.79 24.15 7.88
C LYS D 48 18.05 22.71 8.32
N GLN D 49 19.31 22.28 8.26
CA GLN D 49 19.68 20.99 8.81
C GLN D 49 20.02 21.16 10.30
N LEU D 50 19.29 20.46 11.17
CA LEU D 50 19.51 20.59 12.60
C LEU D 50 20.92 20.12 12.96
N GLU D 51 21.59 20.88 13.82
CA GLU D 51 22.99 20.66 14.18
C GLU D 51 23.15 20.12 15.60
N ASP D 52 23.89 19.02 15.74
CA ASP D 52 24.26 18.50 17.05
C ASP D 52 24.74 19.62 17.97
N GLY D 53 24.34 19.53 19.23
CA GLY D 53 24.70 20.56 20.19
C GLY D 53 23.83 21.79 20.15
N ARG D 54 22.83 21.82 19.30
CA ARG D 54 21.80 22.85 19.39
C ARG D 54 20.52 22.22 19.94
N THR D 55 19.61 23.09 20.37
CA THR D 55 18.34 22.60 20.96
C THR D 55 17.15 22.89 20.03
N LEU D 56 16.03 22.20 20.24
CA LEU D 56 14.84 22.40 19.41
C LEU D 56 14.32 23.83 19.59
N SER D 57 14.49 24.39 20.78
CA SER D 57 14.06 25.78 21.07
C SER D 57 14.77 26.76 20.12
N ASP D 58 16.01 26.47 19.77
CA ASP D 58 16.79 27.40 18.92
C ASP D 58 16.21 27.44 17.51
N TYR D 59 15.40 26.45 17.13
CA TYR D 59 14.85 26.38 15.76
C TYR D 59 13.33 26.58 15.78
N ASN D 60 12.78 27.01 16.91
CA ASN D 60 11.32 27.24 17.03
C ASN D 60 10.55 25.95 16.72
N ILE D 61 11.11 24.79 17.06
CA ILE D 61 10.39 23.50 16.91
C ILE D 61 9.45 23.39 18.11
N GLN D 62 8.21 23.01 17.86
CA GLN D 62 7.20 23.00 18.91
C GLN D 62 6.28 21.82 18.68
N LYS D 63 5.25 21.72 19.50
CA LYS D 63 4.26 20.66 19.29
C LYS D 63 3.75 20.71 17.86
N GLU D 64 3.73 19.57 17.19
CA GLU D 64 3.15 19.42 15.82
C GLU D 64 4.13 19.84 14.72
N SER D 65 5.32 20.35 15.03
CA SER D 65 6.27 20.56 13.93
C SER D 65 6.68 19.22 13.34
N THR D 66 6.95 19.21 12.04
CA THR D 66 7.39 18.04 11.30
C THR D 66 8.87 18.19 10.96
N LEU D 67 9.62 17.17 11.35
CA LEU D 67 11.05 17.13 10.97
C LEU D 67 11.17 16.15 9.81
N HIS D 68 12.05 16.44 8.86
CA HIS D 68 12.27 15.58 7.71
C HIS D 68 13.59 14.84 7.88
N LEU D 69 13.49 13.52 7.99
CA LEU D 69 14.69 12.66 8.21
C LEU D 69 15.22 12.12 6.90
N VAL D 70 16.48 12.43 6.60
CA VAL D 70 17.13 11.92 5.37
C VAL D 70 18.45 11.26 5.75
N LEU D 71 18.99 10.45 4.85
CA LEU D 71 20.31 9.82 5.08
C LEU D 71 21.36 10.53 4.22
N ARG D 72 22.37 9.80 3.76
CA ARG D 72 23.47 10.45 3.03
C ARG D 72 23.87 9.64 1.81
N LEU D 73 24.11 10.30 0.68
CA LEU D 73 24.64 9.61 -0.53
C LEU D 73 25.97 10.29 -0.82
N ARG D 74 27.02 9.81 -0.18
CA ARG D 74 28.35 10.43 -0.30
C ARG D 74 28.96 10.13 -1.67
N GLY D 75 29.65 11.11 -2.23
CA GLY D 75 30.27 10.97 -3.53
C GLY D 75 31.52 11.81 -3.57
N THR E 4 -28.83 7.90 -18.25
CA THR E 4 -27.88 7.93 -19.39
C THR E 4 -27.80 6.53 -19.99
N GLY E 5 -27.31 5.55 -19.23
CA GLY E 5 -27.07 4.21 -19.79
C GLY E 5 -25.67 4.15 -20.37
N TYR E 6 -24.93 5.25 -20.27
CA TYR E 6 -23.56 5.32 -20.86
C TYR E 6 -22.52 5.38 -19.73
N VAL E 7 -21.49 4.55 -19.81
CA VAL E 7 -20.42 4.51 -18.82
C VAL E 7 -19.29 5.44 -19.25
N GLY E 8 -18.65 6.12 -18.29
CA GLY E 8 -17.53 6.98 -18.56
C GLY E 8 -16.20 6.22 -18.62
N LEU E 9 -15.10 6.98 -18.55
CA LEU E 9 -13.77 6.41 -18.63
C LEU E 9 -12.89 6.96 -17.51
N LYS E 10 -11.97 6.12 -17.04
CA LYS E 10 -11.04 6.54 -16.01
C LYS E 10 -10.09 7.63 -16.51
N ASN E 11 -9.58 8.42 -15.59
CA ASN E 11 -8.48 9.33 -15.85
C ASN E 11 -7.22 8.72 -15.27
N GLN E 12 -6.29 8.31 -16.14
CA GLN E 12 -4.99 7.74 -15.69
C GLN E 12 -4.16 8.81 -14.98
N GLY E 13 -4.39 10.08 -15.27
CA GLY E 13 -3.66 11.20 -14.66
C GLY E 13 -3.95 12.50 -15.38
N ALA E 14 -3.84 12.50 -16.71
CA ALA E 14 -4.14 13.70 -17.53
C ALA E 14 -4.76 13.26 -18.85
N THR E 15 -5.43 12.12 -18.86
CA THR E 15 -5.98 11.54 -20.11
C THR E 15 -7.36 12.13 -20.42
N CYS E 16 -7.66 13.34 -19.97
CA CYS E 16 -8.93 14.04 -20.29
C CYS E 16 -9.17 14.04 -21.81
N TYR E 17 -8.19 14.45 -22.59
CA TYR E 17 -8.27 14.52 -24.08
C TYR E 17 -8.64 13.17 -24.68
N MET E 18 -7.99 12.08 -24.24
CA MET E 18 -8.22 10.75 -24.82
C MET E 18 -9.66 10.32 -24.56
N ASN E 19 -10.09 10.44 -23.32
CA ASN E 19 -11.45 9.98 -22.94
C ASN E 19 -12.48 10.70 -23.82
N SER E 20 -12.32 12.00 -24.03
CA SER E 20 -13.32 12.79 -24.79
C SER E 20 -13.34 12.36 -26.26
N LEU E 21 -12.17 12.02 -26.83
CA LEU E 21 -12.08 11.57 -28.23
C LEU E 21 -12.66 10.16 -28.33
N LEU E 22 -12.37 9.30 -27.36
CA LEU E 22 -12.82 7.89 -27.43
C LEU E 22 -14.35 7.81 -27.41
N GLN E 23 -15.01 8.61 -26.58
CA GLN E 23 -16.48 8.61 -26.52
C GLN E 23 -17.02 9.12 -27.85
N THR E 24 -16.47 10.21 -28.37
CA THR E 24 -16.90 10.76 -29.69
C THR E 24 -16.79 9.66 -30.77
N LEU E 25 -15.69 8.93 -30.79
CA LEU E 25 -15.46 7.92 -31.84
C LEU E 25 -16.29 6.66 -31.57
N PHE E 26 -16.55 6.36 -30.31
CA PHE E 26 -17.41 5.20 -29.95
C PHE E 26 -18.83 5.47 -30.46
N PHE E 27 -19.28 6.72 -30.36
CA PHE E 27 -20.66 7.07 -30.77
C PHE E 27 -20.71 7.27 -32.28
N THR E 28 -19.58 7.21 -32.98
CA THR E 28 -19.60 7.17 -34.46
C THR E 28 -19.82 5.68 -34.72
N ASN E 29 -21.06 5.21 -34.61
CA ASN E 29 -21.39 3.77 -34.66
C ASN E 29 -20.75 3.03 -35.84
N GLN E 30 -20.77 3.62 -37.03
CA GLN E 30 -20.24 2.92 -38.21
C GLN E 30 -18.75 2.60 -37.99
N LEU E 31 -18.01 3.50 -37.35
CA LEU E 31 -16.57 3.28 -37.06
C LEU E 31 -16.43 2.18 -36.02
N ARG E 32 -17.25 2.23 -34.97
CA ARG E 32 -17.17 1.23 -33.88
C ARG E 32 -17.37 -0.17 -34.48
N LYS E 33 -18.36 -0.33 -35.36
CA LYS E 33 -18.66 -1.65 -35.97
C LYS E 33 -17.45 -2.13 -36.77
N ALA E 34 -16.86 -1.24 -37.57
CA ALA E 34 -15.66 -1.60 -38.37
C ALA E 34 -14.48 -1.95 -37.46
N VAL E 35 -14.26 -1.21 -36.38
CA VAL E 35 -13.17 -1.51 -35.42
C VAL E 35 -13.41 -2.92 -34.84
N TYR E 36 -14.66 -3.29 -34.63
CA TYR E 36 -14.99 -4.65 -34.14
C TYR E 36 -14.59 -5.70 -35.18
N MET E 37 -14.80 -5.40 -36.47
CA MET E 37 -14.55 -6.43 -37.52
C MET E 37 -13.11 -6.33 -38.03
N MET E 38 -12.26 -5.53 -37.40
CA MET E 38 -10.83 -5.46 -37.78
C MET E 38 -10.17 -6.78 -37.37
N PRO E 39 -9.40 -7.43 -38.26
CA PRO E 39 -8.70 -8.66 -37.92
C PRO E 39 -7.60 -8.42 -36.87
N THR E 40 -7.90 -8.74 -35.61
CA THR E 40 -6.94 -8.53 -34.51
C THR E 40 -6.70 -9.85 -33.78
N GLU E 41 -7.23 -10.95 -34.32
CA GLU E 41 -7.10 -12.26 -33.64
C GLU E 41 -5.61 -12.56 -33.43
N GLY E 42 -4.74 -12.09 -34.33
CA GLY E 42 -3.30 -12.36 -34.25
C GLY E 42 -2.60 -11.62 -33.12
N ASP E 43 -3.37 -11.01 -32.21
CA ASP E 43 -2.78 -10.31 -31.05
C ASP E 43 -3.44 -10.85 -29.77
N SER E 45 -3.45 -7.82 -26.81
CA SER E 45 -3.23 -7.16 -25.51
C SER E 45 -2.84 -5.70 -25.75
N SER E 46 -1.57 -5.38 -25.53
CA SER E 46 -1.05 -4.02 -25.85
C SER E 46 -0.38 -4.10 -27.22
N LYS E 47 -0.44 -5.27 -27.86
CA LYS E 47 0.21 -5.47 -29.17
C LYS E 47 -0.19 -4.39 -30.15
N SER E 48 -1.44 -3.91 -30.10
CA SER E 48 -1.86 -2.95 -31.15
C SER E 48 -2.93 -1.98 -30.69
N VAL E 49 -2.93 -0.78 -31.27
CA VAL E 49 -4.01 0.21 -31.01
C VAL E 49 -5.34 -0.42 -31.45
N PRO E 50 -5.49 -1.02 -32.64
CA PRO E 50 -6.72 -1.72 -32.99
C PRO E 50 -7.23 -2.64 -31.87
N LEU E 51 -6.39 -3.53 -31.36
CA LEU E 51 -6.80 -4.46 -30.29
C LEU E 51 -7.27 -3.66 -29.08
N ALA E 52 -6.50 -2.65 -28.70
CA ALA E 52 -6.86 -1.83 -27.52
C ALA E 52 -8.17 -1.08 -27.75
N LEU E 53 -8.33 -0.49 -28.93
CA LEU E 53 -9.56 0.29 -29.24
C LEU E 53 -10.75 -0.65 -29.23
N GLN E 54 -10.54 -1.90 -29.63
CA GLN E 54 -11.62 -2.90 -29.62
C GLN E 54 -12.11 -3.13 -28.19
N ARG E 55 -11.18 -3.22 -27.23
CA ARG E 55 -11.56 -3.50 -25.81
C ARG E 55 -12.24 -2.27 -25.24
N VAL E 56 -11.65 -1.09 -25.41
CA VAL E 56 -12.24 0.15 -24.83
C VAL E 56 -13.68 0.27 -25.34
N PHE E 57 -13.87 0.11 -26.64
CA PHE E 57 -15.22 0.21 -27.24
C PHE E 57 -16.15 -0.86 -26.64
N TYR E 58 -15.74 -2.13 -26.65
CA TYR E 58 -16.56 -3.23 -26.10
C TYR E 58 -17.02 -2.87 -24.70
N GLU E 59 -16.10 -2.48 -23.84
CA GLU E 59 -16.46 -2.23 -22.42
C GLU E 59 -17.26 -0.94 -22.28
N LEU E 60 -17.12 0.01 -23.21
CA LEU E 60 -17.95 1.23 -23.17
C LEU E 60 -19.40 0.90 -23.49
N GLN E 61 -19.66 -0.29 -24.06
CA GLN E 61 -21.03 -0.71 -24.42
C GLN E 61 -21.53 -1.82 -23.50
N HIS E 62 -20.64 -2.42 -22.70
CA HIS E 62 -21.05 -3.56 -21.82
C HIS E 62 -20.84 -3.24 -20.34
N SER E 63 -19.63 -2.83 -19.96
CA SER E 63 -19.34 -2.56 -18.52
C SER E 63 -20.28 -1.49 -17.96
N ASP E 64 -20.70 -1.68 -16.71
CA ASP E 64 -21.57 -0.69 -16.02
C ASP E 64 -20.70 0.22 -15.17
N LYS E 65 -19.42 -0.13 -15.02
CA LYS E 65 -18.50 0.66 -14.18
C LYS E 65 -17.46 1.35 -15.07
N PRO E 66 -16.97 2.57 -14.73
CA PRO E 66 -15.91 3.25 -15.49
C PRO E 66 -14.92 2.33 -16.19
N VAL E 67 -14.72 2.57 -17.49
CA VAL E 67 -13.82 1.72 -18.32
C VAL E 67 -12.40 2.27 -18.32
N GLY E 68 -11.41 1.40 -18.40
CA GLY E 68 -10.00 1.81 -18.35
C GLY E 68 -9.36 2.00 -19.70
N THR E 69 -8.22 2.67 -19.74
CA THR E 69 -7.53 2.99 -21.01
C THR E 69 -6.06 2.62 -20.92
N LYS E 70 -5.66 1.89 -19.88
CA LYS E 70 -4.22 1.62 -19.65
C LYS E 70 -3.59 0.88 -20.84
N LYS E 71 -4.29 -0.08 -21.42
CA LYS E 71 -3.71 -0.87 -22.53
C LYS E 71 -3.57 -0.02 -23.79
N LEU E 72 -4.44 0.99 -23.97
CA LEU E 72 -4.36 1.89 -25.15
C LEU E 72 -3.10 2.76 -25.05
N THR E 73 -2.83 3.31 -23.87
CA THR E 73 -1.62 4.13 -23.67
C THR E 73 -0.38 3.25 -23.82
N LYS E 74 -0.45 2.00 -23.37
CA LYS E 74 0.70 1.08 -23.51
C LYS E 74 0.90 0.79 -25.00
N SER E 75 -0.18 0.64 -25.76
CA SER E 75 -0.09 0.38 -27.21
C SER E 75 0.52 1.57 -27.95
N PHE E 76 0.47 2.75 -27.35
CA PHE E 76 1.08 3.96 -27.95
C PHE E 76 2.59 3.94 -27.74
N GLY E 77 3.10 2.98 -26.97
CA GLY E 77 4.54 2.89 -26.66
C GLY E 77 4.85 3.82 -25.50
N TRP E 78 3.87 4.06 -24.65
CA TRP E 78 4.07 5.06 -23.58
C TRP E 78 4.54 4.43 -22.27
N GLU E 79 5.24 5.22 -21.47
CA GLU E 79 5.67 4.75 -20.14
C GLU E 79 4.72 5.35 -19.10
N THR E 80 4.95 5.07 -17.82
CA THR E 80 4.05 5.53 -16.75
C THR E 80 3.93 7.05 -16.76
N LEU E 81 5.03 7.77 -16.92
CA LEU E 81 5.06 9.26 -16.85
C LEU E 81 4.19 9.89 -17.93
N ASP E 82 4.08 9.26 -19.10
CA ASP E 82 3.34 9.88 -20.24
C ASP E 82 1.85 10.01 -19.92
N SER E 83 1.35 9.22 -18.98
CA SER E 83 -0.08 9.27 -18.59
C SER E 83 -0.39 10.55 -17.79
N PHE E 84 0.59 11.44 -17.61
CA PHE E 84 0.40 12.66 -16.80
C PHE E 84 0.71 13.91 -17.63
N MET E 85 0.82 13.75 -18.95
CA MET E 85 0.98 14.91 -19.83
C MET E 85 -0.34 15.23 -20.51
N GLN E 86 -0.78 16.48 -20.35
CA GLN E 86 -1.97 17.00 -21.01
C GLN E 86 -1.75 17.15 -22.52
N HIS E 87 -2.83 17.06 -23.28
CA HIS E 87 -2.68 17.05 -24.73
C HIS E 87 -3.86 17.72 -25.44
N ASP E 88 -3.63 18.06 -26.72
CA ASP E 88 -4.65 18.60 -27.61
C ASP E 88 -5.46 17.45 -28.22
N VAL E 89 -6.79 17.54 -28.13
CA VAL E 89 -7.65 16.44 -28.55
C VAL E 89 -7.63 16.27 -30.08
N GLN E 90 -7.55 17.36 -30.85
CA GLN E 90 -7.50 17.22 -32.33
C GLN E 90 -6.17 16.57 -32.73
N GLU E 91 -5.09 16.89 -32.01
CA GLU E 91 -3.84 16.18 -32.28
C GLU E 91 -4.02 14.68 -32.13
N LEU E 92 -4.56 14.23 -30.98
CA LEU E 92 -4.80 12.81 -30.80
C LEU E 92 -5.59 12.21 -31.96
N CYS E 93 -6.60 12.95 -32.46
CA CYS E 93 -7.52 12.44 -33.47
C CYS E 93 -6.87 12.30 -34.85
N ARG E 94 -6.04 13.28 -35.22
CA ARG E 94 -5.27 13.12 -36.45
C ARG E 94 -4.40 11.87 -36.39
N VAL E 95 -3.65 11.70 -35.29
CA VAL E 95 -2.76 10.56 -35.20
C VAL E 95 -3.53 9.28 -35.00
N LEU E 96 -4.53 9.30 -34.11
CA LEU E 96 -5.27 8.07 -33.81
C LEU E 96 -6.00 7.55 -35.04
N LEU E 97 -6.68 8.43 -35.77
CA LEU E 97 -7.48 7.95 -36.93
C LEU E 97 -6.53 7.50 -38.04
N ASP E 98 -5.43 8.22 -38.28
CA ASP E 98 -4.46 7.78 -39.27
C ASP E 98 -3.98 6.37 -38.96
N ASN E 99 -3.66 6.12 -37.69
CA ASN E 99 -3.27 4.80 -37.24
C ASN E 99 -4.31 3.74 -37.60
N VAL E 100 -5.57 3.99 -37.26
CA VAL E 100 -6.60 2.98 -37.46
C VAL E 100 -6.91 2.81 -38.95
N GLU E 101 -6.91 3.92 -39.71
CA GLU E 101 -7.19 3.83 -41.15
C GLU E 101 -6.16 2.95 -41.86
N ASN E 102 -4.89 3.08 -41.47
CA ASN E 102 -3.85 2.27 -42.08
C ASN E 102 -3.89 0.83 -41.60
N LYS E 103 -4.29 0.61 -40.34
CA LYS E 103 -4.47 -0.77 -39.87
C LYS E 103 -5.60 -1.47 -40.64
N MET E 104 -6.66 -0.73 -41.00
CA MET E 104 -7.78 -1.25 -41.77
C MET E 104 -7.42 -1.55 -43.23
N LYS E 105 -6.30 -1.05 -43.73
CA LYS E 105 -5.92 -1.31 -45.11
C LYS E 105 -5.75 -2.82 -45.31
N GLY E 106 -6.23 -3.34 -46.43
CA GLY E 106 -6.07 -4.77 -46.73
C GLY E 106 -7.04 -5.66 -45.99
N THR E 107 -8.05 -5.10 -45.35
CA THR E 107 -8.98 -5.89 -44.56
C THR E 107 -10.38 -5.63 -45.07
N CYS E 108 -11.35 -6.37 -44.54
CA CYS E 108 -12.71 -6.23 -45.05
C CYS E 108 -13.32 -4.86 -44.79
N VAL E 109 -12.73 -4.05 -43.91
CA VAL E 109 -13.25 -2.73 -43.57
C VAL E 109 -12.31 -1.62 -44.03
N GLU E 110 -11.38 -1.93 -44.91
CA GLU E 110 -10.55 -0.90 -45.50
C GLU E 110 -11.41 0.24 -46.05
N GLY E 111 -10.89 1.46 -45.97
CA GLY E 111 -11.60 2.60 -46.49
C GLY E 111 -12.66 3.19 -45.58
N THR E 112 -12.93 2.58 -44.42
CA THR E 112 -14.02 3.05 -43.57
C THR E 112 -13.78 4.47 -43.09
N ILE E 113 -12.58 4.75 -42.59
CA ILE E 113 -12.29 6.11 -42.10
C ILE E 113 -12.40 7.13 -43.22
N PRO E 114 -11.79 6.94 -44.39
CA PRO E 114 -12.02 7.89 -45.50
C PRO E 114 -13.48 8.09 -45.87
N LYS E 115 -14.29 7.02 -45.94
CA LYS E 115 -15.70 7.15 -46.30
C LYS E 115 -16.44 8.01 -45.28
N LEU E 116 -16.09 7.89 -44.00
CA LEU E 116 -16.73 8.64 -42.94
C LEU E 116 -16.26 10.09 -42.86
N PHE E 117 -14.96 10.35 -42.99
CA PHE E 117 -14.41 11.63 -42.55
C PHE E 117 -13.74 12.46 -43.62
N ARG E 118 -13.51 11.94 -44.80
CA ARG E 118 -12.66 12.60 -45.76
C ARG E 118 -13.49 13.34 -46.79
N GLY E 119 -13.12 14.61 -47.05
CA GLY E 119 -13.69 15.37 -48.13
C GLY E 119 -12.63 15.89 -49.07
N LYS E 120 -13.08 16.69 -50.04
CA LYS E 120 -12.20 17.28 -51.04
C LYS E 120 -12.53 18.76 -51.20
N MET E 121 -11.49 19.58 -51.14
CA MET E 121 -11.63 21.04 -51.32
C MET E 121 -10.81 21.47 -52.54
N VAL E 122 -11.09 22.64 -53.08
CA VAL E 122 -10.37 23.13 -54.28
C VAL E 122 -9.88 24.56 -54.03
N SER E 123 -8.59 24.78 -54.19
CA SER E 123 -7.99 26.12 -54.03
C SER E 123 -7.69 26.67 -55.41
N TYR E 124 -8.20 27.87 -55.71
CA TYR E 124 -8.00 28.48 -57.04
C TYR E 124 -7.02 29.65 -56.93
N ILE E 125 -6.08 29.76 -57.86
CA ILE E 125 -5.13 30.87 -57.91
C ILE E 125 -5.38 31.63 -59.21
N GLN E 126 -5.48 32.96 -59.11
CA GLN E 126 -5.78 33.79 -60.28
C GLN E 126 -4.93 35.06 -60.25
N CYS E 127 -3.99 35.18 -61.18
CA CYS E 127 -3.14 36.37 -61.22
C CYS E 127 -3.93 37.61 -61.64
N LYS E 128 -3.55 38.76 -61.08
CA LYS E 128 -4.30 40.00 -61.37
C LYS E 128 -3.74 40.71 -62.61
N GLU E 129 -2.43 40.93 -62.67
CA GLU E 129 -1.84 41.71 -63.77
C GLU E 129 -1.52 40.89 -65.02
N VAL E 130 -1.60 39.56 -64.98
CA VAL E 130 -1.16 38.74 -66.10
C VAL E 130 -2.10 37.55 -66.22
N ASP E 131 -2.07 36.87 -67.36
CA ASP E 131 -3.12 35.89 -67.67
C ASP E 131 -2.66 34.50 -67.27
N TYR E 132 -2.78 34.20 -65.97
CA TYR E 132 -2.28 32.93 -65.46
C TYR E 132 -3.18 32.48 -64.32
N ARG E 133 -3.72 31.26 -64.46
CA ARG E 133 -4.65 30.68 -63.49
C ARG E 133 -4.16 29.27 -63.15
N SER E 134 -4.41 28.84 -61.91
CA SER E 134 -4.06 27.46 -61.48
C SER E 134 -5.11 26.94 -60.50
N ASP E 135 -5.25 25.63 -60.39
CA ASP E 135 -6.19 25.04 -59.40
C ASP E 135 -5.53 23.81 -58.79
N ARG E 136 -5.92 23.46 -57.57
CA ARG E 136 -5.36 22.28 -56.87
C ARG E 136 -6.46 21.68 -56.00
N ARG E 137 -6.71 20.37 -56.16
CA ARG E 137 -7.74 19.70 -55.35
C ARG E 137 -7.08 18.86 -54.26
N GLU E 138 -7.46 19.13 -53.00
CA GLU E 138 -6.81 18.44 -51.86
C GLU E 138 -7.81 17.84 -50.91
N ASP E 139 -7.48 16.69 -50.36
CA ASP E 139 -8.26 16.00 -49.36
C ASP E 139 -8.09 16.67 -47.99
N TYR E 140 -9.10 16.44 -47.17
CA TYR E 140 -9.08 16.93 -45.78
C TYR E 140 -9.86 15.93 -44.93
N TYR E 141 -9.43 15.70 -43.70
CA TYR E 141 -10.20 14.87 -42.78
C TYR E 141 -10.85 15.71 -41.70
N ASP E 142 -10.66 17.03 -41.73
CA ASP E 142 -11.23 17.92 -40.74
C ASP E 142 -11.05 19.32 -41.29
N ILE E 143 -11.66 20.29 -40.62
CA ILE E 143 -11.70 21.68 -41.10
C ILE E 143 -11.33 22.60 -39.95
N GLN E 144 -10.34 23.44 -40.17
CA GLN E 144 -9.91 24.43 -39.20
C GLN E 144 -10.68 25.73 -39.44
N LEU E 145 -11.53 26.13 -38.47
CA LEU E 145 -12.31 27.37 -38.58
C LEU E 145 -11.70 28.47 -37.73
N SER E 146 -11.54 29.67 -38.30
CA SER E 146 -10.99 30.81 -37.55
C SER E 146 -12.10 31.52 -36.79
N ILE E 147 -11.76 32.00 -35.58
CA ILE E 147 -12.73 32.43 -34.58
C ILE E 147 -12.72 33.95 -34.40
N LYS E 148 -11.54 34.54 -34.20
CA LYS E 148 -11.40 35.97 -33.92
C LYS E 148 -12.11 36.82 -34.96
N GLY E 149 -13.03 37.67 -34.49
CA GLY E 149 -13.84 38.52 -35.33
C GLY E 149 -15.08 37.85 -35.91
N LYS E 150 -15.34 36.60 -35.58
CA LYS E 150 -16.50 35.88 -36.10
C LYS E 150 -17.45 35.63 -34.96
N LYS E 151 -18.74 35.92 -35.18
CA LYS E 151 -19.72 35.67 -34.14
C LYS E 151 -20.17 34.22 -34.11
N ASN E 152 -20.23 33.61 -35.30
CA ASN E 152 -20.80 32.26 -35.41
C ASN E 152 -20.05 31.39 -36.41
N ILE E 153 -20.49 30.13 -36.56
CA ILE E 153 -19.81 29.16 -37.47
C ILE E 153 -20.15 29.44 -38.94
N PHE E 154 -21.21 30.19 -39.23
CA PHE E 154 -21.50 30.55 -40.64
C PHE E 154 -20.47 31.59 -41.09
N GLU E 155 -20.38 32.70 -40.38
CA GLU E 155 -19.37 33.72 -40.65
C GLU E 155 -17.99 33.11 -40.91
N SER E 156 -17.65 32.10 -40.11
CA SER E 156 -16.40 31.37 -40.27
C SER E 156 -16.32 30.71 -41.65
N PHE E 157 -17.36 29.96 -42.01
CA PHE E 157 -17.39 29.29 -43.34
C PHE E 157 -17.44 30.35 -44.46
N VAL E 158 -18.17 31.45 -44.29
CA VAL E 158 -18.13 32.53 -45.27
C VAL E 158 -16.70 33.04 -45.45
N ASP E 159 -15.98 33.25 -44.36
CA ASP E 159 -14.64 33.81 -44.46
C ASP E 159 -13.63 32.78 -44.96
N TYR E 160 -13.79 31.52 -44.56
CA TYR E 160 -13.02 30.42 -45.12
C TYR E 160 -13.04 30.42 -46.65
N VAL E 161 -14.21 30.62 -47.25
CA VAL E 161 -14.27 30.56 -48.71
C VAL E 161 -14.05 31.92 -49.35
N ALA E 162 -13.71 32.93 -48.55
CA ALA E 162 -13.54 34.28 -49.09
C ALA E 162 -12.26 34.41 -49.89
N VAL E 163 -12.33 35.20 -50.96
CA VAL E 163 -11.17 35.47 -51.80
C VAL E 163 -10.15 36.29 -51.03
N GLU E 164 -8.92 35.82 -51.03
CA GLU E 164 -7.83 36.56 -50.38
C GLU E 164 -6.91 37.15 -51.44
N GLN E 165 -6.13 38.15 -51.08
CA GLN E 165 -5.13 38.72 -51.98
C GLN E 165 -3.78 38.08 -51.70
N LEU E 166 -3.08 37.67 -52.76
CA LEU E 166 -1.72 37.16 -52.60
C LEU E 166 -0.77 38.24 -53.09
N ASP E 167 -0.27 39.08 -52.18
CA ASP E 167 0.57 40.24 -52.58
C ASP E 167 1.72 40.46 -51.61
N GLY E 168 2.67 41.32 -51.99
CA GLY E 168 3.80 41.67 -51.12
C GLY E 168 4.78 40.54 -50.90
N ASP E 169 5.01 40.19 -49.64
CA ASP E 169 5.91 39.05 -49.31
C ASP E 169 5.17 37.76 -49.66
N ASN E 170 4.01 37.86 -50.28
CA ASN E 170 3.25 36.65 -50.51
C ASN E 170 2.70 36.62 -51.92
N LYS E 171 3.42 37.24 -52.85
CA LYS E 171 3.19 37.07 -54.27
C LYS E 171 3.24 35.59 -54.68
N TYR E 172 2.47 35.23 -55.71
CA TYR E 172 2.36 33.84 -56.17
C TYR E 172 3.31 33.57 -57.34
N ASP E 173 3.99 32.41 -57.29
CA ASP E 173 5.01 32.02 -58.29
C ASP E 173 4.32 31.48 -59.54
N ALA E 174 4.20 32.32 -60.57
CA ALA E 174 3.47 32.00 -61.79
C ALA E 174 4.40 31.58 -62.93
N GLY E 175 5.32 30.64 -62.66
CA GLY E 175 6.18 30.11 -63.70
C GLY E 175 6.94 31.14 -64.51
N GLU E 176 6.78 31.06 -65.84
CA GLU E 176 7.48 31.97 -66.73
C GLU E 176 7.27 33.43 -66.34
N HIS E 177 6.15 33.75 -65.69
CA HIS E 177 5.88 35.14 -65.31
C HIS E 177 6.55 35.56 -64.02
N GLY E 178 7.32 34.67 -63.39
CA GLY E 178 7.91 34.96 -62.11
C GLY E 178 6.83 35.16 -61.06
N LEU E 179 7.19 35.91 -60.03
CA LEU E 179 6.25 36.16 -58.95
C LEU E 179 5.28 37.27 -59.34
N GLN E 180 4.01 37.01 -59.03
CA GLN E 180 2.96 37.94 -59.49
C GLN E 180 1.89 38.11 -58.42
N GLU E 181 1.26 39.28 -58.39
CA GLU E 181 0.12 39.50 -57.48
C GLU E 181 -1.02 38.61 -57.95
N ALA E 182 -1.75 37.99 -57.01
CA ALA E 182 -2.78 37.02 -57.42
C ALA E 182 -3.94 36.99 -56.42
N GLU E 183 -4.96 36.20 -56.74
CA GLU E 183 -6.09 36.02 -55.82
C GLU E 183 -6.19 34.53 -55.51
N LYS E 184 -6.62 34.18 -54.31
CA LYS E 184 -6.82 32.76 -53.94
C LYS E 184 -8.19 32.56 -53.33
N GLY E 185 -8.88 31.50 -53.75
CA GLY E 185 -10.20 31.19 -53.20
C GLY E 185 -10.36 29.70 -53.01
N VAL E 186 -10.77 29.29 -51.82
CA VAL E 186 -10.98 27.88 -51.53
C VAL E 186 -12.47 27.60 -51.56
N LYS E 187 -12.82 26.43 -52.08
CA LYS E 187 -14.23 25.98 -52.05
C LYS E 187 -14.21 24.48 -51.76
N PHE E 188 -15.26 23.94 -51.17
CA PHE E 188 -15.40 22.52 -50.94
C PHE E 188 -16.02 21.86 -52.17
N LEU E 189 -15.49 20.70 -52.54
CA LEU E 189 -16.12 19.92 -53.63
C LEU E 189 -17.03 18.89 -52.97
N THR E 190 -16.51 18.17 -51.99
CA THR E 190 -17.30 17.17 -51.24
C THR E 190 -17.29 17.53 -49.76
N LEU E 191 -18.35 17.20 -49.04
CA LEU E 191 -18.37 17.38 -47.56
C LEU E 191 -18.65 16.01 -46.95
N PRO E 192 -17.85 15.54 -45.97
CA PRO E 192 -17.96 14.17 -45.46
C PRO E 192 -19.23 13.81 -44.65
N PRO E 193 -19.65 12.53 -44.58
CA PRO E 193 -20.83 12.21 -43.74
C PRO E 193 -20.64 12.64 -42.30
N VAL E 194 -19.43 12.59 -41.78
CA VAL E 194 -19.11 13.07 -40.44
C VAL E 194 -18.11 14.21 -40.57
N LEU E 195 -18.49 15.38 -40.07
CA LEU E 195 -17.73 16.61 -40.24
C LEU E 195 -17.04 16.93 -38.92
N HIS E 196 -15.71 16.98 -38.94
CA HIS E 196 -14.94 17.36 -37.78
C HIS E 196 -14.48 18.78 -37.98
N LEU E 197 -14.82 19.63 -37.02
CA LEU E 197 -14.47 21.06 -37.12
C LEU E 197 -13.59 21.44 -35.93
N GLN E 198 -12.43 22.04 -36.20
CA GLN E 198 -11.50 22.48 -35.18
C GLN E 198 -11.65 23.99 -35.09
N LEU E 199 -12.06 24.48 -33.94
CA LEU E 199 -12.19 25.92 -33.74
C LEU E 199 -10.83 26.46 -33.32
N MET E 200 -10.39 27.51 -34.00
CA MET E 200 -9.02 28.03 -33.83
C MET E 200 -8.97 29.01 -32.68
N ARG E 201 -9.12 28.46 -31.47
CA ARG E 201 -9.18 29.31 -30.27
C ARG E 201 -7.76 29.58 -29.78
N PHE E 202 -6.90 30.08 -30.66
CA PHE E 202 -5.54 30.45 -30.26
C PHE E 202 -4.99 31.56 -31.16
N MET E 203 -4.15 32.44 -30.61
CA MET E 203 -3.51 33.53 -31.40
C MET E 203 -2.19 33.93 -30.74
N GLN E 210 3.42 34.59 -25.42
CA GLN E 210 3.50 35.14 -26.76
C GLN E 210 2.25 34.79 -27.56
N ASN E 211 1.67 33.63 -27.28
CA ASN E 211 0.47 33.09 -27.97
C ASN E 211 -0.41 32.59 -26.83
N ILE E 212 -1.72 32.69 -26.99
CA ILE E 212 -2.69 32.50 -25.91
C ILE E 212 -3.95 31.83 -26.46
N LYS E 213 -4.80 31.41 -25.52
CA LYS E 213 -6.09 30.83 -25.92
C LYS E 213 -7.11 31.95 -26.08
N ILE E 214 -7.91 31.86 -27.12
CA ILE E 214 -8.99 32.82 -27.34
C ILE E 214 -10.23 32.30 -26.65
N ASN E 215 -10.90 33.15 -25.89
CA ASN E 215 -12.09 32.71 -25.18
C ASN E 215 -13.36 33.41 -25.65
N ASP E 216 -13.24 34.17 -26.73
CA ASP E 216 -14.37 35.00 -27.22
C ASP E 216 -15.61 34.19 -27.57
N ARG E 217 -16.77 34.85 -27.54
CA ARG E 217 -18.03 34.20 -27.89
C ARG E 217 -17.99 33.77 -29.35
N PHE E 218 -18.42 32.53 -29.61
CA PHE E 218 -18.48 31.97 -30.96
C PHE E 218 -19.63 30.98 -31.00
N GLU E 219 -20.70 31.32 -31.71
CA GLU E 219 -21.92 30.52 -31.69
C GLU E 219 -21.86 29.44 -32.76
N PHE E 220 -22.46 28.30 -32.45
CA PHE E 220 -22.57 27.24 -33.45
C PHE E 220 -23.98 26.68 -33.36
N PRO E 221 -24.65 26.50 -34.49
CA PRO E 221 -26.05 26.07 -34.47
C PRO E 221 -26.17 24.57 -34.32
N GLU E 222 -27.41 24.15 -34.12
CA GLU E 222 -27.76 22.74 -33.98
C GLU E 222 -28.02 22.11 -35.33
N GLN E 223 -28.47 22.90 -36.30
CA GLN E 223 -28.59 22.50 -37.70
C GLN E 223 -27.75 23.44 -38.53
N LEU E 224 -26.86 22.89 -39.34
CA LEU E 224 -25.91 23.68 -40.11
C LEU E 224 -26.05 23.38 -41.60
N PRO E 225 -26.53 24.31 -42.41
CA PRO E 225 -26.60 24.08 -43.86
C PRO E 225 -25.37 24.61 -44.56
N LEU E 226 -24.73 23.76 -45.37
CA LEU E 226 -23.43 24.09 -45.95
C LEU E 226 -23.44 24.12 -47.47
N ASP E 227 -24.61 23.99 -48.10
CA ASP E 227 -24.68 23.94 -49.58
C ASP E 227 -24.01 25.20 -50.14
N GLU E 228 -24.03 26.30 -49.40
CA GLU E 228 -23.48 27.59 -49.87
C GLU E 228 -21.95 27.54 -50.00
N PHE E 229 -21.31 26.53 -49.42
CA PHE E 229 -19.82 26.51 -49.42
C PHE E 229 -19.32 25.44 -50.39
N LEU E 230 -20.24 24.80 -51.12
CA LEU E 230 -19.84 23.83 -52.15
C LEU E 230 -19.75 24.53 -53.50
N GLN E 231 -18.92 24.01 -54.40
CA GLN E 231 -18.85 24.57 -55.76
C GLN E 231 -20.12 24.13 -56.49
N LYS E 232 -20.57 22.90 -56.24
CA LYS E 232 -21.83 22.40 -56.86
C LYS E 232 -22.72 21.74 -55.82
N THR E 233 -23.98 22.17 -55.74
CA THR E 233 -24.95 21.59 -54.82
C THR E 233 -25.68 20.41 -55.47
N ASP E 234 -25.95 19.37 -54.68
CA ASP E 234 -26.76 18.25 -55.12
C ASP E 234 -28.20 18.48 -54.70
N PRO E 235 -29.13 18.73 -55.63
CA PRO E 235 -30.52 18.97 -55.21
C PRO E 235 -31.15 17.78 -54.51
N LYS E 236 -30.79 16.56 -54.93
CA LYS E 236 -31.27 15.32 -54.31
C LYS E 236 -30.52 14.95 -53.03
N ASP E 237 -29.64 15.83 -52.51
CA ASP E 237 -28.88 15.61 -51.28
C ASP E 237 -28.28 16.92 -50.78
N PRO E 238 -29.04 17.71 -50.03
CA PRO E 238 -28.50 18.96 -49.48
C PRO E 238 -27.44 18.69 -48.41
N ALA E 239 -26.43 19.56 -48.38
CA ALA E 239 -25.38 19.49 -47.37
C ALA E 239 -25.86 20.07 -46.04
N ASN E 240 -26.87 19.44 -45.47
CA ASN E 240 -27.39 19.82 -44.16
C ASN E 240 -26.75 18.93 -43.10
N TYR E 241 -26.32 19.58 -42.02
CA TYR E 241 -25.59 18.85 -40.96
C TYR E 241 -26.23 19.00 -39.59
N ILE E 242 -26.34 17.90 -38.86
CA ILE E 242 -26.93 17.81 -37.54
C ILE E 242 -25.80 17.77 -36.50
N LEU E 243 -25.86 18.65 -35.50
CA LEU E 243 -24.81 18.65 -34.46
C LEU E 243 -24.83 17.36 -33.63
N HIS E 244 -23.64 16.80 -33.40
CA HIS E 244 -23.48 15.53 -32.68
C HIS E 244 -22.66 15.66 -31.41
N ALA E 245 -21.56 16.41 -31.47
CA ALA E 245 -20.66 16.43 -30.31
C ALA E 245 -19.97 17.77 -30.13
N VAL E 246 -19.72 18.13 -28.88
CA VAL E 246 -19.06 19.42 -28.55
C VAL E 246 -17.88 19.11 -27.63
N LEU E 247 -16.69 18.97 -28.20
CA LEU E 247 -15.48 18.72 -27.39
C LEU E 247 -15.13 20.06 -26.74
N VAL E 248 -15.01 20.10 -25.42
CA VAL E 248 -14.94 21.34 -24.68
C VAL E 248 -13.63 21.38 -23.89
N HIS E 249 -12.92 22.50 -23.99
CA HIS E 249 -11.67 22.74 -23.29
C HIS E 249 -11.83 23.88 -22.29
N SER E 250 -11.38 23.68 -21.06
CA SER E 250 -11.43 24.69 -20.01
C SER E 250 -10.01 24.96 -19.56
N GLY E 251 -9.60 26.21 -19.69
CA GLY E 251 -8.27 26.58 -19.27
C GLY E 251 -7.61 27.49 -20.28
N ASP E 252 -6.30 27.34 -20.40
CA ASP E 252 -5.50 28.20 -21.29
C ASP E 252 -4.57 27.35 -22.14
N ASN E 253 -3.68 27.99 -22.89
CA ASN E 253 -2.68 27.25 -23.69
C ASN E 253 -1.95 26.29 -22.78
N HIS E 254 -1.35 26.80 -21.70
CA HIS E 254 -0.53 25.97 -20.78
C HIS E 254 -1.28 24.70 -20.38
N GLY E 255 -2.50 24.83 -19.88
CA GLY E 255 -3.19 23.64 -19.39
C GLY E 255 -4.67 23.83 -19.15
N GLY E 256 -5.35 22.72 -18.82
CA GLY E 256 -6.77 22.81 -18.53
C GLY E 256 -7.39 21.43 -18.51
N HIS E 257 -8.70 21.40 -18.81
CA HIS E 257 -9.48 20.18 -18.75
C HIS E 257 -10.35 20.06 -19.99
N TYR E 258 -10.61 18.81 -20.39
CA TYR E 258 -11.37 18.46 -21.57
C TYR E 258 -12.58 17.65 -21.16
N VAL E 259 -13.73 17.98 -21.76
CA VAL E 259 -14.99 17.20 -21.56
C VAL E 259 -15.66 17.09 -22.93
N VAL E 260 -16.62 16.17 -23.07
CA VAL E 260 -17.36 16.07 -24.36
C VAL E 260 -18.87 16.00 -24.12
N TYR E 261 -19.63 16.82 -24.83
CA TYR E 261 -21.10 16.75 -24.77
C TYR E 261 -21.56 16.00 -26.01
N LEU E 262 -22.48 15.05 -25.86
CA LEU E 262 -22.87 14.24 -27.04
C LEU E 262 -24.34 13.86 -27.01
N ASN E 263 -25.03 13.95 -28.14
CA ASN E 263 -26.41 13.39 -28.27
C ASN E 263 -26.19 12.11 -29.07
N PRO E 264 -25.78 10.99 -28.45
CA PRO E 264 -25.35 9.79 -29.19
C PRO E 264 -26.24 9.25 -30.33
N LYS E 265 -27.54 9.53 -30.29
CA LYS E 265 -28.46 8.95 -31.30
C LYS E 265 -28.87 10.02 -32.32
N GLY E 266 -28.50 11.27 -32.09
CA GLY E 266 -28.82 12.28 -33.07
C GLY E 266 -30.18 12.92 -32.89
N ASP E 267 -30.71 12.89 -31.66
CA ASP E 267 -32.11 13.21 -31.39
C ASP E 267 -32.33 14.45 -30.54
N GLY E 268 -31.27 15.01 -29.95
CA GLY E 268 -31.43 16.09 -28.99
C GLY E 268 -31.22 15.69 -27.55
N LYS E 269 -31.13 14.40 -27.24
CA LYS E 269 -31.05 13.89 -25.87
C LYS E 269 -29.59 13.90 -25.42
N TRP E 270 -29.17 15.03 -24.84
CA TRP E 270 -27.76 15.39 -24.67
C TRP E 270 -27.18 14.89 -23.36
N CYS E 271 -25.93 14.43 -23.39
CA CYS E 271 -25.22 13.94 -22.21
C CYS E 271 -23.80 14.48 -22.12
N LYS E 272 -23.39 14.89 -20.90
CA LYS E 272 -22.03 15.32 -20.62
C LYS E 272 -21.18 14.13 -20.21
N PHE E 273 -20.01 14.02 -20.84
CA PHE E 273 -19.08 12.91 -20.55
C PHE E 273 -17.79 13.51 -19.97
N ASP E 274 -17.62 13.42 -18.65
CA ASP E 274 -16.48 13.99 -17.93
C ASP E 274 -15.74 12.84 -17.27
N ASP E 275 -14.87 12.18 -18.04
CA ASP E 275 -14.09 11.05 -17.57
C ASP E 275 -15.03 9.99 -17.00
N ASP E 276 -14.90 9.71 -15.68
CA ASP E 276 -15.62 8.60 -15.07
C ASP E 276 -17.11 8.88 -14.88
N VAL E 277 -17.50 10.14 -14.69
CA VAL E 277 -18.90 10.49 -14.51
C VAL E 277 -19.50 10.86 -15.87
N VAL E 278 -20.69 10.31 -16.14
CA VAL E 278 -21.49 10.67 -17.31
C VAL E 278 -22.83 11.18 -16.82
N SER E 279 -23.23 12.35 -17.28
CA SER E 279 -24.43 13.04 -16.84
C SER E 279 -25.33 13.40 -18.01
N ARG E 280 -26.64 13.38 -17.78
CA ARG E 280 -27.58 13.96 -18.73
C ARG E 280 -27.62 15.48 -18.56
N CYS E 281 -28.06 16.19 -19.60
CA CYS E 281 -27.94 17.64 -19.59
C CYS E 281 -28.92 18.27 -20.57
N THR E 282 -29.08 19.59 -20.44
CA THR E 282 -29.96 20.38 -21.29
C THR E 282 -29.28 20.66 -22.63
N LYS E 283 -30.10 20.99 -23.63
CA LYS E 283 -29.54 21.45 -24.88
C LYS E 283 -28.79 22.76 -24.70
N GLU E 284 -29.28 23.64 -23.81
CA GLU E 284 -28.60 24.90 -23.54
C GLU E 284 -27.23 24.67 -22.91
N GLU E 285 -27.11 23.69 -22.02
CA GLU E 285 -25.82 23.44 -21.31
C GLU E 285 -24.79 22.83 -22.26
N ALA E 286 -25.23 22.17 -23.33
CA ALA E 286 -24.30 21.48 -24.26
C ALA E 286 -23.91 22.39 -25.42
N ILE E 287 -24.80 23.28 -25.82
CA ILE E 287 -24.53 24.12 -27.03
C ILE E 287 -24.28 25.56 -26.63
N GLU E 288 -25.33 26.32 -26.32
CA GLU E 288 -25.21 27.77 -26.04
C GLU E 288 -24.23 28.06 -24.88
N HIS E 289 -24.12 27.16 -23.91
CA HIS E 289 -23.27 27.46 -22.73
C HIS E 289 -21.78 27.31 -23.09
N ASN E 290 -21.47 26.54 -24.12
CA ASN E 290 -20.06 26.35 -24.56
C ASN E 290 -19.76 27.30 -25.71
N TYR E 291 -20.56 28.36 -25.86
CA TYR E 291 -20.27 29.38 -26.90
C TYR E 291 -19.10 30.24 -26.43
N GLY E 292 -18.89 30.35 -25.12
CA GLY E 292 -17.76 31.09 -24.60
C GLY E 292 -18.03 32.59 -24.48
N GLY E 293 -17.18 33.25 -23.71
CA GLY E 293 -17.26 34.70 -23.54
C GLY E 293 -17.83 35.14 -22.21
N ARG E 301 -15.56 29.21 -16.17
CA ARG E 301 -16.76 29.38 -17.03
C ARG E 301 -16.38 30.22 -18.25
N HIS E 302 -15.80 31.40 -18.02
CA HIS E 302 -15.32 32.23 -19.13
C HIS E 302 -14.29 31.48 -19.98
N CYS E 303 -13.40 30.75 -19.29
CA CYS E 303 -12.34 29.98 -19.99
C CYS E 303 -12.87 28.65 -20.54
N THR E 304 -14.17 28.38 -20.44
CA THR E 304 -14.74 27.08 -20.88
C THR E 304 -15.53 27.28 -22.17
N ASN E 305 -15.21 26.53 -23.24
CA ASN E 305 -15.85 26.75 -24.53
C ASN E 305 -15.49 25.59 -25.46
N ALA E 306 -16.23 25.51 -26.56
CA ALA E 306 -16.08 24.43 -27.52
C ALA E 306 -14.77 24.59 -28.28
N TYR E 307 -14.04 23.48 -28.46
CA TYR E 307 -12.82 23.43 -29.25
C TYR E 307 -13.00 22.66 -30.55
N MET E 308 -13.57 21.46 -30.48
CA MET E 308 -13.87 20.63 -31.63
C MET E 308 -15.37 20.37 -31.71
N LEU E 309 -15.92 20.47 -32.93
CA LEU E 309 -17.37 20.24 -33.13
C LEU E 309 -17.57 19.12 -34.15
N VAL E 310 -18.46 18.19 -33.83
CA VAL E 310 -18.76 17.07 -34.75
C VAL E 310 -20.18 17.23 -35.27
N TYR E 311 -20.33 17.31 -36.59
CA TYR E 311 -21.66 17.41 -37.22
C TYR E 311 -21.82 16.21 -38.16
N ILE E 312 -22.98 15.59 -38.17
CA ILE E 312 -23.23 14.46 -39.10
C ILE E 312 -24.22 14.91 -40.17
N ARG E 313 -24.00 14.50 -41.42
CA ARG E 313 -24.88 14.85 -42.53
C ARG E 313 -26.27 14.21 -42.36
N GLU E 314 -27.31 15.00 -42.59
CA GLU E 314 -28.66 14.49 -42.35
C GLU E 314 -28.94 13.25 -43.20
N SER E 315 -28.47 13.23 -44.45
CA SER E 315 -28.76 12.08 -45.32
C SER E 315 -27.96 10.84 -44.94
N LYS E 316 -26.95 10.95 -44.08
CA LYS E 316 -26.16 9.79 -43.66
C LYS E 316 -26.35 9.45 -42.19
N LEU E 317 -27.12 10.26 -41.47
CA LEU E 317 -27.19 10.10 -40.01
C LEU E 317 -27.72 8.73 -39.62
N SER E 318 -28.74 8.22 -40.32
CA SER E 318 -29.28 6.92 -39.98
C SER E 318 -28.27 5.81 -40.25
N GLU E 319 -27.37 6.02 -41.20
CA GLU E 319 -26.34 5.01 -41.39
C GLU E 319 -25.17 5.21 -40.42
N VAL E 320 -24.74 6.46 -40.25
CA VAL E 320 -23.61 6.72 -39.36
C VAL E 320 -23.93 6.27 -37.95
N LEU E 321 -25.19 6.42 -37.54
CA LEU E 321 -25.59 6.08 -36.19
C LEU E 321 -26.47 4.82 -36.14
N GLN E 322 -26.28 3.91 -37.12
CA GLN E 322 -26.94 2.63 -37.09
C GLN E 322 -26.79 1.98 -35.71
N ALA E 323 -27.81 1.20 -35.35
CA ALA E 323 -27.77 0.49 -34.06
C ALA E 323 -26.66 -0.55 -34.10
N VAL E 324 -25.82 -0.52 -33.07
CA VAL E 324 -24.75 -1.50 -32.94
C VAL E 324 -25.21 -2.51 -31.91
N THR E 325 -25.39 -3.76 -32.35
CA THR E 325 -25.79 -4.88 -31.50
C THR E 325 -24.60 -5.81 -31.27
N ASP E 326 -24.84 -6.85 -30.48
CA ASP E 326 -23.83 -7.87 -30.27
C ASP E 326 -23.74 -8.82 -31.44
N HIS E 327 -24.76 -8.82 -32.31
CA HIS E 327 -24.65 -9.55 -33.57
C HIS E 327 -23.58 -8.95 -34.46
N ASP E 328 -23.12 -7.73 -34.15
CA ASP E 328 -22.01 -7.11 -34.86
C ASP E 328 -20.66 -7.54 -34.29
N ILE E 329 -20.52 -7.51 -32.97
CA ILE E 329 -19.33 -7.96 -32.25
C ILE E 329 -19.09 -9.45 -32.49
N PRO E 330 -18.00 -9.82 -33.17
CA PRO E 330 -17.72 -11.24 -33.40
C PRO E 330 -17.25 -11.97 -32.14
N GLN E 331 -17.68 -13.23 -32.00
CA GLN E 331 -17.30 -14.04 -30.85
C GLN E 331 -15.79 -14.27 -30.74
N GLN E 332 -15.04 -14.07 -31.83
CA GLN E 332 -13.58 -14.18 -31.80
C GLN E 332 -12.99 -13.27 -30.74
N LEU E 333 -13.34 -11.98 -30.80
CA LEU E 333 -12.88 -11.01 -29.82
C LEU E 333 -13.86 -10.80 -28.68
N VAL E 334 -15.13 -11.15 -28.90
CA VAL E 334 -16.13 -11.09 -27.83
C VAL E 334 -15.80 -12.08 -26.73
N GLU E 335 -15.00 -13.08 -27.04
CA GLU E 335 -14.46 -14.02 -26.06
C GLU E 335 -12.94 -14.00 -25.99
N ARG E 336 -12.25 -13.69 -27.09
CA ARG E 336 -10.83 -13.34 -27.00
C ARG E 336 -10.63 -12.15 -26.07
N LEU E 337 -11.66 -11.30 -25.91
CA LEU E 337 -11.64 -10.26 -24.89
C LEU E 337 -11.66 -10.95 -23.53
N GLN E 338 -12.79 -11.58 -23.20
CA GLN E 338 -12.97 -12.25 -21.88
C GLN E 338 -11.83 -13.23 -21.56
N GLU E 339 -11.13 -13.74 -22.57
CA GLU E 339 -10.00 -14.61 -22.31
C GLU E 339 -9.01 -14.00 -21.31
N GLU E 340 -8.95 -12.68 -21.25
CA GLU E 340 -8.06 -12.05 -20.23
C GLU E 340 -8.78 -12.03 -18.88
N MET F 1 10.55 25.36 -54.41
CA MET F 1 9.16 25.38 -54.83
C MET F 1 8.34 26.15 -53.82
N GLN F 2 7.21 26.72 -54.26
CA GLN F 2 6.38 27.55 -53.40
C GLN F 2 5.11 26.80 -53.02
N ILE F 3 4.96 26.60 -51.71
CA ILE F 3 3.74 25.98 -51.16
C ILE F 3 2.94 27.08 -50.45
N PHE F 4 1.80 26.72 -49.89
CA PHE F 4 0.96 27.67 -49.18
C PHE F 4 0.80 27.18 -47.75
N VAL F 5 0.69 28.12 -46.81
CA VAL F 5 0.44 27.73 -45.40
C VAL F 5 -0.69 28.63 -44.90
N LYS F 6 -1.78 28.01 -44.43
CA LYS F 6 -2.90 28.75 -43.84
C LYS F 6 -2.55 29.01 -42.38
N THR F 7 -2.54 30.27 -41.97
CA THR F 7 -2.13 30.63 -40.59
C THR F 7 -3.28 30.49 -39.61
N LEU F 8 -3.04 30.89 -38.36
CA LEU F 8 -4.10 30.81 -37.33
C LEU F 8 -5.15 31.90 -37.62
N THR F 9 -4.79 32.90 -38.40
CA THR F 9 -5.73 33.98 -38.78
C THR F 9 -6.63 33.52 -39.94
N GLY F 10 -6.32 32.37 -40.55
CA GLY F 10 -7.13 31.86 -41.67
C GLY F 10 -6.58 32.37 -42.99
N LYS F 11 -5.53 33.20 -42.94
CA LYS F 11 -4.95 33.81 -44.15
C LYS F 11 -3.82 32.95 -44.68
N THR F 12 -3.72 32.84 -46.00
CA THR F 12 -2.71 31.98 -46.63
C THR F 12 -1.41 32.78 -46.83
N ILE F 13 -0.28 32.18 -46.45
CA ILE F 13 1.03 32.84 -46.71
C ILE F 13 1.82 31.93 -47.64
N THR F 14 2.66 32.51 -48.48
CA THR F 14 3.55 31.69 -49.33
C THR F 14 4.77 31.23 -48.53
N LEU F 15 5.27 30.03 -48.81
CA LEU F 15 6.53 29.56 -48.19
C LEU F 15 7.40 28.96 -49.29
N GLU F 16 8.67 29.35 -49.36
CA GLU F 16 9.59 28.79 -50.38
C GLU F 16 10.32 27.60 -49.76
N VAL F 17 10.01 26.41 -50.27
CA VAL F 17 10.60 25.17 -49.72
C VAL F 17 11.20 24.30 -50.82
N GLU F 18 11.70 23.13 -50.45
CA GLU F 18 12.30 22.19 -51.41
C GLU F 18 11.69 20.83 -51.14
N PRO F 19 11.47 19.98 -52.15
CA PRO F 19 10.94 18.65 -51.89
C PRO F 19 11.64 17.89 -50.76
N SER F 20 12.93 18.13 -50.55
CA SER F 20 13.68 17.41 -49.55
C SER F 20 13.76 18.14 -48.22
N ASP F 21 13.12 19.30 -48.14
CA ASP F 21 13.08 20.01 -46.85
C ASP F 21 12.33 19.15 -45.85
N THR F 22 12.83 19.10 -44.63
CA THR F 22 12.21 18.30 -43.55
C THR F 22 11.12 19.14 -42.90
N ILE F 23 10.27 18.51 -42.10
CA ILE F 23 9.15 19.24 -41.45
C ILE F 23 9.76 20.22 -40.45
N GLU F 24 10.93 19.90 -39.90
CA GLU F 24 11.64 20.82 -39.00
C GLU F 24 12.07 22.07 -39.78
N ASN F 25 12.59 21.88 -40.99
CA ASN F 25 13.06 23.02 -41.83
C ASN F 25 11.87 23.87 -42.26
N VAL F 26 10.74 23.22 -42.53
CA VAL F 26 9.50 23.96 -42.91
C VAL F 26 9.02 24.70 -41.67
N LYS F 27 9.11 24.07 -40.49
CA LYS F 27 8.72 24.82 -39.31
C LYS F 27 9.66 25.99 -39.08
N ALA F 28 10.94 25.80 -39.40
CA ALA F 28 11.91 26.89 -39.27
C ALA F 28 11.55 28.04 -40.19
N LYS F 29 11.11 27.72 -41.40
CA LYS F 29 10.72 28.76 -42.34
C LYS F 29 9.43 29.44 -41.94
N ILE F 30 8.57 28.76 -41.17
CA ILE F 30 7.33 29.39 -40.71
C ILE F 30 7.64 30.39 -39.60
N GLN F 31 8.49 30.00 -38.65
CA GLN F 31 8.94 30.94 -37.62
C GLN F 31 9.56 32.19 -38.25
N ASP F 32 10.25 32.06 -39.37
CA ASP F 32 10.83 33.24 -40.05
C ASP F 32 9.72 34.19 -40.49
N LYS F 33 8.74 33.71 -41.23
CA LYS F 33 7.70 34.61 -41.79
C LYS F 33 6.58 34.89 -40.79
N GLU F 34 6.35 33.99 -39.85
CA GLU F 34 5.19 34.20 -38.98
C GLU F 34 5.51 34.32 -37.51
N GLY F 35 6.73 34.03 -37.09
CA GLY F 35 7.11 34.23 -35.67
C GLY F 35 6.69 33.13 -34.73
N ILE F 36 6.06 32.08 -35.23
CA ILE F 36 5.54 30.99 -34.35
C ILE F 36 6.70 30.05 -34.04
N PRO F 37 7.07 29.86 -32.76
CA PRO F 37 8.19 29.01 -32.43
C PRO F 37 7.95 27.56 -32.90
N PRO F 38 8.92 26.87 -33.53
CA PRO F 38 8.69 25.51 -34.05
C PRO F 38 8.07 24.54 -33.04
N ASP F 39 8.50 24.60 -31.78
CA ASP F 39 7.94 23.71 -30.77
C ASP F 39 6.42 23.75 -30.76
N GLN F 40 5.83 24.90 -31.08
CA GLN F 40 4.37 25.06 -30.92
C GLN F 40 3.59 24.78 -32.21
N GLN F 41 4.26 24.56 -33.32
CA GLN F 41 3.54 24.45 -34.58
C GLN F 41 3.14 23.01 -34.85
N ARG F 42 1.92 22.87 -35.35
CA ARG F 42 1.43 21.57 -35.84
C ARG F 42 0.96 21.83 -37.28
N LEU F 43 1.36 21.00 -38.23
CA LEU F 43 1.04 21.16 -39.64
C LEU F 43 0.16 20.00 -40.09
N ILE F 44 -1.03 20.32 -40.61
CA ILE F 44 -1.94 19.30 -41.10
C ILE F 44 -2.02 19.39 -42.62
N PHE F 45 -1.90 18.24 -43.29
CA PHE F 45 -2.03 18.12 -44.73
C PHE F 45 -2.81 16.85 -45.03
N ALA F 46 -4.00 16.99 -45.63
CA ALA F 46 -4.78 15.84 -46.11
C ALA F 46 -5.05 14.81 -45.01
N GLY F 47 -5.34 15.29 -43.82
CA GLY F 47 -5.60 14.43 -42.68
C GLY F 47 -4.37 14.16 -41.83
N LYS F 48 -3.18 14.20 -42.42
CA LYS F 48 -1.97 13.84 -41.70
C LYS F 48 -1.40 15.05 -40.98
N GLN F 49 -0.95 14.84 -39.74
CA GLN F 49 -0.08 15.80 -39.05
C GLN F 49 1.36 15.46 -39.44
N LEU F 50 2.06 16.45 -40.00
CA LEU F 50 3.39 16.21 -40.52
C LEU F 50 4.39 16.00 -39.37
N GLU F 51 5.24 14.98 -39.48
CA GLU F 51 6.11 14.59 -38.38
C GLU F 51 7.53 15.09 -38.58
N ASP F 52 8.18 15.48 -37.49
CA ASP F 52 9.60 15.80 -37.54
C ASP F 52 10.39 14.57 -37.95
N GLY F 53 11.23 14.71 -38.98
CA GLY F 53 12.04 13.64 -39.49
C GLY F 53 11.79 13.34 -40.95
N ARG F 54 10.55 13.50 -41.39
CA ARG F 54 10.22 13.22 -42.77
C ARG F 54 10.35 14.50 -43.61
N THR F 55 10.31 14.27 -44.92
CA THR F 55 10.43 15.37 -45.89
C THR F 55 9.07 15.68 -46.51
N LEU F 56 9.00 16.75 -47.29
CA LEU F 56 7.74 17.15 -47.94
C LEU F 56 7.43 16.16 -49.07
N SER F 57 8.45 15.70 -49.76
CA SER F 57 8.28 14.70 -50.85
C SER F 57 7.73 13.41 -50.24
N ASP F 58 8.06 13.14 -48.98
CA ASP F 58 7.55 11.92 -48.29
C ASP F 58 6.03 12.00 -48.20
N TYR F 59 5.48 13.22 -48.07
CA TYR F 59 4.03 13.35 -48.00
C TYR F 59 3.40 13.72 -49.33
N ASN F 60 4.18 13.75 -50.40
CA ASN F 60 3.70 14.18 -51.71
C ASN F 60 3.21 15.64 -51.71
N ILE F 61 3.80 16.47 -50.87
CA ILE F 61 3.53 17.90 -50.88
C ILE F 61 4.35 18.51 -52.01
N GLN F 62 3.68 19.31 -52.84
CA GLN F 62 4.37 19.93 -53.98
C GLN F 62 3.98 21.40 -54.09
N LYS F 63 4.39 22.05 -55.17
CA LYS F 63 4.00 23.42 -55.44
C LYS F 63 2.49 23.54 -55.39
N GLU F 64 2.01 24.57 -54.70
CA GLU F 64 0.59 24.96 -54.54
C GLU F 64 -0.13 24.07 -53.54
N SER F 65 0.61 23.22 -52.85
CA SER F 65 0.00 22.41 -51.77
C SER F 65 -0.24 23.31 -50.56
N THR F 66 -1.38 23.14 -49.90
CA THR F 66 -1.73 23.96 -48.73
C THR F 66 -1.54 23.17 -47.44
N LEU F 67 -0.69 23.69 -46.56
CA LEU F 67 -0.52 23.14 -45.21
C LEU F 67 -1.33 23.99 -44.24
N HIS F 68 -1.90 23.32 -43.24
CA HIS F 68 -2.77 24.00 -42.26
C HIS F 68 -2.06 24.12 -40.92
N LEU F 69 -1.76 25.34 -40.49
CA LEU F 69 -1.02 25.56 -39.24
C LEU F 69 -1.99 25.68 -38.08
N VAL F 70 -1.76 24.88 -37.05
CA VAL F 70 -2.61 24.94 -35.83
C VAL F 70 -1.70 24.94 -34.61
N LEU F 71 -2.23 25.36 -33.48
CA LEU F 71 -1.45 25.35 -32.24
C LEU F 71 -1.97 24.22 -31.35
N ARG F 72 -1.94 24.41 -30.04
CA ARG F 72 -2.28 23.29 -29.13
C ARG F 72 -3.04 23.76 -27.89
N LEU F 73 -4.24 23.25 -27.71
CA LEU F 73 -4.99 23.53 -26.47
C LEU F 73 -4.87 22.24 -25.64
N ARG F 74 -3.84 22.17 -24.80
CA ARG F 74 -3.62 21.01 -23.95
C ARG F 74 -4.64 20.94 -22.81
N GLY F 75 -4.87 19.74 -22.30
CA GLY F 75 -5.86 19.52 -21.25
C GLY F 75 -5.68 18.25 -20.43
N VAL G 7 -29.77 -2.02 24.10
CA VAL G 7 -28.64 -2.22 25.06
C VAL G 7 -27.53 -3.04 24.40
N GLY G 8 -26.27 -2.63 24.57
CA GLY G 8 -25.13 -3.35 24.05
C GLY G 8 -24.64 -4.43 25.00
N LEU G 9 -23.61 -5.16 24.56
CA LEU G 9 -23.02 -6.26 25.38
C LEU G 9 -21.52 -6.02 25.54
N LYS G 10 -21.02 -5.94 26.77
CA LYS G 10 -19.59 -5.61 27.04
C LYS G 10 -18.64 -6.63 26.40
N ASN G 11 -17.64 -6.16 25.66
CA ASN G 11 -16.63 -7.06 25.04
C ASN G 11 -15.59 -7.42 26.09
N GLN G 12 -15.51 -8.69 26.46
CA GLN G 12 -14.57 -9.14 27.51
C GLN G 12 -13.13 -9.10 26.97
N GLY G 13 -12.97 -8.87 25.67
CA GLY G 13 -11.64 -8.82 25.05
C GLY G 13 -11.70 -9.26 23.60
N ALA G 14 -12.28 -10.42 23.35
CA ALA G 14 -12.38 -10.93 21.97
C ALA G 14 -13.73 -11.62 21.73
N THR G 15 -14.72 -11.35 22.58
CA THR G 15 -16.04 -12.04 22.48
C THR G 15 -16.97 -11.31 21.50
N CYS G 16 -16.44 -10.67 20.47
CA CYS G 16 -17.36 -10.04 19.53
C CYS G 16 -18.24 -11.07 18.84
N TYR G 17 -17.68 -12.27 18.59
CA TYR G 17 -18.47 -13.37 18.03
C TYR G 17 -19.63 -13.74 18.96
N MET G 18 -19.37 -13.81 20.26
CA MET G 18 -20.40 -14.23 21.20
C MET G 18 -21.44 -13.14 21.41
N ASN G 19 -21.03 -11.88 21.38
CA ASN G 19 -21.98 -10.80 21.64
C ASN G 19 -22.93 -10.64 20.47
N SER G 20 -22.43 -10.81 19.24
CA SER G 20 -23.30 -10.69 18.08
C SER G 20 -24.37 -11.78 18.07
N LEU G 21 -23.98 -13.02 18.37
CA LEU G 21 -24.93 -14.12 18.30
C LEU G 21 -25.96 -14.03 19.42
N LEU G 22 -25.56 -13.53 20.57
CA LEU G 22 -26.52 -13.36 21.70
C LEU G 22 -27.56 -12.30 21.31
N GLN G 23 -27.15 -11.21 20.67
CA GLN G 23 -28.11 -10.25 20.12
C GLN G 23 -29.05 -10.93 19.12
N THR G 24 -28.52 -11.83 18.28
CA THR G 24 -29.35 -12.55 17.32
C THR G 24 -30.33 -13.50 18.03
N LEU G 25 -29.91 -14.13 19.12
CA LEU G 25 -30.83 -15.04 19.79
C LEU G 25 -31.78 -14.32 20.72
N PHE G 26 -31.33 -13.28 21.41
CA PHE G 26 -32.25 -12.48 22.26
C PHE G 26 -33.42 -11.96 21.41
N PHE G 27 -33.13 -11.49 20.21
CA PHE G 27 -34.16 -10.95 19.28
C PHE G 27 -35.07 -12.05 18.74
N THR G 28 -34.74 -13.32 19.02
CA THR G 28 -35.67 -14.41 18.67
C THR G 28 -36.56 -14.51 19.91
N ASN G 29 -37.75 -13.90 19.89
CA ASN G 29 -38.53 -13.77 21.12
C ASN G 29 -39.14 -15.11 21.54
N GLN G 30 -39.58 -15.93 20.57
CA GLN G 30 -40.05 -17.27 20.92
C GLN G 30 -38.98 -18.03 21.69
N LEU G 31 -37.75 -18.03 21.15
CA LEU G 31 -36.64 -18.69 21.82
C LEU G 31 -36.39 -18.05 23.19
N ARG G 32 -36.40 -16.72 23.25
CA ARG G 32 -36.14 -16.01 24.51
C ARG G 32 -37.13 -16.42 25.58
N LYS G 33 -38.42 -16.47 25.24
CA LYS G 33 -39.44 -16.85 26.20
C LYS G 33 -39.23 -18.29 26.67
N ALA G 34 -38.96 -19.17 25.72
CA ALA G 34 -38.67 -20.56 26.12
C ALA G 34 -37.49 -20.57 27.08
N VAL G 35 -36.50 -19.71 26.84
CA VAL G 35 -35.31 -19.73 27.68
C VAL G 35 -35.64 -19.28 29.10
N TYR G 36 -36.51 -18.27 29.25
CA TYR G 36 -36.91 -17.82 30.60
C TYR G 36 -37.68 -18.93 31.34
N MET G 37 -38.51 -19.69 30.61
CA MET G 37 -39.30 -20.73 31.25
C MET G 37 -38.49 -21.94 31.67
N MET G 38 -37.26 -22.05 31.16
CA MET G 38 -36.41 -23.23 31.45
C MET G 38 -36.35 -23.46 32.95
N PRO G 39 -36.69 -24.67 33.49
CA PRO G 39 -36.56 -24.93 34.93
C PRO G 39 -35.12 -24.79 35.45
N THR G 40 -34.77 -23.62 35.97
CA THR G 40 -33.41 -23.38 36.52
C THR G 40 -33.41 -23.70 38.01
N GLU G 41 -32.98 -22.75 38.86
CA GLU G 41 -32.90 -22.95 40.33
C GLU G 41 -32.40 -24.37 40.65
N SER G 46 -24.20 -20.72 39.29
CA SER G 46 -23.72 -19.87 38.20
C SER G 46 -22.83 -20.66 37.23
N LYS G 47 -22.89 -21.98 37.33
CA LYS G 47 -22.26 -22.89 36.38
C LYS G 47 -23.29 -23.60 35.52
N SER G 48 -24.33 -22.89 35.09
CA SER G 48 -25.34 -23.41 34.18
C SER G 48 -25.44 -22.47 32.98
N VAL G 49 -25.29 -23.03 31.77
CA VAL G 49 -25.44 -22.22 30.57
C VAL G 49 -26.87 -21.68 30.44
N PRO G 50 -27.91 -22.49 30.61
CA PRO G 50 -29.27 -21.91 30.54
C PRO G 50 -29.49 -20.82 31.58
N LEU G 51 -29.05 -21.05 32.83
CA LEU G 51 -29.17 -20.02 33.86
C LEU G 51 -28.47 -18.74 33.44
N ALA G 52 -27.29 -18.87 32.86
CA ALA G 52 -26.54 -17.67 32.45
C ALA G 52 -27.23 -17.00 31.26
N LEU G 53 -27.87 -17.78 30.40
CA LEU G 53 -28.61 -17.22 29.24
C LEU G 53 -29.82 -16.46 29.79
N GLN G 54 -30.57 -17.05 30.73
CA GLN G 54 -31.64 -16.30 31.39
C GLN G 54 -31.12 -14.95 31.85
N ARG G 55 -30.00 -14.95 32.57
CA ARG G 55 -29.45 -13.72 33.11
C ARG G 55 -29.14 -12.73 31.99
N VAL G 56 -28.34 -13.15 31.01
CA VAL G 56 -27.98 -12.27 29.89
C VAL G 56 -29.24 -11.76 29.21
N PHE G 57 -30.16 -12.67 28.85
CA PHE G 57 -31.39 -12.25 28.19
C PHE G 57 -32.19 -11.27 29.04
N TYR G 58 -32.08 -11.35 30.38
CA TYR G 58 -32.72 -10.37 31.23
C TYR G 58 -32.13 -8.98 31.01
N GLU G 59 -30.85 -8.83 31.34
CA GLU G 59 -30.15 -7.52 31.20
C GLU G 59 -30.34 -6.96 29.79
N LEU G 60 -30.37 -7.82 28.77
CA LEU G 60 -30.61 -7.32 27.42
C LEU G 60 -31.97 -6.61 27.31
N GLN G 61 -32.94 -7.04 28.11
CA GLN G 61 -34.30 -6.46 28.02
C GLN G 61 -34.61 -5.71 29.31
N ASP G 64 -30.18 -0.41 31.51
CA ASP G 64 -29.97 0.70 30.59
C ASP G 64 -28.52 0.92 30.23
N LYS G 65 -27.63 0.14 30.85
CA LYS G 65 -26.17 0.21 30.57
C LYS G 65 -25.72 -1.16 30.04
N PRO G 66 -24.58 -1.28 29.33
CA PRO G 66 -24.16 -2.56 28.72
C PRO G 66 -24.23 -3.84 29.58
N VAL G 67 -24.43 -4.99 28.93
CA VAL G 67 -24.62 -6.26 29.69
C VAL G 67 -23.31 -7.06 29.75
N GLY G 68 -23.06 -7.69 30.90
CA GLY G 68 -21.81 -8.45 31.10
C GLY G 68 -21.99 -9.93 30.86
N THR G 69 -21.29 -10.46 29.86
CA THR G 69 -21.35 -11.88 29.52
C THR G 69 -20.45 -12.74 30.41
N LYS G 70 -19.91 -12.14 31.46
CA LYS G 70 -18.90 -12.79 32.29
C LYS G 70 -19.42 -14.11 32.87
N LYS G 71 -20.62 -14.10 33.47
CA LYS G 71 -21.17 -15.29 34.11
C LYS G 71 -21.46 -16.42 33.13
N LEU G 72 -21.62 -16.12 31.84
CA LEU G 72 -21.83 -17.16 30.85
C LEU G 72 -20.52 -17.90 30.50
N THR G 73 -19.49 -17.16 30.08
CA THR G 73 -18.21 -17.81 29.78
C THR G 73 -17.70 -18.55 31.01
N LYS G 74 -17.89 -17.96 32.19
CA LYS G 74 -17.68 -18.71 33.42
C LYS G 74 -18.47 -20.02 33.41
N SER G 75 -19.75 -19.95 33.04
CA SER G 75 -20.55 -21.16 32.98
C SER G 75 -20.00 -22.14 31.97
N PHE G 76 -19.40 -21.64 30.90
CA PHE G 76 -18.78 -22.48 29.89
C PHE G 76 -17.59 -23.27 30.41
N GLY G 77 -17.10 -22.96 31.62
CA GLY G 77 -15.89 -23.58 32.11
C GLY G 77 -14.60 -22.93 31.67
N TRP G 78 -14.67 -21.65 31.33
CA TRP G 78 -13.50 -20.93 30.76
C TRP G 78 -12.85 -20.01 31.79
N GLU G 79 -11.59 -19.65 31.57
CA GLU G 79 -10.91 -18.64 32.44
C GLU G 79 -10.86 -17.34 31.64
N THR G 80 -10.26 -16.30 32.22
CA THR G 80 -10.25 -14.99 31.53
C THR G 80 -9.57 -15.14 30.18
N LEU G 81 -8.42 -15.80 30.13
CA LEU G 81 -7.65 -16.03 28.88
C LEU G 81 -8.56 -16.54 27.77
N ASP G 82 -9.40 -17.52 28.06
CA ASP G 82 -10.26 -18.16 27.03
C ASP G 82 -11.17 -17.11 26.39
N SER G 83 -11.52 -16.06 27.12
CA SER G 83 -12.30 -15.02 26.47
C SER G 83 -11.44 -14.05 25.68
N PHE G 84 -10.18 -14.38 25.40
CA PHE G 84 -9.35 -13.60 24.48
C PHE G 84 -9.00 -14.38 23.21
N MET G 85 -9.64 -15.53 22.99
CA MET G 85 -9.54 -16.26 21.75
C MET G 85 -10.67 -15.87 20.82
N GLN G 86 -10.36 -15.75 19.54
CA GLN G 86 -11.33 -15.36 18.53
C GLN G 86 -11.95 -16.59 17.90
N HIS G 87 -13.21 -16.45 17.47
CA HIS G 87 -14.00 -17.63 17.16
C HIS G 87 -15.01 -17.35 16.06
N ASP G 88 -15.42 -18.45 15.42
CA ASP G 88 -16.45 -18.49 14.40
C ASP G 88 -17.82 -18.42 15.05
N VAL G 89 -18.63 -17.44 14.65
CA VAL G 89 -19.94 -17.29 15.29
C VAL G 89 -20.81 -18.51 14.99
N GLN G 90 -20.71 -19.05 13.77
CA GLN G 90 -21.57 -20.16 13.38
C GLN G 90 -21.17 -21.45 14.10
N GLU G 91 -19.91 -21.56 14.52
CA GLU G 91 -19.56 -22.71 15.34
C GLU G 91 -20.20 -22.58 16.73
N LEU G 92 -20.19 -21.37 17.30
CA LEU G 92 -20.80 -21.17 18.60
C LEU G 92 -22.30 -21.44 18.55
N CYS G 93 -22.95 -20.99 17.47
CA CYS G 93 -24.38 -21.19 17.35
C CYS G 93 -24.76 -22.67 17.42
N ARG G 94 -24.04 -23.51 16.66
CA ARG G 94 -24.29 -24.95 16.68
C ARG G 94 -24.12 -25.53 18.07
N VAL G 95 -22.99 -25.24 18.72
CA VAL G 95 -22.71 -25.85 20.06
C VAL G 95 -23.71 -25.30 21.08
N LEU G 96 -24.02 -24.00 21.00
CA LEU G 96 -24.92 -23.38 22.01
C LEU G 96 -26.36 -23.89 21.79
N LEU G 97 -26.85 -23.80 20.56
CA LEU G 97 -28.20 -24.26 20.29
C LEU G 97 -28.37 -25.72 20.66
N ASP G 98 -27.31 -26.52 20.49
CA ASP G 98 -27.40 -27.94 20.81
C ASP G 98 -27.44 -28.16 22.31
N ASN G 99 -26.69 -27.35 23.05
CA ASN G 99 -26.64 -27.48 24.52
C ASN G 99 -28.00 -27.10 25.13
N VAL G 100 -28.56 -25.98 24.71
CA VAL G 100 -29.82 -25.50 25.26
C VAL G 100 -30.99 -26.40 24.86
N GLU G 101 -30.98 -26.89 23.61
CA GLU G 101 -32.00 -27.83 23.17
C GLU G 101 -32.01 -29.09 24.04
N ASN G 102 -30.84 -29.69 24.28
CA ASN G 102 -30.83 -30.80 25.23
C ASN G 102 -30.98 -30.30 26.67
N LYS G 103 -30.68 -29.03 26.93
CA LYS G 103 -30.96 -28.49 28.26
C LYS G 103 -32.46 -28.50 28.50
N MET G 104 -33.24 -28.21 27.47
CA MET G 104 -34.70 -28.26 27.55
C MET G 104 -35.25 -29.67 27.44
N LYS G 105 -34.40 -30.68 27.38
CA LYS G 105 -34.89 -32.05 27.27
C LYS G 105 -35.71 -32.39 28.50
N GLY G 106 -36.93 -32.89 28.29
CA GLY G 106 -37.76 -33.30 29.41
C GLY G 106 -38.33 -32.16 30.23
N THR G 107 -38.58 -31.03 29.56
CA THR G 107 -39.13 -29.83 30.23
C THR G 107 -40.37 -29.31 29.50
N CYS G 108 -40.94 -28.22 30.02
CA CYS G 108 -42.14 -27.60 29.40
C CYS G 108 -41.83 -27.05 28.02
N VAL G 109 -40.56 -26.76 27.73
CA VAL G 109 -40.23 -26.16 26.45
C VAL G 109 -39.43 -27.12 25.56
N GLU G 110 -39.47 -28.41 25.87
CA GLU G 110 -38.83 -29.39 25.01
C GLU G 110 -39.33 -29.25 23.57
N GLY G 111 -38.40 -29.25 22.62
CA GLY G 111 -38.77 -29.16 21.21
C GLY G 111 -38.80 -27.74 20.67
N THR G 112 -38.46 -26.74 21.47
CA THR G 112 -38.57 -25.33 21.01
C THR G 112 -37.53 -25.04 19.93
N ILE G 113 -36.25 -25.21 20.24
CA ILE G 113 -35.17 -24.99 19.24
C ILE G 113 -35.46 -25.82 17.97
N PRO G 114 -35.74 -27.14 18.02
CA PRO G 114 -36.12 -27.84 16.81
C PRO G 114 -37.30 -27.18 16.07
N LYS G 115 -38.40 -26.89 16.78
CA LYS G 115 -39.61 -26.36 16.10
C LYS G 115 -39.31 -25.01 15.47
N LEU G 116 -38.33 -24.28 15.97
CA LEU G 116 -38.01 -22.93 15.46
C LEU G 116 -36.86 -22.98 14.47
N PHE G 117 -35.94 -23.94 14.61
CA PHE G 117 -34.76 -23.90 13.76
C PHE G 117 -34.57 -25.10 12.84
N ARG G 118 -35.24 -26.24 13.10
CA ARG G 118 -34.98 -27.49 12.37
C ARG G 118 -35.82 -27.58 11.10
N GLY G 119 -35.16 -27.81 9.97
CA GLY G 119 -35.82 -28.14 8.73
C GLY G 119 -35.43 -29.52 8.26
N LYS G 120 -35.89 -29.87 7.04
CA LYS G 120 -35.66 -31.20 6.48
C LYS G 120 -35.35 -31.15 4.99
N MET G 121 -34.32 -31.88 4.57
CA MET G 121 -33.91 -31.90 3.14
C MET G 121 -34.03 -33.31 2.54
N VAL G 122 -33.94 -33.41 1.24
CA VAL G 122 -34.01 -34.73 0.59
C VAL G 122 -32.91 -34.80 -0.48
N SER G 123 -32.13 -35.88 -0.48
CA SER G 123 -31.04 -36.04 -1.47
C SER G 123 -31.45 -37.15 -2.43
N TYR G 124 -31.46 -36.88 -3.73
CA TYR G 124 -31.92 -37.89 -4.69
C TYR G 124 -30.72 -38.40 -5.48
N ILE G 125 -30.50 -39.70 -5.47
CA ILE G 125 -29.43 -40.35 -6.23
C ILE G 125 -30.06 -41.16 -7.35
N GLN G 126 -29.60 -40.92 -8.57
CA GLN G 126 -30.14 -41.58 -9.75
C GLN G 126 -28.99 -42.11 -10.61
N CYS G 127 -28.83 -43.44 -10.64
CA CYS G 127 -27.79 -44.03 -11.49
C CYS G 127 -28.01 -43.66 -12.97
N LYS G 128 -26.90 -43.51 -13.70
CA LYS G 128 -26.97 -43.12 -15.11
C LYS G 128 -26.88 -44.27 -16.09
N GLU G 129 -26.29 -45.42 -15.69
CA GLU G 129 -26.00 -46.51 -16.60
C GLU G 129 -26.74 -47.80 -16.28
N VAL G 130 -27.28 -47.89 -15.07
CA VAL G 130 -28.14 -49.03 -14.66
C VAL G 130 -29.43 -48.41 -14.09
N ASP G 131 -30.42 -49.24 -13.77
CA ASP G 131 -31.68 -48.73 -13.16
C ASP G 131 -31.62 -48.88 -11.65
N TYR G 132 -31.35 -47.79 -10.94
CA TYR G 132 -31.24 -47.81 -9.46
C TYR G 132 -31.41 -46.36 -8.98
N ARG G 133 -32.27 -46.17 -7.99
CA ARG G 133 -32.44 -44.83 -7.38
C ARG G 133 -32.35 -44.98 -5.88
N SER G 134 -31.87 -43.95 -5.18
CA SER G 134 -31.88 -44.00 -3.70
C SER G 134 -32.31 -42.65 -3.13
N ASP G 135 -32.75 -42.65 -1.89
CA ASP G 135 -33.32 -41.42 -1.29
C ASP G 135 -32.86 -41.30 0.17
N ARG G 136 -32.53 -40.09 0.58
CA ARG G 136 -32.16 -39.84 2.01
C ARG G 136 -32.75 -38.52 2.47
N ARG G 137 -33.43 -38.53 3.62
CA ARG G 137 -34.03 -37.30 4.20
C ARG G 137 -33.31 -36.97 5.50
N GLU G 138 -32.77 -35.75 5.64
CA GLU G 138 -31.96 -35.39 6.80
C GLU G 138 -32.41 -34.04 7.36
N ASP G 139 -32.44 -33.94 8.68
CA ASP G 139 -32.59 -32.67 9.36
C ASP G 139 -31.39 -31.75 9.10
N TYR G 140 -31.65 -30.46 9.25
CA TYR G 140 -30.62 -29.43 9.29
C TYR G 140 -31.13 -28.35 10.24
N TYR G 141 -30.21 -27.60 10.81
CA TYR G 141 -30.57 -26.46 11.63
C TYR G 141 -30.01 -25.17 11.07
N ASP G 142 -29.31 -25.23 9.94
CA ASP G 142 -28.86 -24.05 9.20
C ASP G 142 -28.47 -24.52 7.80
N ILE G 143 -28.12 -23.59 6.92
CA ILE G 143 -27.80 -23.97 5.54
C ILE G 143 -26.48 -23.34 5.10
N GLN G 144 -25.64 -24.14 4.45
CA GLN G 144 -24.35 -23.69 3.94
C GLN G 144 -24.50 -23.37 2.45
N LEU G 145 -24.27 -22.11 2.12
CA LEU G 145 -24.52 -21.65 0.73
C LEU G 145 -23.24 -21.25 0.01
N SER G 146 -22.96 -21.87 -1.13
CA SER G 146 -21.79 -21.53 -1.93
C SER G 146 -21.82 -20.05 -2.36
N ILE G 147 -20.71 -19.35 -2.15
CA ILE G 147 -20.62 -17.91 -2.45
C ILE G 147 -19.89 -17.66 -3.75
N LYS G 148 -18.76 -18.34 -3.94
CA LYS G 148 -17.88 -18.04 -5.05
C LYS G 148 -18.55 -18.35 -6.38
N GLY G 149 -18.68 -17.33 -7.22
CA GLY G 149 -19.25 -17.53 -8.57
C GLY G 149 -20.72 -17.17 -8.65
N LYS G 150 -21.29 -16.67 -7.56
CA LYS G 150 -22.70 -16.38 -7.49
C LYS G 150 -22.85 -14.91 -7.15
N LYS G 151 -23.82 -14.25 -7.79
CA LYS G 151 -24.02 -12.82 -7.53
C LYS G 151 -24.84 -12.58 -6.27
N ASN G 152 -25.88 -13.40 -6.12
CA ASN G 152 -26.83 -13.18 -5.00
C ASN G 152 -27.24 -14.49 -4.33
N ILE G 153 -27.88 -14.38 -3.15
CA ILE G 153 -28.38 -15.56 -2.44
C ILE G 153 -29.36 -16.36 -3.29
N PHE G 154 -30.10 -15.69 -4.18
CA PHE G 154 -30.89 -16.40 -5.18
C PHE G 154 -30.02 -17.42 -5.92
N GLU G 155 -28.92 -16.97 -6.50
CA GLU G 155 -28.10 -17.90 -7.33
C GLU G 155 -27.46 -18.97 -6.45
N SER G 156 -27.19 -18.69 -5.18
CA SER G 156 -26.64 -19.72 -4.31
C SER G 156 -27.66 -20.85 -4.10
N PHE G 157 -28.90 -20.50 -3.74
CA PHE G 157 -29.95 -21.50 -3.59
C PHE G 157 -30.18 -22.30 -4.86
N VAL G 158 -30.15 -21.64 -6.03
CA VAL G 158 -30.26 -22.39 -7.28
C VAL G 158 -29.13 -23.40 -7.40
N ASP G 159 -27.89 -22.97 -7.17
CA ASP G 159 -26.76 -23.90 -7.23
C ASP G 159 -26.93 -25.01 -6.21
N TYR G 160 -27.47 -24.66 -5.03
CA TYR G 160 -27.62 -25.61 -3.94
C TYR G 160 -28.44 -26.83 -4.36
N VAL G 161 -29.46 -26.64 -5.19
CA VAL G 161 -30.32 -27.75 -5.59
C VAL G 161 -30.07 -28.16 -7.03
N ALA G 162 -28.95 -27.74 -7.61
CA ALA G 162 -28.60 -28.22 -8.94
C ALA G 162 -28.26 -29.70 -8.91
N VAL G 163 -28.50 -30.38 -10.03
CA VAL G 163 -28.08 -31.77 -10.16
C VAL G 163 -26.56 -31.81 -10.33
N GLU G 164 -25.92 -32.76 -9.66
CA GLU G 164 -24.49 -32.99 -9.84
C GLU G 164 -24.24 -34.38 -10.39
N GLN G 165 -23.05 -34.56 -10.96
CA GLN G 165 -22.64 -35.87 -11.44
C GLN G 165 -21.72 -36.53 -10.42
N LEU G 166 -21.98 -37.80 -10.15
CA LEU G 166 -21.12 -38.58 -9.28
C LEU G 166 -20.39 -39.55 -10.20
N ASP G 167 -19.17 -39.21 -10.62
CA ASP G 167 -18.38 -40.01 -11.54
C ASP G 167 -16.90 -39.95 -11.16
N GLY G 168 -16.07 -40.62 -11.96
CA GLY G 168 -14.65 -40.67 -11.72
C GLY G 168 -14.29 -41.18 -10.34
N ASP G 169 -13.78 -40.30 -9.48
CA ASP G 169 -13.36 -40.71 -8.14
C ASP G 169 -14.47 -40.57 -7.11
N ASN G 170 -15.67 -40.22 -7.57
CA ASN G 170 -16.83 -40.04 -6.66
C ASN G 170 -18.02 -40.78 -7.26
N LYS G 171 -17.80 -41.99 -7.73
CA LYS G 171 -18.88 -42.83 -8.29
C LYS G 171 -19.81 -43.33 -7.18
N TYR G 172 -21.10 -43.47 -7.46
CA TYR G 172 -22.06 -43.84 -6.43
C TYR G 172 -21.99 -45.33 -6.13
N ASP G 173 -22.02 -45.68 -4.84
CA ASP G 173 -22.01 -47.09 -4.45
C ASP G 173 -23.44 -47.63 -4.49
N ALA G 174 -23.78 -48.39 -5.54
CA ALA G 174 -25.15 -48.83 -5.78
C ALA G 174 -25.33 -50.34 -5.54
N GLY G 175 -24.74 -50.84 -4.45
CA GLY G 175 -25.03 -52.20 -4.01
C GLY G 175 -24.55 -53.28 -4.98
N GLU G 176 -25.44 -54.23 -5.25
CA GLU G 176 -25.15 -55.31 -6.19
C GLU G 176 -24.66 -54.79 -7.54
N HIS G 177 -24.93 -53.53 -7.85
CA HIS G 177 -24.42 -52.93 -9.12
C HIS G 177 -23.00 -52.38 -8.95
N GLY G 178 -22.51 -52.33 -7.71
CA GLY G 178 -21.20 -51.76 -7.41
C GLY G 178 -21.17 -50.27 -7.65
N LEU G 179 -19.99 -49.73 -7.91
CA LEU G 179 -19.85 -48.32 -8.19
C LEU G 179 -20.47 -47.98 -9.55
N GLN G 180 -21.18 -46.84 -9.61
CA GLN G 180 -21.93 -46.41 -10.79
C GLN G 180 -21.80 -44.91 -10.98
N GLU G 181 -21.79 -44.49 -12.24
CA GLU G 181 -22.02 -43.08 -12.56
C GLU G 181 -23.47 -42.74 -12.21
N ALA G 182 -23.71 -41.56 -11.64
CA ALA G 182 -25.06 -41.28 -11.15
C ALA G 182 -25.30 -39.78 -11.05
N GLU G 183 -26.56 -39.41 -10.98
CA GLU G 183 -26.96 -38.03 -10.74
C GLU G 183 -27.41 -37.88 -9.30
N LYS G 184 -27.06 -36.73 -8.70
CA LYS G 184 -27.49 -36.42 -7.32
C LYS G 184 -28.05 -35.01 -7.26
N GLY G 185 -29.26 -34.88 -6.73
CA GLY G 185 -29.85 -33.58 -6.48
C GLY G 185 -30.49 -33.48 -5.13
N VAL G 186 -30.28 -32.36 -4.43
CA VAL G 186 -30.90 -32.10 -3.14
C VAL G 186 -32.03 -31.09 -3.31
N LYS G 187 -33.01 -31.16 -2.41
CA LYS G 187 -34.13 -30.22 -2.38
C LYS G 187 -34.62 -30.17 -0.95
N PHE G 188 -35.33 -29.10 -0.58
CA PHE G 188 -35.79 -28.93 0.79
C PHE G 188 -37.23 -29.42 0.93
N LEU G 189 -37.56 -30.08 2.03
CA LEU G 189 -38.97 -30.50 2.25
C LEU G 189 -39.65 -29.46 3.11
N THR G 190 -39.07 -29.15 4.27
CA THR G 190 -39.56 -28.10 5.12
C THR G 190 -38.45 -27.06 5.29
N LEU G 191 -38.88 -25.84 5.57
CA LEU G 191 -38.02 -24.72 5.86
C LEU G 191 -38.51 -24.17 7.18
N PRO G 192 -37.63 -23.97 8.15
CA PRO G 192 -38.08 -23.68 9.53
C PRO G 192 -38.57 -22.25 9.66
N PRO G 193 -39.29 -21.94 10.75
CA PRO G 193 -39.74 -20.54 10.93
C PRO G 193 -38.58 -19.55 10.95
N VAL G 194 -37.54 -19.84 11.75
CA VAL G 194 -36.31 -19.07 11.79
C VAL G 194 -35.26 -19.81 11.00
N LEU G 195 -34.72 -19.17 9.95
CA LEU G 195 -33.75 -19.85 9.07
C LEU G 195 -32.36 -19.25 9.23
N HIS G 196 -31.40 -20.06 9.68
CA HIS G 196 -30.00 -19.60 9.76
C HIS G 196 -29.31 -19.89 8.44
N LEU G 197 -28.54 -18.95 7.92
CA LEU G 197 -27.86 -19.13 6.61
C LEU G 197 -26.38 -18.80 6.78
N GLN G 198 -25.49 -19.78 6.53
CA GLN G 198 -24.02 -19.55 6.60
C GLN G 198 -23.48 -19.34 5.20
N LEU G 199 -22.85 -18.19 4.97
CA LEU G 199 -22.30 -17.87 3.66
C LEU G 199 -20.89 -18.44 3.59
N MET G 200 -20.62 -19.28 2.58
CA MET G 200 -19.34 -19.97 2.48
C MET G 200 -18.24 -19.01 2.00
N ARG G 201 -17.82 -18.12 2.89
CA ARG G 201 -16.84 -17.07 2.52
C ARG G 201 -15.41 -17.54 2.85
N PHE G 202 -15.06 -18.72 2.37
CA PHE G 202 -13.71 -19.28 2.63
C PHE G 202 -13.29 -20.26 1.53
N MET G 203 -11.97 -20.42 1.37
CA MET G 203 -11.40 -21.35 0.36
C MET G 203 -9.99 -21.73 0.81
N TYR G 204 -9.74 -23.04 0.97
CA TYR G 204 -8.38 -23.49 1.37
C TYR G 204 -7.45 -23.41 0.17
N ASP G 205 -6.21 -22.96 0.43
CA ASP G 205 -5.19 -22.79 -0.65
C ASP G 205 -3.95 -23.65 -0.39
N PRO G 206 -3.76 -24.75 -1.14
CA PRO G 206 -2.56 -25.60 -1.08
C PRO G 206 -1.36 -24.98 -1.81
N ASN G 211 -5.52 -21.29 3.23
CA ASN G 211 -6.89 -20.95 3.70
C ASN G 211 -7.07 -19.43 3.67
N ILE G 212 -7.92 -18.95 2.76
CA ILE G 212 -8.15 -17.48 2.62
C ILE G 212 -9.65 -17.19 2.72
N LYS G 213 -10.00 -16.00 3.19
CA LYS G 213 -11.38 -15.57 3.30
C LYS G 213 -11.86 -14.97 1.98
N ILE G 214 -12.99 -15.47 1.48
CA ILE G 214 -13.59 -15.01 0.23
C ILE G 214 -14.36 -13.73 0.48
N ASN G 215 -13.93 -12.62 -0.15
CA ASN G 215 -14.51 -11.30 0.11
C ASN G 215 -15.43 -10.80 -1.02
N ASP G 216 -15.74 -11.64 -2.01
CA ASP G 216 -16.45 -11.18 -3.20
C ASP G 216 -17.78 -10.53 -2.85
N ARG G 217 -18.34 -9.83 -3.84
CA ARG G 217 -19.65 -9.20 -3.67
C ARG G 217 -20.72 -10.28 -3.64
N PHE G 218 -21.51 -10.30 -2.58
CA PHE G 218 -22.62 -11.25 -2.49
C PHE G 218 -23.90 -10.52 -2.07
N GLU G 219 -24.89 -10.55 -2.95
CA GLU G 219 -26.10 -9.76 -2.80
C GLU G 219 -27.20 -10.59 -2.13
N PHE G 220 -27.93 -9.95 -1.22
CA PHE G 220 -29.04 -10.64 -0.57
C PHE G 220 -30.15 -9.65 -0.25
N PRO G 221 -31.44 -10.04 -0.39
CA PRO G 221 -32.52 -9.06 -0.27
C PRO G 221 -33.23 -9.09 1.07
N GLU G 222 -34.02 -8.04 1.32
CA GLU G 222 -34.89 -8.05 2.48
C GLU G 222 -35.99 -9.09 2.33
N GLN G 223 -36.35 -9.43 1.10
CA GLN G 223 -37.47 -10.34 0.81
C GLN G 223 -36.92 -11.57 0.10
N LEU G 224 -36.94 -12.71 0.80
CA LEU G 224 -36.38 -13.93 0.24
C LEU G 224 -37.49 -14.94 -0.01
N PRO G 225 -37.86 -15.17 -1.26
CA PRO G 225 -38.87 -16.18 -1.57
C PRO G 225 -38.27 -17.52 -1.92
N LEU G 226 -38.44 -18.48 -1.02
CA LEU G 226 -37.74 -19.75 -1.14
C LEU G 226 -38.59 -20.86 -1.75
N ASP G 227 -39.88 -20.61 -2.02
CA ASP G 227 -40.79 -21.63 -2.53
C ASP G 227 -40.18 -22.44 -3.68
N GLU G 228 -39.44 -21.78 -4.57
CA GLU G 228 -38.91 -22.47 -5.74
C GLU G 228 -38.04 -23.67 -5.37
N PHE G 229 -37.53 -23.71 -4.13
CA PHE G 229 -36.58 -24.72 -3.70
C PHE G 229 -37.21 -25.76 -2.77
N LEU G 230 -38.51 -25.64 -2.51
CA LEU G 230 -39.26 -26.70 -1.89
C LEU G 230 -39.59 -27.74 -2.95
N GLN G 231 -39.75 -28.98 -2.49
CA GLN G 231 -40.19 -30.07 -3.35
C GLN G 231 -41.69 -30.02 -3.59
N LYS G 232 -42.43 -29.62 -2.57
CA LYS G 232 -43.85 -29.36 -2.65
C LYS G 232 -44.13 -28.11 -1.86
N THR G 233 -44.81 -27.16 -2.47
CA THR G 233 -45.16 -25.93 -1.77
C THR G 233 -46.51 -26.10 -1.10
N ASP G 234 -46.94 -25.07 -0.39
CA ASP G 234 -48.13 -25.13 0.46
C ASP G 234 -48.89 -23.81 0.31
N PRO G 235 -49.87 -23.76 -0.58
CA PRO G 235 -50.62 -22.50 -0.80
C PRO G 235 -51.12 -21.85 0.47
N LYS G 236 -51.38 -22.63 1.54
CA LYS G 236 -51.84 -22.07 2.80
C LYS G 236 -50.74 -21.32 3.56
N ASP G 237 -49.49 -21.35 3.06
CA ASP G 237 -48.32 -20.81 3.76
C ASP G 237 -47.11 -20.91 2.85
N PRO G 238 -46.82 -19.88 2.07
CA PRO G 238 -45.64 -19.93 1.19
C PRO G 238 -44.37 -19.78 2.00
N ALA G 239 -43.26 -20.17 1.36
CA ALA G 239 -41.94 -20.00 1.95
C ALA G 239 -41.38 -18.64 1.55
N ASN G 240 -41.93 -17.60 2.19
CA ASN G 240 -41.46 -16.22 1.93
C ASN G 240 -40.77 -15.75 3.20
N TYR G 241 -39.53 -15.28 3.09
CA TYR G 241 -38.75 -14.92 4.29
C TYR G 241 -38.39 -13.43 4.32
N ILE G 242 -38.45 -12.82 5.51
CA ILE G 242 -38.05 -11.40 5.65
C ILE G 242 -36.71 -11.33 6.39
N LEU G 243 -35.76 -10.58 5.83
CA LEU G 243 -34.42 -10.43 6.45
C LEU G 243 -34.58 -9.88 7.86
N HIS G 244 -34.12 -10.63 8.84
CA HIS G 244 -34.19 -10.18 10.25
C HIS G 244 -32.81 -9.79 10.76
N ALA G 245 -31.78 -10.58 10.46
CA ALA G 245 -30.44 -10.32 11.04
C ALA G 245 -29.33 -10.48 10.01
N VAL G 246 -28.28 -9.69 10.14
CA VAL G 246 -27.10 -9.80 9.24
C VAL G 246 -25.85 -9.83 10.11
N LEU G 247 -25.31 -11.02 10.39
CA LEU G 247 -24.05 -11.14 11.18
C LEU G 247 -22.91 -10.85 10.21
N VAL G 248 -22.12 -9.83 10.51
CA VAL G 248 -21.09 -9.36 9.53
C VAL G 248 -19.68 -9.55 10.11
N HIS G 249 -18.75 -9.97 9.27
CA HIS G 249 -17.35 -10.18 9.71
C HIS G 249 -16.39 -9.29 8.93
N SER G 250 -15.49 -8.62 9.65
CA SER G 250 -14.47 -7.76 9.03
C SER G 250 -13.11 -8.33 9.40
N GLY G 251 -12.41 -8.92 8.44
CA GLY G 251 -11.04 -9.39 8.73
C GLY G 251 -10.61 -10.56 7.87
N ASP G 252 -9.94 -11.53 8.46
CA ASP G 252 -9.41 -12.71 7.73
C ASP G 252 -9.93 -14.00 8.36
N ASN G 253 -9.43 -15.14 7.88
CA ASN G 253 -9.81 -16.45 8.45
C ASN G 253 -9.34 -16.54 9.89
N HIS G 254 -8.16 -15.99 10.19
CA HIS G 254 -7.52 -16.15 11.52
C HIS G 254 -7.97 -15.09 12.53
N GLY G 255 -8.50 -13.96 12.07
CA GLY G 255 -8.89 -12.91 13.00
C GLY G 255 -9.61 -11.80 12.29
N GLY G 256 -10.31 -11.00 13.09
CA GLY G 256 -11.16 -9.96 12.57
C GLY G 256 -12.19 -9.56 13.61
N HIS G 257 -13.23 -8.84 13.18
CA HIS G 257 -14.27 -8.35 14.12
C HIS G 257 -15.64 -8.89 13.72
N TYR G 258 -16.56 -8.97 14.68
CA TYR G 258 -17.93 -9.44 14.40
C TYR G 258 -18.95 -8.41 14.85
N VAL G 259 -19.95 -8.17 14.01
CA VAL G 259 -21.02 -7.17 14.31
C VAL G 259 -22.34 -7.72 13.75
N VAL G 260 -23.45 -7.49 14.43
CA VAL G 260 -24.74 -7.99 13.99
C VAL G 260 -25.69 -6.81 13.75
N TYR G 261 -26.15 -6.67 12.50
CA TYR G 261 -27.19 -5.71 12.14
C TYR G 261 -28.54 -6.40 12.26
N LEU G 262 -29.54 -5.66 12.74
CA LEU G 262 -30.84 -6.23 13.07
C LEU G 262 -31.95 -5.20 12.86
N ASN G 263 -33.06 -5.64 12.28
CA ASN G 263 -34.32 -4.92 12.46
C ASN G 263 -35.19 -5.78 13.36
N PRO G 264 -35.05 -5.65 14.69
CA PRO G 264 -35.55 -6.69 15.61
C PRO G 264 -37.05 -6.90 15.61
N LYS G 265 -37.84 -5.90 15.24
CA LYS G 265 -39.29 -6.03 15.23
C LYS G 265 -39.82 -6.59 13.91
N GLY G 266 -38.97 -6.62 12.89
CA GLY G 266 -39.38 -7.11 11.56
C GLY G 266 -39.98 -6.00 10.70
N ASP G 267 -39.89 -4.76 11.16
CA ASP G 267 -40.55 -3.64 10.46
C ASP G 267 -39.65 -3.00 9.41
N GLY G 268 -38.33 -3.05 9.59
CA GLY G 268 -37.41 -2.34 8.68
C GLY G 268 -36.62 -1.29 9.44
N LYS G 269 -36.85 -1.16 10.75
CA LYS G 269 -36.13 -0.19 11.62
C LYS G 269 -34.87 -0.88 12.13
N TRP G 270 -33.73 -0.64 11.47
CA TRP G 270 -32.49 -1.36 11.81
C TRP G 270 -31.56 -0.65 12.78
N CYS G 271 -31.00 -1.41 13.72
CA CYS G 271 -29.96 -0.86 14.62
C CYS G 271 -28.66 -1.63 14.29
N LYS G 272 -27.57 -1.33 14.97
CA LYS G 272 -26.29 -2.04 14.72
C LYS G 272 -25.60 -2.27 16.06
N PHE G 273 -25.33 -3.53 16.40
CA PHE G 273 -24.71 -3.86 17.70
C PHE G 273 -23.20 -4.06 17.56
N ASP G 274 -22.39 -3.02 17.84
CA ASP G 274 -20.92 -3.19 17.88
C ASP G 274 -20.58 -3.42 19.34
N ASP G 275 -20.87 -4.62 19.84
CA ASP G 275 -20.62 -4.97 21.26
C ASP G 275 -21.31 -3.93 22.15
N ASP G 276 -20.56 -2.94 22.61
CA ASP G 276 -21.10 -1.92 23.56
C ASP G 276 -21.93 -0.85 22.84
N VAL G 277 -21.68 -0.59 21.56
CA VAL G 277 -22.37 0.53 20.86
C VAL G 277 -23.53 0.04 20.00
N VAL G 278 -24.75 0.13 20.52
CA VAL G 278 -25.94 -0.21 19.71
C VAL G 278 -26.35 1.09 19.03
N SER G 279 -26.27 1.15 17.69
CA SER G 279 -26.52 2.43 16.98
C SER G 279 -27.56 2.26 15.88
N ARG G 280 -28.70 2.95 16.02
CA ARG G 280 -29.74 2.92 14.95
C ARG G 280 -29.07 3.20 13.61
N CYS G 281 -29.39 2.40 12.59
CA CYS G 281 -28.72 2.54 11.28
C CYS G 281 -29.75 2.58 10.15
N THR G 282 -29.28 2.65 8.91
CA THR G 282 -30.20 2.64 7.76
C THR G 282 -30.15 1.29 7.04
N LYS G 283 -31.22 0.96 6.33
CA LYS G 283 -31.29 -0.32 5.57
C LYS G 283 -30.05 -0.46 4.69
N GLU G 284 -29.63 0.62 4.04
CA GLU G 284 -28.48 0.51 3.15
C GLU G 284 -27.24 0.06 3.90
N GLU G 285 -27.04 0.56 5.12
CA GLU G 285 -25.84 0.23 5.88
C GLU G 285 -25.91 -1.16 6.51
N ALA G 286 -27.09 -1.77 6.58
CA ALA G 286 -27.21 -3.13 7.08
C ALA G 286 -27.31 -4.18 5.97
N ILE G 287 -27.63 -3.78 4.74
CA ILE G 287 -27.82 -4.76 3.68
C ILE G 287 -26.80 -4.55 2.57
N GLU G 288 -26.95 -3.47 1.81
CA GLU G 288 -26.14 -3.28 0.61
C GLU G 288 -24.69 -2.97 0.94
N HIS G 289 -24.41 -2.41 2.11
CA HIS G 289 -23.05 -2.14 2.56
C HIS G 289 -22.34 -3.41 3.04
N ASN G 290 -23.05 -4.53 3.18
CA ASN G 290 -22.48 -5.77 3.66
C ASN G 290 -22.39 -6.84 2.57
N TYR G 291 -22.50 -6.44 1.32
CA TYR G 291 -22.31 -7.37 0.20
C TYR G 291 -20.84 -7.75 0.08
N ARG G 301 -13.36 -1.75 4.33
CA ARG G 301 -14.51 -2.16 3.54
C ARG G 301 -14.18 -3.41 2.71
N HIS G 302 -12.91 -3.55 2.32
CA HIS G 302 -12.47 -4.72 1.58
C HIS G 302 -12.57 -5.99 2.43
N CYS G 303 -12.29 -5.88 3.74
CA CYS G 303 -12.28 -7.08 4.62
C CYS G 303 -13.64 -7.34 5.26
N THR G 304 -14.61 -6.42 5.11
CA THR G 304 -15.90 -6.54 5.76
C THR G 304 -16.93 -7.05 4.77
N ASN G 305 -17.91 -7.81 5.29
CA ASN G 305 -18.99 -8.39 4.51
C ASN G 305 -19.86 -9.24 5.43
N ALA G 306 -20.99 -9.67 4.86
CA ALA G 306 -21.94 -10.52 5.60
C ALA G 306 -21.48 -11.97 5.60
N TYR G 307 -21.54 -12.60 6.77
CA TYR G 307 -21.16 -14.00 6.92
C TYR G 307 -22.35 -14.90 7.20
N MET G 308 -23.13 -14.56 8.23
CA MET G 308 -24.31 -15.33 8.61
C MET G 308 -25.53 -14.42 8.51
N LEU G 309 -26.55 -14.89 7.81
CA LEU G 309 -27.82 -14.14 7.64
C LEU G 309 -28.92 -14.92 8.36
N VAL G 310 -29.81 -14.21 9.04
CA VAL G 310 -30.97 -14.88 9.72
C VAL G 310 -32.24 -14.36 9.09
N TYR G 311 -33.05 -15.25 8.52
CA TYR G 311 -34.33 -14.86 7.89
C TYR G 311 -35.49 -15.49 8.67
N ILE G 312 -36.68 -14.91 8.59
CA ILE G 312 -37.88 -15.44 9.31
C ILE G 312 -39.06 -15.51 8.35
N ARG G 313 -39.77 -16.64 8.33
CA ARG G 313 -40.97 -16.81 7.45
C ARG G 313 -42.08 -15.87 7.92
N GLU G 314 -42.65 -15.09 7.00
CA GLU G 314 -43.66 -14.09 7.40
C GLU G 314 -44.87 -14.76 8.05
N SER G 315 -45.20 -15.98 7.64
CA SER G 315 -46.31 -16.68 8.26
C SER G 315 -46.17 -16.75 9.76
N LYS G 316 -44.94 -16.88 10.27
CA LYS G 316 -44.73 -17.03 11.71
C LYS G 316 -43.91 -15.91 12.32
N LEU G 317 -43.79 -14.77 11.63
CA LEU G 317 -43.05 -13.60 12.19
C LEU G 317 -43.73 -13.08 13.45
N SER G 318 -45.04 -13.28 13.59
CA SER G 318 -45.79 -12.73 14.75
C SER G 318 -45.66 -13.66 15.96
N GLU G 319 -45.40 -14.94 15.74
CA GLU G 319 -45.17 -15.87 16.87
C GLU G 319 -43.73 -15.73 17.35
N VAL G 320 -42.78 -15.65 16.43
CA VAL G 320 -41.35 -15.63 16.85
C VAL G 320 -40.97 -14.23 17.29
N LEU G 321 -41.52 -13.19 16.66
CA LEU G 321 -41.26 -11.78 17.07
C LEU G 321 -42.35 -11.40 18.06
N GLN G 322 -42.63 -12.24 19.05
CA GLN G 322 -43.73 -11.95 19.99
C GLN G 322 -43.28 -10.89 21.01
N ALA G 323 -43.96 -10.79 22.14
CA ALA G 323 -43.62 -9.73 23.12
C ALA G 323 -43.73 -10.29 24.55
N MET H 1 -18.67 -48.30 4.16
CA MET H 1 -19.89 -47.64 3.73
C MET H 1 -19.58 -46.25 3.16
N GLN H 2 -20.30 -45.89 2.12
CA GLN H 2 -20.00 -44.70 1.33
C GLN H 2 -20.91 -43.58 1.81
N ILE H 3 -20.32 -42.54 2.39
CA ILE H 3 -21.06 -41.34 2.77
C ILE H 3 -20.78 -40.22 1.79
N PHE H 4 -21.55 -39.15 1.92
CA PHE H 4 -21.33 -37.98 1.05
C PHE H 4 -20.80 -36.83 1.89
N VAL H 5 -19.79 -36.13 1.38
CA VAL H 5 -19.30 -34.90 2.07
C VAL H 5 -19.47 -33.76 1.09
N LYS H 6 -20.14 -32.69 1.51
CA LYS H 6 -20.30 -31.50 0.64
C LYS H 6 -19.12 -30.57 0.93
N THR H 7 -18.31 -30.28 -0.08
CA THR H 7 -17.07 -29.50 0.12
C THR H 7 -17.33 -27.99 0.19
N LEU H 8 -16.26 -27.21 0.28
CA LEU H 8 -16.39 -25.73 0.38
C LEU H 8 -16.82 -25.16 -0.97
N THR H 9 -16.61 -25.90 -2.05
CA THR H 9 -17.01 -25.46 -3.41
C THR H 9 -18.50 -25.70 -3.63
N GLY H 10 -19.13 -26.52 -2.79
CA GLY H 10 -20.55 -26.85 -2.96
C GLY H 10 -20.73 -28.20 -3.61
N LYS H 11 -19.64 -28.80 -4.09
CA LYS H 11 -19.74 -30.09 -4.80
C LYS H 11 -19.76 -31.24 -3.80
N THR H 12 -20.45 -32.32 -4.16
CA THR H 12 -20.55 -33.51 -3.26
C THR H 12 -19.46 -34.49 -3.61
N ILE H 13 -18.71 -34.93 -2.61
CA ILE H 13 -17.69 -35.99 -2.83
C ILE H 13 -18.10 -37.23 -2.04
N THR H 14 -17.65 -38.39 -2.49
CA THR H 14 -17.92 -39.65 -1.76
C THR H 14 -16.78 -39.92 -0.79
N LEU H 15 -17.05 -40.57 0.33
CA LEU H 15 -15.97 -40.96 1.27
C LEU H 15 -16.20 -42.38 1.77
N GLU H 16 -15.20 -43.25 1.60
CA GLU H 16 -15.31 -44.63 2.09
C GLU H 16 -14.89 -44.66 3.55
N VAL H 17 -15.85 -44.74 4.45
CA VAL H 17 -15.63 -44.72 5.88
C VAL H 17 -16.24 -45.99 6.50
N GLU H 18 -16.07 -46.12 7.80
CA GLU H 18 -16.66 -47.27 8.54
C GLU H 18 -17.44 -46.69 9.72
N PRO H 19 -18.52 -47.33 10.18
CA PRO H 19 -19.26 -46.85 11.34
C PRO H 19 -18.36 -46.61 12.55
N SER H 20 -17.38 -47.48 12.78
CA SER H 20 -16.47 -47.38 13.96
C SER H 20 -15.45 -46.26 13.79
N ASP H 21 -15.31 -45.72 12.58
CA ASP H 21 -14.26 -44.70 12.34
C ASP H 21 -14.56 -43.47 13.19
N THR H 22 -13.55 -42.94 13.86
CA THR H 22 -13.73 -41.72 14.64
C THR H 22 -13.78 -40.51 13.70
N ILE H 23 -14.12 -39.35 14.28
CA ILE H 23 -14.22 -38.14 13.46
C ILE H 23 -12.85 -37.76 12.91
N GLU H 24 -11.80 -37.87 13.72
CA GLU H 24 -10.45 -37.61 13.22
C GLU H 24 -10.11 -38.54 12.07
N ASN H 25 -10.61 -39.76 12.10
CA ASN H 25 -10.38 -40.69 10.97
C ASN H 25 -11.08 -40.14 9.73
N VAL H 26 -12.31 -39.65 9.86
CA VAL H 26 -13.03 -39.07 8.74
C VAL H 26 -12.27 -37.86 8.23
N LYS H 27 -11.81 -37.00 9.15
CA LYS H 27 -11.07 -35.81 8.72
C LYS H 27 -9.79 -36.21 8.00
N ALA H 28 -9.08 -37.21 8.53
CA ALA H 28 -7.92 -37.71 7.81
C ALA H 28 -8.32 -38.14 6.40
N LYS H 29 -9.45 -38.84 6.28
CA LYS H 29 -9.86 -39.29 4.96
C LYS H 29 -10.19 -38.11 4.05
N ILE H 30 -10.80 -37.06 4.62
CA ILE H 30 -11.07 -35.86 3.83
C ILE H 30 -9.75 -35.20 3.40
N GLN H 31 -8.74 -35.25 4.29
CA GLN H 31 -7.44 -34.73 3.88
C GLN H 31 -6.87 -35.54 2.72
N ASP H 32 -6.99 -36.88 2.77
CA ASP H 32 -6.48 -37.71 1.67
C ASP H 32 -7.14 -37.34 0.36
N LYS H 33 -8.43 -37.01 0.38
CA LYS H 33 -9.14 -36.79 -0.88
C LYS H 33 -9.24 -35.33 -1.27
N GLU H 34 -9.43 -34.43 -0.30
CA GLU H 34 -9.64 -33.00 -0.54
C GLU H 34 -8.47 -32.12 -0.12
N GLY H 35 -7.48 -32.65 0.60
CA GLY H 35 -6.31 -31.87 0.96
C GLY H 35 -6.50 -30.91 2.12
N ILE H 36 -7.72 -30.68 2.59
CA ILE H 36 -7.99 -29.82 3.73
C ILE H 36 -7.34 -30.46 4.96
N PRO H 37 -6.42 -29.77 5.63
CA PRO H 37 -5.85 -30.32 6.88
C PRO H 37 -6.95 -30.51 7.90
N PRO H 38 -6.87 -31.56 8.72
CA PRO H 38 -7.93 -31.81 9.72
C PRO H 38 -8.10 -30.68 10.72
N ASP H 39 -7.08 -29.83 10.91
CA ASP H 39 -7.18 -28.75 11.89
C ASP H 39 -8.15 -27.67 11.44
N GLN H 40 -8.32 -27.49 10.13
CA GLN H 40 -9.23 -26.47 9.60
C GLN H 40 -10.64 -27.00 9.36
N GLN H 41 -10.82 -28.33 9.42
CA GLN H 41 -12.08 -28.98 9.08
C GLN H 41 -13.10 -28.90 10.21
N ARG H 42 -14.31 -28.47 9.89
CA ARG H 42 -15.48 -28.65 10.74
C ARG H 42 -16.54 -29.36 9.92
N LEU H 43 -17.33 -30.22 10.57
CA LEU H 43 -18.19 -31.18 9.89
C LEU H 43 -19.60 -31.09 10.47
N ILE H 44 -20.53 -30.50 9.72
CA ILE H 44 -21.88 -30.29 10.21
C ILE H 44 -22.76 -31.43 9.70
N PHE H 45 -23.40 -32.14 10.63
CA PHE H 45 -24.40 -33.18 10.27
C PHE H 45 -25.63 -33.01 11.16
N ALA H 46 -26.82 -32.90 10.56
CA ALA H 46 -28.09 -32.79 11.31
C ALA H 46 -28.04 -31.72 12.40
N GLY H 47 -27.48 -30.55 12.09
CA GLY H 47 -27.39 -29.43 13.04
C GLY H 47 -26.33 -29.60 14.10
N LYS H 48 -25.53 -30.66 14.03
CA LYS H 48 -24.54 -30.93 15.09
C LYS H 48 -23.13 -30.87 14.51
N GLN H 49 -22.21 -30.24 15.23
CA GLN H 49 -20.79 -30.29 14.78
C GLN H 49 -20.21 -31.58 15.32
N LEU H 50 -19.70 -32.42 14.43
CA LEU H 50 -19.14 -33.72 14.83
C LEU H 50 -17.89 -33.47 15.67
N GLU H 51 -17.65 -34.31 16.67
CA GLU H 51 -16.54 -34.02 17.62
C GLU H 51 -15.47 -35.09 17.65
N ASP H 52 -14.20 -34.68 17.58
CA ASP H 52 -13.08 -35.59 17.74
C ASP H 52 -13.28 -36.46 18.99
N GLY H 53 -13.13 -37.77 18.80
CA GLY H 53 -13.29 -38.75 19.87
C GLY H 53 -14.54 -39.59 19.73
N ARG H 54 -15.62 -39.03 19.18
CA ARG H 54 -16.80 -39.81 18.91
C ARG H 54 -16.62 -40.52 17.57
N THR H 55 -17.50 -41.45 17.27
CA THR H 55 -17.46 -42.10 15.97
C THR H 55 -18.74 -41.79 15.18
N LEU H 56 -18.81 -42.31 13.96
CA LEU H 56 -19.98 -42.00 13.11
C LEU H 56 -21.22 -42.69 13.68
N SER H 57 -21.09 -43.92 14.18
CA SER H 57 -22.22 -44.60 14.79
C SER H 57 -22.82 -43.80 15.93
N ASP H 58 -21.99 -43.07 16.67
CA ASP H 58 -22.51 -42.20 17.71
C ASP H 58 -23.50 -41.17 17.17
N TYR H 59 -23.44 -40.85 15.89
CA TYR H 59 -24.30 -39.78 15.33
C TYR H 59 -25.33 -40.36 14.35
N ASN H 60 -25.42 -41.68 14.22
CA ASN H 60 -26.37 -42.37 13.29
C ASN H 60 -26.01 -42.04 11.84
N ILE H 61 -24.76 -41.67 11.58
CA ILE H 61 -24.31 -41.44 10.19
C ILE H 61 -24.16 -42.82 9.55
N GLN H 62 -24.75 -43.00 8.39
CA GLN H 62 -24.69 -44.30 7.74
C GLN H 62 -24.48 -44.03 6.27
N LYS H 63 -24.79 -45.04 5.46
CA LYS H 63 -24.68 -44.92 4.01
C LYS H 63 -25.51 -43.74 3.53
N GLU H 64 -24.97 -43.05 2.52
CA GLU H 64 -25.66 -41.96 1.81
C GLU H 64 -25.96 -40.73 2.67
N SER H 65 -25.61 -40.75 3.96
CA SER H 65 -25.65 -39.53 4.76
C SER H 65 -24.74 -38.46 4.17
N THR H 66 -25.12 -37.20 4.38
CA THR H 66 -24.39 -36.08 3.83
C THR H 66 -23.79 -35.27 4.97
N LEU H 67 -22.47 -35.14 4.99
CA LEU H 67 -21.77 -34.31 5.96
C LEU H 67 -21.41 -33.01 5.28
N HIS H 68 -21.57 -31.88 6.00
CA HIS H 68 -21.35 -30.55 5.43
C HIS H 68 -20.03 -29.98 5.94
N LEU H 69 -19.07 -29.82 5.04
CA LEU H 69 -17.73 -29.35 5.42
C LEU H 69 -17.67 -27.83 5.44
N VAL H 70 -16.99 -27.29 6.44
CA VAL H 70 -17.05 -25.88 6.77
C VAL H 70 -15.69 -25.42 7.33
N LEU H 71 -15.32 -24.18 7.07
CA LEU H 71 -14.10 -23.64 7.72
C LEU H 71 -14.50 -22.69 8.85
N ARG H 72 -13.63 -21.75 9.20
CA ARG H 72 -13.84 -20.88 10.35
C ARG H 72 -13.53 -19.44 9.95
N LEU H 73 -14.47 -18.53 10.21
CA LEU H 73 -14.15 -17.11 10.24
C LEU H 73 -14.08 -16.69 11.71
N ARG H 74 -12.87 -16.73 12.30
CA ARG H 74 -12.67 -16.29 13.68
C ARG H 74 -12.72 -14.76 13.77
N GLY H 75 -13.27 -14.24 14.86
CA GLY H 75 -13.38 -12.80 14.97
C GLY H 75 -13.28 -12.35 16.41
#